data_3UB1
#
_entry.id   3UB1
#
_cell.length_a   121.495
_cell.length_b   121.842
_cell.length_c   125.526
_cell.angle_alpha   90.00
_cell.angle_beta   90.00
_cell.angle_gamma   90.00
#
_symmetry.space_group_name_H-M   'P 21 21 21'
#
loop_
_entity.id
_entity.type
_entity.pdbx_description
1 polymer 'ORF13-like protein'
2 non-polymer DI(HYDROXYETHYL)ETHER
3 water water
#
_entity_poly.entity_id   1
_entity_poly.type   'polypeptide(L)'
_entity_poly.pdbx_seq_one_letter_code
;(MSE)EKQSSLETQAFSFAEEFAWDYFSRYPSDTQDFVRRITKYTTEQLANE(MSE)NNGTYSDVIYTSAFYFEKYSENQ
VNVSVKARVRVYTPKAGQEQTPQDQLQYDTNLVDYYLEVPIVFDKD(MSE)N(MSE)AVDALPV(MSE)TAPPEKAYFKN
KEFSGTSENDADKTKKITDSVSQFFKAYYEQNQTQIDYFLVDGADIKGAGQKFSFNKIDRINIYKLSDKEFLAIVDLNVD
SFGNAIKQGFNLTVVQEGDKFLVKTLEPRTSNIDLNNKSNN
;
_entity_poly.pdbx_strand_id   A,B,C,D,E,F
#
loop_
_chem_comp.id
_chem_comp.type
_chem_comp.name
_chem_comp.formula
PEG non-polymer DI(HYDROXYETHYL)ETHER 'C4 H10 O3'
#
# COMPACT_ATOMS: atom_id res chain seq x y z
N SER A 6 -30.45 -3.90 -17.51
CA SER A 6 -30.77 -5.06 -16.62
C SER A 6 -29.87 -5.05 -15.40
N LEU A 7 -30.54 -5.00 -14.27
CA LEU A 7 -29.90 -5.03 -12.97
C LEU A 7 -29.07 -6.31 -12.77
N GLU A 8 -29.66 -7.48 -13.03
CA GLU A 8 -28.95 -8.74 -12.79
C GLU A 8 -27.71 -8.82 -13.69
N THR A 9 -27.87 -8.48 -14.97
CA THR A 9 -26.76 -8.51 -15.94
C THR A 9 -25.59 -7.65 -15.47
N GLN A 10 -25.89 -6.42 -15.06
CA GLN A 10 -24.83 -5.53 -14.63
C GLN A 10 -24.26 -5.90 -13.28
N ALA A 11 -25.12 -6.39 -12.38
CA ALA A 11 -24.66 -6.86 -11.06
C ALA A 11 -23.72 -8.04 -11.22
N PHE A 12 -24.00 -8.93 -12.17
CA PHE A 12 -23.14 -10.08 -12.41
C PHE A 12 -21.74 -9.63 -12.83
N SER A 13 -21.66 -8.70 -13.78
CA SER A 13 -20.34 -8.20 -14.24
C SER A 13 -19.59 -7.50 -13.12
N PHE A 14 -20.29 -6.66 -12.38
CA PHE A 14 -19.68 -5.97 -11.23
C PHE A 14 -19.14 -6.97 -10.18
N ALA A 15 -19.96 -7.96 -9.82
CA ALA A 15 -19.51 -8.95 -8.82
C ALA A 15 -18.30 -9.76 -9.33
N GLU A 16 -18.27 -10.05 -10.64
CA GLU A 16 -17.15 -10.78 -11.25
C GLU A 16 -15.88 -9.97 -11.20
N GLU A 17 -16.00 -8.68 -11.53
CA GLU A 17 -14.85 -7.77 -11.49
C GLU A 17 -14.31 -7.66 -10.06
N PHE A 18 -15.21 -7.43 -9.12
CA PHE A 18 -14.85 -7.32 -7.72
C PHE A 18 -14.16 -8.60 -7.26
N ALA A 19 -14.75 -9.76 -7.60
CA ALA A 19 -14.19 -11.04 -7.17
C ALA A 19 -12.77 -11.27 -7.68
N TRP A 20 -12.49 -10.79 -8.90
CA TRP A 20 -11.16 -10.89 -9.46
C TRP A 20 -10.14 -10.23 -8.52
N ASP A 21 -10.47 -9.03 -8.04
CA ASP A 21 -9.58 -8.34 -7.12
C ASP A 21 -9.59 -8.94 -5.72
N TYR A 22 -10.76 -9.40 -5.30
CA TYR A 22 -10.90 -9.98 -3.95
C TYR A 22 -9.99 -11.20 -3.78
N PHE A 23 -9.78 -11.96 -4.85
CA PHE A 23 -8.95 -13.17 -4.75
C PHE A 23 -7.53 -13.01 -5.31
N SER A 24 -7.15 -11.76 -5.58
CA SER A 24 -5.80 -11.43 -6.04
C SER A 24 -5.11 -10.77 -4.87
N ARG A 25 -4.21 -11.51 -4.22
CA ARG A 25 -3.63 -11.07 -2.94
C ARG A 25 -2.14 -11.29 -2.93
N TYR A 26 -1.40 -10.27 -2.50
CA TYR A 26 0.06 -10.31 -2.50
C TYR A 26 0.62 -9.88 -1.11
N PRO A 27 1.11 -10.85 -0.32
N PRO A 27 1.09 -10.83 -0.25
CA PRO A 27 1.79 -10.54 0.91
CA PRO A 27 1.25 -10.56 1.21
C PRO A 27 2.99 -9.64 0.63
C PRO A 27 2.36 -9.61 1.67
N SER A 28 3.52 -9.64 -0.60
N SER A 28 3.35 -9.35 0.81
CA SER A 28 4.64 -8.71 -0.89
CA SER A 28 4.46 -8.46 1.17
C SER A 28 4.20 -7.25 -0.82
C SER A 28 4.10 -6.98 0.94
N ASP A 29 2.89 -7.02 -0.70
N ASP A 29 2.96 -6.76 0.29
CA ASP A 29 2.36 -5.66 -0.45
CA ASP A 29 2.47 -5.41 -0.10
C ASP A 29 0.85 -5.64 -0.18
C ASP A 29 0.96 -5.49 -0.10
N THR A 30 0.41 -5.72 1.08
CA THR A 30 -1.05 -5.84 1.33
C THR A 30 -1.83 -4.58 0.95
N GLN A 31 -1.17 -3.41 0.93
CA GLN A 31 -1.85 -2.19 0.43
C GLN A 31 -2.23 -2.24 -1.05
N ASP A 32 -1.57 -3.09 -1.84
CA ASP A 32 -1.98 -3.21 -3.24
C ASP A 32 -3.43 -3.70 -3.31
N PHE A 33 -3.77 -4.65 -2.46
CA PHE A 33 -5.17 -5.13 -2.42
C PHE A 33 -6.11 -3.98 -2.04
N VAL A 34 -5.72 -3.19 -1.05
CA VAL A 34 -6.55 -2.06 -0.62
C VAL A 34 -6.75 -1.07 -1.78
N ARG A 35 -5.68 -0.70 -2.48
CA ARG A 35 -5.83 0.17 -3.68
C ARG A 35 -6.81 -0.39 -4.68
N ARG A 36 -6.64 -1.67 -5.01
CA ARG A 36 -7.48 -2.27 -6.03
C ARG A 36 -8.94 -2.42 -5.57
N ILE A 37 -9.14 -2.84 -4.32
CA ILE A 37 -10.50 -3.13 -3.82
C ILE A 37 -11.31 -1.86 -3.57
N THR A 38 -10.60 -0.76 -3.31
CA THR A 38 -11.24 0.54 -3.07
C THR A 38 -11.93 1.05 -4.35
N LYS A 39 -11.64 0.46 -5.51
CA LYS A 39 -12.39 0.79 -6.73
C LYS A 39 -13.87 0.36 -6.60
N TYR A 40 -14.15 -0.54 -5.63
CA TYR A 40 -15.47 -1.19 -5.52
C TYR A 40 -16.19 -0.90 -4.21
N THR A 41 -15.46 -0.45 -3.21
CA THR A 41 -16.01 -0.36 -1.86
C THR A 41 -15.22 0.72 -1.08
N THR A 42 -15.61 0.93 0.17
CA THR A 42 -14.97 1.93 1.04
C THR A 42 -13.61 1.44 1.54
N GLU A 43 -12.77 2.38 1.95
CA GLU A 43 -11.48 2.07 2.57
C GLU A 43 -11.64 1.16 3.78
N GLN A 44 -12.66 1.45 4.59
CA GLN A 44 -12.94 0.72 5.83
C GLN A 44 -13.23 -0.74 5.50
N LEU A 45 -14.15 -0.98 4.56
CA LEU A 45 -14.43 -2.37 4.13
C LEU A 45 -13.23 -3.04 3.45
N ALA A 46 -12.44 -2.28 2.66
CA ALA A 46 -11.28 -2.87 1.95
C ALA A 46 -10.30 -3.41 2.99
N ASN A 47 -10.06 -2.62 4.04
CA ASN A 47 -9.20 -3.06 5.12
C ASN A 47 -9.72 -4.29 5.86
N GLU A 48 -11.02 -4.31 6.11
CA GLU A 48 -11.61 -5.44 6.82
C GLU A 48 -11.47 -6.73 6.02
N MSE A 49 -11.48 -6.61 4.69
CA MSE A 49 -11.44 -7.80 3.81
C MSE A 49 -10.04 -8.34 3.59
O MSE A 49 -9.88 -9.46 3.08
CB MSE A 49 -11.96 -7.41 2.42
CG MSE A 49 -13.45 -7.18 2.37
SE MSE A 49 -13.83 -6.67 0.52
CE MSE A 49 -15.38 -5.55 0.77
N ASN A 50 -9.04 -7.56 3.96
CA ASN A 50 -7.68 -7.93 3.62
C ASN A 50 -7.11 -8.98 4.58
N ASN A 51 -6.09 -9.68 4.13
CA ASN A 51 -5.45 -10.68 4.97
C ASN A 51 -4.09 -11.04 4.40
N GLY A 52 -3.46 -12.09 4.97
CA GLY A 52 -2.10 -12.44 4.57
C GLY A 52 -1.98 -13.50 3.48
N THR A 53 -3.08 -13.79 2.78
CA THR A 53 -3.08 -14.79 1.71
C THR A 53 -2.28 -14.37 0.49
N TYR A 54 -1.72 -15.36 -0.21
CA TYR A 54 -1.07 -15.17 -1.49
C TYR A 54 -1.87 -15.98 -2.50
N SER A 55 -2.52 -15.27 -3.42
CA SER A 55 -3.42 -15.92 -4.38
C SER A 55 -3.58 -15.11 -5.66
N ASP A 56 -3.86 -15.82 -6.76
CA ASP A 56 -4.21 -15.15 -8.02
C ASP A 56 -5.33 -15.91 -8.71
N VAL A 57 -5.84 -15.36 -9.79
CA VAL A 57 -7.16 -15.77 -10.27
C VAL A 57 -7.07 -16.44 -11.64
N ILE A 58 -7.80 -17.54 -11.79
CA ILE A 58 -7.98 -18.21 -13.08
C ILE A 58 -9.27 -17.73 -13.79
N TYR A 59 -10.40 -17.70 -13.10
CA TYR A 59 -11.64 -17.08 -13.60
C TYR A 59 -12.59 -16.65 -12.48
N THR A 60 -13.51 -15.74 -12.78
CA THR A 60 -14.63 -15.49 -11.88
C THR A 60 -15.90 -15.54 -12.70
N SER A 61 -16.94 -16.14 -12.13
CA SER A 61 -18.16 -16.41 -12.86
C SER A 61 -19.33 -16.27 -11.92
N ALA A 62 -20.17 -15.25 -12.16
CA ALA A 62 -21.35 -15.04 -11.33
C ALA A 62 -22.39 -16.07 -11.69
N PHE A 63 -22.90 -16.76 -10.66
CA PHE A 63 -23.81 -17.87 -10.89
C PHE A 63 -25.20 -17.76 -10.29
N TYR A 64 -25.41 -16.83 -9.36
CA TYR A 64 -26.70 -16.77 -8.70
C TYR A 64 -26.98 -15.35 -8.25
N PHE A 65 -28.23 -14.94 -8.44
CA PHE A 65 -28.73 -13.60 -8.12
C PHE A 65 -29.86 -13.59 -7.08
N GLU A 66 -29.74 -12.74 -6.07
CA GLU A 66 -30.81 -12.55 -5.07
C GLU A 66 -31.08 -11.06 -4.93
N LYS A 67 -32.33 -10.64 -5.15
CA LYS A 67 -32.71 -9.26 -4.84
C LYS A 67 -32.94 -9.17 -3.32
N TYR A 68 -32.24 -8.25 -2.65
CA TYR A 68 -32.32 -8.17 -1.18
C TYR A 68 -33.24 -7.04 -0.71
N SER A 69 -33.17 -5.89 -1.35
CA SER A 69 -34.07 -4.78 -1.09
C SER A 69 -34.26 -3.99 -2.38
N GLU A 70 -34.95 -2.84 -2.30
CA GLU A 70 -35.17 -2.01 -3.49
C GLU A 70 -33.86 -1.48 -4.08
N ASN A 71 -32.79 -1.38 -3.29
CA ASN A 71 -31.50 -0.98 -3.84
C ASN A 71 -30.31 -1.88 -3.49
N GLN A 72 -30.57 -3.15 -3.13
CA GLN A 72 -29.47 -4.04 -2.71
C GLN A 72 -29.71 -5.42 -3.30
N VAL A 73 -28.63 -6.06 -3.74
CA VAL A 73 -28.70 -7.43 -4.28
C VAL A 73 -27.52 -8.22 -3.69
N ASN A 74 -27.62 -9.53 -3.79
CA ASN A 74 -26.49 -10.40 -3.45
C ASN A 74 -26.23 -11.26 -4.68
N VAL A 75 -24.98 -11.28 -5.11
CA VAL A 75 -24.59 -12.06 -6.29
C VAL A 75 -23.56 -13.09 -5.85
N SER A 76 -23.83 -14.37 -6.11
CA SER A 76 -22.86 -15.39 -5.75
C SER A 76 -21.97 -15.67 -6.95
N VAL A 77 -20.67 -15.79 -6.70
CA VAL A 77 -19.66 -15.83 -7.76
C VAL A 77 -18.77 -17.04 -7.52
N LYS A 78 -18.52 -17.82 -8.57
CA LYS A 78 -17.59 -18.91 -8.46
C LYS A 78 -16.25 -18.37 -8.96
N ALA A 79 -15.21 -18.53 -8.15
CA ALA A 79 -13.87 -18.11 -8.54
C ALA A 79 -12.92 -19.28 -8.49
N ARG A 80 -12.31 -19.58 -9.62
CA ARG A 80 -11.22 -20.54 -9.68
C ARG A 80 -9.90 -19.78 -9.43
N VAL A 81 -9.15 -20.23 -8.43
CA VAL A 81 -8.07 -19.45 -7.85
C VAL A 81 -6.90 -20.38 -7.59
N ARG A 82 -5.68 -19.84 -7.67
CA ARG A 82 -4.50 -20.50 -7.14
C ARG A 82 -4.12 -19.87 -5.82
N VAL A 83 -4.06 -20.69 -4.77
CA VAL A 83 -3.65 -20.22 -3.45
C VAL A 83 -2.28 -20.81 -3.18
N TYR A 84 -1.34 -19.93 -2.83
CA TYR A 84 0.04 -20.35 -2.61
C TYR A 84 0.30 -20.44 -1.13
N THR A 85 0.68 -21.64 -0.68
CA THR A 85 0.98 -21.86 0.73
C THR A 85 2.46 -22.12 0.88
N PRO A 86 3.09 -21.55 1.93
CA PRO A 86 4.51 -21.74 2.11
C PRO A 86 4.83 -23.23 2.25
N LYS A 87 5.89 -23.67 1.57
CA LYS A 87 6.42 -25.02 1.71
C LYS A 87 6.82 -25.29 3.14
N ALA A 88 6.74 -26.56 3.51
CA ALA A 88 7.05 -27.04 4.85
C ALA A 88 8.46 -26.70 5.30
N GLY A 89 8.63 -26.45 6.59
CA GLY A 89 9.96 -26.31 7.20
C GLY A 89 10.62 -24.95 7.07
N GLN A 90 9.85 -23.96 6.64
CA GLN A 90 10.33 -22.59 6.56
C GLN A 90 9.85 -21.81 7.78
N GLU A 91 9.77 -22.51 8.92
CA GLU A 91 9.32 -21.93 10.18
C GLU A 91 10.48 -21.20 10.87
N GLN A 95 10.29 -13.86 4.97
CA GLN A 95 9.03 -13.74 4.23
C GLN A 95 9.29 -13.48 2.74
N ASP A 96 10.31 -12.67 2.45
CA ASP A 96 10.70 -12.31 1.09
C ASP A 96 11.31 -13.47 0.30
N GLN A 97 11.74 -14.52 0.99
CA GLN A 97 12.42 -15.64 0.34
C GLN A 97 11.63 -16.95 0.38
N LEU A 98 10.36 -16.86 0.77
CA LEU A 98 9.53 -18.05 0.91
C LEU A 98 9.28 -18.77 -0.42
N GLN A 99 9.31 -20.10 -0.33
CA GLN A 99 8.97 -21.00 -1.43
C GLN A 99 7.56 -21.52 -1.19
N TYR A 100 6.78 -21.65 -2.25
CA TYR A 100 5.36 -21.98 -2.11
C TYR A 100 4.92 -23.23 -2.86
N ASP A 101 3.92 -23.91 -2.28
CA ASP A 101 3.13 -24.89 -3.00
C ASP A 101 1.91 -24.19 -3.62
N THR A 102 1.49 -24.69 -4.78
CA THR A 102 0.29 -24.19 -5.44
C THR A 102 -0.94 -25.06 -5.15
N ASN A 103 -1.99 -24.44 -4.62
CA ASN A 103 -3.27 -25.09 -4.40
C ASN A 103 -4.32 -24.57 -5.38
N LEU A 104 -4.93 -25.48 -6.14
CA LEU A 104 -6.01 -25.09 -7.05
C LEU A 104 -7.33 -25.21 -6.31
N VAL A 105 -8.05 -24.10 -6.19
CA VAL A 105 -9.27 -23.98 -5.37
C VAL A 105 -10.42 -23.35 -6.14
N ASP A 106 -11.62 -23.90 -5.99
CA ASP A 106 -12.83 -23.19 -6.42
C ASP A 106 -13.51 -22.61 -5.19
N TYR A 107 -13.68 -21.29 -5.19
CA TYR A 107 -14.37 -20.61 -4.11
C TYR A 107 -15.76 -20.15 -4.58
N TYR A 108 -16.67 -20.00 -3.62
CA TYR A 108 -18.05 -19.55 -3.90
C TYR A 108 -18.29 -18.39 -2.97
N LEU A 109 -18.38 -17.20 -3.55
CA LEU A 109 -18.30 -15.96 -2.77
C LEU A 109 -19.59 -15.19 -2.99
N GLU A 110 -20.31 -14.88 -1.90
CA GLU A 110 -21.55 -14.11 -2.00
C GLU A 110 -21.21 -12.63 -1.80
N VAL A 111 -21.49 -11.85 -2.84
CA VAL A 111 -21.08 -10.42 -2.92
C VAL A 111 -22.30 -9.50 -2.70
N PRO A 112 -22.33 -8.76 -1.57
CA PRO A 112 -23.41 -7.83 -1.32
C PRO A 112 -23.15 -6.49 -2.02
N ILE A 113 -24.13 -6.07 -2.82
CA ILE A 113 -23.99 -4.93 -3.69
C ILE A 113 -25.16 -3.96 -3.46
N VAL A 114 -24.83 -2.68 -3.32
CA VAL A 114 -25.81 -1.59 -3.27
C VAL A 114 -25.77 -0.80 -4.56
N PHE A 115 -26.90 -0.26 -4.99
CA PHE A 115 -26.88 0.56 -6.19
C PHE A 115 -27.66 1.85 -5.94
N ASP A 116 -27.31 2.89 -6.67
CA ASP A 116 -28.04 4.18 -6.57
C ASP A 116 -29.01 4.37 -7.75
N LYS A 117 -29.65 5.54 -7.81
CA LYS A 117 -30.66 5.81 -8.83
C LYS A 117 -30.09 5.86 -10.26
N ASP A 118 -28.77 6.03 -10.36
CA ASP A 118 -28.08 6.03 -11.67
C ASP A 118 -27.46 4.67 -12.02
N MSE A 119 -27.80 3.67 -11.21
CA MSE A 119 -27.27 2.29 -11.31
C MSE A 119 -25.73 2.22 -11.11
O MSE A 119 -25.09 1.26 -11.55
CB MSE A 119 -27.75 1.62 -12.60
CG MSE A 119 -29.27 1.31 -12.60
SE MSE A 119 -29.83 0.33 -14.22
CE MSE A 119 -29.41 1.73 -15.54
N ASN A 120 -25.17 3.21 -10.40
CA ASN A 120 -23.79 3.07 -9.89
C ASN A 120 -23.83 2.04 -8.78
N MSE A 121 -22.76 1.24 -8.64
CA MSE A 121 -22.72 0.16 -7.67
CA MSE A 121 -22.73 0.17 -7.65
C MSE A 121 -21.55 0.25 -6.70
O MSE A 121 -20.52 0.82 -7.03
CB MSE A 121 -22.64 -1.18 -8.41
CB MSE A 121 -22.67 -1.20 -8.36
CG MSE A 121 -23.84 -1.40 -9.32
CG MSE A 121 -24.03 -1.66 -8.88
SE MSE A 121 -23.72 -2.92 -10.50
SE MSE A 121 -23.86 -3.23 -10.02
CE MSE A 121 -25.65 -3.26 -10.66
CE MSE A 121 -22.97 -2.41 -11.59
N ALA A 122 -21.75 -0.32 -5.50
CA ALA A 122 -20.64 -0.52 -4.57
C ALA A 122 -20.89 -1.82 -3.82
N VAL A 123 -19.81 -2.48 -3.40
CA VAL A 123 -19.94 -3.59 -2.45
C VAL A 123 -20.20 -2.92 -1.09
N ASP A 124 -21.33 -3.26 -0.44
CA ASP A 124 -21.75 -2.54 0.77
C ASP A 124 -21.56 -3.30 2.09
N ALA A 125 -20.89 -4.44 2.02
CA ALA A 125 -20.61 -5.26 3.23
C ALA A 125 -19.52 -6.29 2.91
N LEU A 126 -19.05 -6.99 3.94
CA LEU A 126 -18.13 -8.10 3.70
C LEU A 126 -18.80 -9.16 2.84
N PRO A 127 -18.10 -9.63 1.79
CA PRO A 127 -18.59 -10.85 1.09
C PRO A 127 -18.33 -12.06 1.99
N VAL A 128 -19.12 -13.12 1.79
CA VAL A 128 -19.02 -14.31 2.64
C VAL A 128 -18.91 -15.54 1.75
N MSE A 129 -18.28 -16.59 2.28
CA MSE A 129 -18.24 -17.86 1.59
C MSE A 129 -19.63 -18.50 1.66
O MSE A 129 -20.25 -18.57 2.74
CB MSE A 129 -17.19 -18.78 2.23
CG MSE A 129 -15.82 -18.12 2.22
SE MSE A 129 -15.27 -17.74 0.35
CE MSE A 129 -13.43 -17.26 0.81
N THR A 130 -20.11 -18.98 0.52
CA THR A 130 -21.48 -19.44 0.39
C THR A 130 -21.53 -20.84 -0.25
N ALA A 131 -22.73 -21.37 -0.47
CA ALA A 131 -22.91 -22.71 -0.99
C ALA A 131 -22.55 -22.80 -2.48
N PRO A 132 -21.89 -23.90 -2.87
CA PRO A 132 -21.67 -24.14 -4.31
C PRO A 132 -23.01 -24.41 -5.01
N PRO A 133 -23.06 -24.26 -6.34
CA PRO A 133 -24.23 -24.74 -7.10
C PRO A 133 -24.49 -26.22 -6.80
N GLU A 134 -25.75 -26.65 -6.93
CA GLU A 134 -26.14 -28.04 -6.71
C GLU A 134 -26.63 -28.56 -8.05
N LYS A 135 -26.19 -29.74 -8.46
CA LYS A 135 -26.59 -30.30 -9.75
C LYS A 135 -28.05 -30.69 -9.70
N ALA A 136 -28.78 -30.41 -10.78
CA ALA A 136 -30.14 -30.96 -10.99
C ALA A 136 -30.07 -32.47 -11.26
N TYR A 137 -31.09 -33.20 -10.81
CA TYR A 137 -31.26 -34.59 -11.17
C TYR A 137 -32.28 -34.63 -12.30
N PHE A 138 -32.15 -35.57 -13.24
CA PHE A 138 -33.17 -35.82 -14.24
C PHE A 138 -33.21 -37.32 -14.54
N LYS A 139 -34.40 -37.85 -14.74
CA LYS A 139 -34.57 -39.22 -15.20
C LYS A 139 -34.51 -39.21 -16.72
N ASN A 140 -33.66 -40.02 -17.30
CA ASN A 140 -33.57 -40.13 -18.76
C ASN A 140 -34.88 -40.65 -19.39
N LYS A 141 -35.27 -40.05 -20.51
CA LYS A 141 -36.50 -40.47 -21.19
C LYS A 141 -36.22 -40.77 -22.65
N GLU A 142 -36.13 -42.05 -23.00
CA GLU A 142 -35.89 -42.39 -24.41
C GLU A 142 -37.07 -41.88 -25.24
N PHE A 143 -36.83 -41.58 -26.51
CA PHE A 143 -37.87 -41.04 -27.36
C PHE A 143 -39.01 -42.02 -27.47
N SER A 144 -40.23 -41.55 -27.24
CA SER A 144 -41.41 -42.38 -27.39
C SER A 144 -42.03 -42.04 -28.73
N GLY A 145 -41.91 -42.95 -29.67
CA GLY A 145 -42.40 -42.71 -31.02
C GLY A 145 -42.33 -44.00 -31.77
N THR A 146 -42.85 -43.98 -32.98
CA THR A 146 -42.93 -45.18 -33.78
C THR A 146 -41.73 -45.27 -34.70
N SER A 147 -40.95 -46.32 -34.49
CA SER A 147 -39.80 -46.63 -35.32
C SER A 147 -40.22 -46.75 -36.78
N GLU A 148 -39.45 -46.13 -37.68
CA GLU A 148 -39.68 -46.30 -39.12
C GLU A 148 -39.26 -47.72 -39.52
N ASN A 149 -40.17 -48.42 -40.18
CA ASN A 149 -40.03 -49.86 -40.39
C ASN A 149 -39.65 -50.25 -41.80
N ASP A 150 -39.82 -49.34 -42.76
CA ASP A 150 -39.45 -49.62 -44.13
C ASP A 150 -37.94 -49.56 -44.30
N ALA A 151 -37.34 -50.63 -44.82
CA ALA A 151 -35.87 -50.72 -44.95
C ALA A 151 -35.31 -49.79 -46.02
N ASP A 152 -36.06 -49.64 -47.12
CA ASP A 152 -35.66 -48.73 -48.18
C ASP A 152 -35.61 -47.28 -47.66
N LYS A 153 -36.68 -46.84 -46.99
CA LYS A 153 -36.73 -45.48 -46.44
C LYS A 153 -35.65 -45.26 -45.41
N THR A 154 -35.45 -46.25 -44.55
CA THR A 154 -34.44 -46.14 -43.48
C THR A 154 -33.04 -45.89 -44.04
N LYS A 155 -32.67 -46.67 -45.06
CA LYS A 155 -31.38 -46.51 -45.74
C LYS A 155 -31.26 -45.15 -46.44
N LYS A 156 -32.32 -44.72 -47.13
CA LYS A 156 -32.30 -43.43 -47.82
C LYS A 156 -32.11 -42.29 -46.82
N ILE A 157 -32.91 -42.31 -45.75
CA ILE A 157 -32.80 -41.29 -44.70
C ILE A 157 -31.41 -41.33 -44.09
N THR A 158 -30.91 -42.53 -43.81
CA THR A 158 -29.58 -42.67 -43.20
C THR A 158 -28.46 -42.08 -44.06
N ASP A 159 -28.46 -42.39 -45.36
CA ASP A 159 -27.45 -41.84 -46.26
C ASP A 159 -27.54 -40.31 -46.39
N SER A 160 -28.77 -39.79 -46.41
CA SER A 160 -29.02 -38.34 -46.46
C SER A 160 -28.47 -37.63 -45.21
N VAL A 161 -28.79 -38.19 -44.04
CA VAL A 161 -28.29 -37.67 -42.77
C VAL A 161 -26.76 -37.73 -42.69
N SER A 162 -26.19 -38.83 -43.16
CA SER A 162 -24.73 -39.01 -43.18
C SER A 162 -24.04 -37.97 -44.08
N GLN A 163 -24.57 -37.78 -45.29
CA GLN A 163 -24.03 -36.78 -46.21
C GLN A 163 -24.20 -35.36 -45.64
N PHE A 164 -25.38 -35.09 -45.07
CA PHE A 164 -25.58 -33.84 -44.36
C PHE A 164 -24.48 -33.59 -43.31
N PHE A 165 -24.18 -34.57 -42.46
CA PHE A 165 -23.17 -34.31 -41.41
C PHE A 165 -21.78 -34.10 -41.95
N LYS A 166 -21.43 -34.78 -43.04
CA LYS A 166 -20.15 -34.51 -43.69
C LYS A 166 -20.07 -33.05 -44.12
N ALA A 167 -21.14 -32.52 -44.69
CA ALA A 167 -21.18 -31.13 -45.13
C ALA A 167 -21.20 -30.18 -43.93
N TYR A 168 -22.01 -30.52 -42.92
CA TYR A 168 -22.10 -29.70 -41.70
C TYR A 168 -20.72 -29.45 -41.06
N TYR A 169 -19.94 -30.50 -40.96
CA TYR A 169 -18.62 -30.43 -40.32
C TYR A 169 -17.49 -29.90 -41.22
N GLU A 170 -17.60 -30.11 -42.54
CA GLU A 170 -16.47 -29.91 -43.44
C GLU A 170 -16.66 -28.87 -44.55
N GLN A 171 -17.92 -28.56 -44.89
CA GLN A 171 -18.20 -27.80 -46.12
C GLN A 171 -18.82 -26.44 -45.85
N ASN A 172 -18.89 -25.60 -46.88
CA ASN A 172 -19.41 -24.23 -46.72
C ASN A 172 -20.94 -24.21 -46.70
N GLN A 173 -21.51 -23.04 -46.37
CA GLN A 173 -22.96 -22.92 -46.23
C GLN A 173 -23.67 -23.21 -47.53
N THR A 174 -23.10 -22.76 -48.64
CA THR A 174 -23.67 -23.03 -49.97
C THR A 174 -23.90 -24.52 -50.18
N GLN A 175 -22.86 -25.32 -49.90
CA GLN A 175 -22.95 -26.78 -50.00
C GLN A 175 -23.95 -27.39 -49.01
N ILE A 176 -23.95 -26.87 -47.79
CA ILE A 176 -24.85 -27.34 -46.74
C ILE A 176 -26.31 -27.13 -47.12
N ASP A 177 -26.63 -25.96 -47.67
CA ASP A 177 -28.03 -25.58 -47.93
C ASP A 177 -28.76 -26.53 -48.87
N TYR A 178 -28.00 -27.25 -49.71
CA TYR A 178 -28.60 -28.23 -50.62
C TYR A 178 -29.22 -29.41 -49.87
N PHE A 179 -28.80 -29.62 -48.61
CA PHE A 179 -29.34 -30.70 -47.78
C PHE A 179 -30.56 -30.29 -46.96
N LEU A 180 -30.89 -29.00 -46.95
CA LEU A 180 -31.90 -28.44 -46.04
C LEU A 180 -33.26 -28.13 -46.71
N VAL A 181 -34.31 -28.14 -45.89
CA VAL A 181 -35.63 -27.60 -46.28
C VAL A 181 -35.47 -26.09 -46.53
N ASP A 182 -36.29 -25.52 -47.40
CA ASP A 182 -36.25 -24.08 -47.66
C ASP A 182 -36.46 -23.32 -46.37
N GLY A 183 -35.57 -22.37 -46.09
CA GLY A 183 -35.68 -21.52 -44.91
C GLY A 183 -35.29 -22.15 -43.58
N ALA A 184 -34.82 -23.40 -43.62
CA ALA A 184 -34.29 -24.06 -42.43
C ALA A 184 -32.98 -23.38 -42.13
N ASP A 185 -32.92 -22.72 -40.99
CA ASP A 185 -31.76 -21.91 -40.68
C ASP A 185 -30.78 -22.76 -39.88
N ILE A 186 -29.96 -23.54 -40.59
CA ILE A 186 -28.98 -24.42 -39.96
C ILE A 186 -27.59 -24.12 -40.49
N LYS A 187 -26.82 -23.36 -39.72
CA LYS A 187 -25.47 -22.97 -40.10
C LYS A 187 -24.46 -24.05 -39.73
N GLY A 188 -23.47 -24.27 -40.60
CA GLY A 188 -22.42 -25.27 -40.39
C GLY A 188 -21.46 -24.98 -39.25
N ALA A 189 -20.66 -25.99 -38.91
CA ALA A 189 -19.72 -25.91 -37.81
C ALA A 189 -18.43 -25.18 -38.16
N GLY A 190 -18.41 -24.48 -39.30
CA GLY A 190 -17.24 -23.68 -39.68
C GLY A 190 -16.10 -24.42 -40.34
N GLN A 191 -16.40 -25.57 -40.93
CA GLN A 191 -15.42 -26.38 -41.67
C GLN A 191 -14.16 -26.63 -40.86
N LYS A 192 -14.30 -27.06 -39.61
CA LYS A 192 -13.17 -27.20 -38.71
CA LYS A 192 -13.13 -27.23 -38.78
C LYS A 192 -13.02 -28.63 -38.15
N PHE A 193 -13.78 -29.59 -38.68
CA PHE A 193 -13.71 -30.95 -38.14
C PHE A 193 -13.73 -31.95 -39.26
N SER A 194 -13.16 -33.13 -39.03
CA SER A 194 -13.24 -34.21 -40.03
C SER A 194 -14.32 -35.17 -39.59
N PHE A 195 -15.34 -35.36 -40.42
CA PHE A 195 -16.45 -36.22 -40.00
C PHE A 195 -16.00 -37.66 -40.15
N ASN A 196 -16.12 -38.44 -39.07
CA ASN A 196 -15.77 -39.86 -39.14
C ASN A 196 -16.95 -40.73 -39.61
N LYS A 197 -17.89 -41.00 -38.71
CA LYS A 197 -19.08 -41.75 -39.11
C LYS A 197 -20.21 -41.58 -38.11
N ILE A 198 -21.40 -41.98 -38.55
CA ILE A 198 -22.50 -42.23 -37.63
C ILE A 198 -22.20 -43.52 -36.91
N ASP A 199 -22.27 -43.49 -35.58
CA ASP A 199 -22.10 -44.68 -34.75
C ASP A 199 -23.43 -45.38 -34.42
N ARG A 200 -24.50 -44.61 -34.31
CA ARG A 200 -25.81 -45.15 -33.97
C ARG A 200 -26.87 -44.25 -34.60
N ILE A 201 -27.86 -44.85 -35.24
CA ILE A 201 -28.98 -44.06 -35.75
C ILE A 201 -30.30 -44.77 -35.54
N ASN A 202 -31.27 -44.06 -34.96
CA ASN A 202 -32.63 -44.61 -34.91
C ASN A 202 -33.62 -43.64 -35.54
N ILE A 203 -34.45 -44.17 -36.44
CA ILE A 203 -35.36 -43.34 -37.22
C ILE A 203 -36.81 -43.62 -36.83
N TYR A 204 -37.57 -42.54 -36.64
CA TYR A 204 -38.98 -42.61 -36.26
C TYR A 204 -39.83 -41.85 -37.27
N LYS A 205 -41.01 -42.41 -37.58
CA LYS A 205 -41.97 -41.72 -38.44
C LYS A 205 -42.84 -40.81 -37.59
N LEU A 206 -42.85 -39.53 -37.92
CA LEU A 206 -43.61 -38.54 -37.16
C LEU A 206 -44.98 -38.34 -37.77
N SER A 207 -45.01 -38.30 -39.10
CA SER A 207 -46.22 -38.15 -39.88
C SER A 207 -45.88 -38.65 -41.26
N ASP A 208 -46.88 -38.60 -42.16
CA ASP A 208 -46.73 -39.06 -43.54
C ASP A 208 -45.37 -38.73 -44.17
N LYS A 209 -44.95 -37.47 -44.10
CA LYS A 209 -43.74 -37.04 -44.79
C LYS A 209 -42.57 -36.65 -43.87
N GLU A 210 -42.78 -36.71 -42.55
CA GLU A 210 -41.75 -36.26 -41.61
C GLU A 210 -41.26 -37.35 -40.67
N PHE A 211 -39.96 -37.31 -40.37
CA PHE A 211 -39.25 -38.36 -39.65
C PHE A 211 -38.31 -37.71 -38.66
N LEU A 212 -38.04 -38.40 -37.56
CA LEU A 212 -36.98 -37.99 -36.63
C LEU A 212 -35.83 -38.99 -36.67
N ALA A 213 -34.63 -38.47 -36.91
CA ALA A 213 -33.43 -39.27 -36.86
C ALA A 213 -32.69 -38.92 -35.57
N ILE A 214 -32.45 -39.93 -34.74
CA ILE A 214 -31.69 -39.75 -33.49
C ILE A 214 -30.32 -40.39 -33.71
N VAL A 215 -29.28 -39.57 -33.57
CA VAL A 215 -27.97 -39.90 -34.12
C VAL A 215 -26.84 -39.68 -33.12
N ASP A 216 -25.99 -40.70 -33.00
CA ASP A 216 -24.69 -40.59 -32.32
C ASP A 216 -23.60 -40.74 -33.36
N LEU A 217 -22.62 -39.85 -33.31
CA LEU A 217 -21.58 -39.83 -34.33
C LEU A 217 -20.31 -39.34 -33.69
N ASN A 218 -19.19 -39.47 -34.39
CA ASN A 218 -17.97 -38.87 -33.88
C ASN A 218 -17.24 -38.14 -34.99
N VAL A 219 -16.52 -37.09 -34.62
CA VAL A 219 -15.71 -36.32 -35.54
C VAL A 219 -14.30 -36.18 -34.97
N ASP A 220 -13.32 -35.89 -35.82
CA ASP A 220 -11.98 -35.64 -35.36
C ASP A 220 -11.66 -34.14 -35.27
N SER A 221 -10.94 -33.76 -34.22
CA SER A 221 -10.39 -32.41 -34.11
C SER A 221 -8.97 -32.60 -33.64
N PHE A 222 -8.02 -32.11 -34.43
CA PHE A 222 -6.60 -32.18 -34.08
C PHE A 222 -6.16 -33.60 -33.67
N GLY A 223 -6.65 -34.60 -34.41
CA GLY A 223 -6.20 -35.99 -34.22
C GLY A 223 -6.91 -36.81 -33.17
N ASN A 224 -7.88 -36.22 -32.47
CA ASN A 224 -8.66 -36.98 -31.49
C ASN A 224 -10.15 -36.97 -31.78
N ALA A 225 -10.81 -38.09 -31.51
CA ALA A 225 -12.25 -38.21 -31.75
C ALA A 225 -13.06 -37.60 -30.61
N ILE A 226 -14.15 -36.94 -31.01
CA ILE A 226 -15.08 -36.29 -30.12
C ILE A 226 -16.44 -36.85 -30.46
N LYS A 227 -17.13 -37.36 -29.46
CA LYS A 227 -18.50 -37.86 -29.62
C LYS A 227 -19.51 -36.72 -29.70
N GLN A 228 -20.57 -36.92 -30.50
CA GLN A 228 -21.62 -35.92 -30.66
C GLN A 228 -22.93 -36.68 -30.67
N GLY A 229 -24.01 -36.00 -30.28
CA GLY A 229 -25.35 -36.58 -30.33
C GLY A 229 -26.36 -35.55 -30.75
N PHE A 230 -27.23 -35.93 -31.68
CA PHE A 230 -28.21 -34.98 -32.25
C PHE A 230 -29.53 -35.67 -32.48
N ASN A 231 -30.61 -34.89 -32.61
CA ASN A 231 -31.82 -35.36 -33.28
C ASN A 231 -32.13 -34.38 -34.39
N LEU A 232 -32.64 -34.91 -35.49
CA LEU A 232 -32.95 -34.10 -36.67
C LEU A 232 -34.33 -34.46 -37.19
N THR A 233 -35.16 -33.45 -37.43
CA THR A 233 -36.40 -33.66 -38.15
C THR A 233 -36.06 -33.65 -39.63
N VAL A 234 -36.49 -34.70 -40.34
CA VAL A 234 -36.17 -34.89 -41.76
C VAL A 234 -37.49 -34.96 -42.54
N VAL A 235 -37.54 -34.26 -43.67
CA VAL A 235 -38.78 -34.17 -44.46
C VAL A 235 -38.60 -34.85 -45.82
N GLN A 236 -39.53 -35.75 -46.14
CA GLN A 236 -39.53 -36.36 -47.46
C GLN A 236 -40.11 -35.37 -48.47
N GLU A 237 -39.34 -35.07 -49.50
CA GLU A 237 -39.77 -34.22 -50.59
C GLU A 237 -39.28 -34.84 -51.89
N GLY A 238 -40.21 -35.37 -52.68
CA GLY A 238 -39.88 -36.09 -53.91
C GLY A 238 -39.03 -37.30 -53.60
N ASP A 239 -37.87 -37.39 -54.26
CA ASP A 239 -36.93 -38.48 -54.07
C ASP A 239 -35.97 -38.19 -52.92
N LYS A 240 -36.05 -36.98 -52.38
CA LYS A 240 -35.11 -36.49 -51.37
C LYS A 240 -35.65 -36.51 -49.94
N PHE A 241 -34.72 -36.55 -48.99
CA PHE A 241 -35.03 -36.36 -47.58
C PHE A 241 -34.21 -35.20 -47.10
N LEU A 242 -34.87 -34.11 -46.75
CA LEU A 242 -34.18 -32.86 -46.43
C LEU A 242 -34.21 -32.57 -44.94
N VAL A 243 -33.14 -31.96 -44.45
CA VAL A 243 -33.04 -31.70 -43.01
C VAL A 243 -33.82 -30.44 -42.64
N LYS A 244 -34.72 -30.57 -41.68
CA LYS A 244 -35.56 -29.47 -41.23
C LYS A 244 -35.04 -28.82 -39.96
N THR A 245 -34.55 -29.64 -39.03
CA THR A 245 -34.02 -29.16 -37.74
C THR A 245 -32.73 -29.86 -37.38
N LEU A 246 -31.93 -29.21 -36.53
CA LEU A 246 -30.77 -29.85 -35.96
C LEU A 246 -30.62 -29.46 -34.49
N GLU A 247 -30.83 -30.42 -33.60
CA GLU A 247 -30.81 -30.17 -32.16
C GLU A 247 -29.87 -31.15 -31.46
N PRO A 248 -29.26 -30.72 -30.34
CA PRO A 248 -28.60 -31.71 -29.49
C PRO A 248 -29.67 -32.55 -28.78
N ARG A 249 -29.21 -33.53 -28.00
CA ARG A 249 -30.01 -34.52 -27.24
C ARG A 249 -30.43 -35.72 -28.07
N THR A 250 -30.30 -36.90 -27.48
CA THR A 250 -30.74 -38.13 -28.14
C THR A 250 -31.80 -38.83 -27.28
N SER A 251 -32.20 -38.15 -26.20
CA SER A 251 -33.28 -38.55 -25.30
C SER A 251 -33.74 -37.29 -24.60
N ASN A 252 -34.82 -37.37 -23.83
CA ASN A 252 -35.39 -36.19 -23.18
C ASN A 252 -35.74 -35.16 -24.25
N ILE A 253 -36.29 -35.66 -25.34
CA ILE A 253 -36.58 -34.85 -26.52
C ILE A 253 -37.95 -34.19 -26.43
N ASP A 254 -38.03 -32.94 -26.91
CA ASP A 254 -39.30 -32.22 -26.97
C ASP A 254 -39.42 -31.54 -28.34
N LEU A 255 -40.38 -32.01 -29.14
CA LEU A 255 -40.51 -31.56 -30.52
C LEU A 255 -41.45 -30.36 -30.71
N ASN A 256 -42.05 -29.88 -29.62
CA ASN A 256 -43.03 -28.78 -29.67
C ASN A 256 -42.43 -27.38 -29.85
N SER B 5 18.11 4.27 31.67
CA SER B 5 19.47 4.91 31.85
C SER B 5 20.17 4.85 30.51
N SER B 6 21.13 3.92 30.35
CA SER B 6 21.51 3.52 29.00
C SER B 6 20.27 2.96 28.26
N LEU B 7 19.35 2.31 28.99
CA LEU B 7 18.11 1.82 28.38
C LEU B 7 17.28 2.98 27.82
N GLU B 8 17.02 4.00 28.65
CA GLU B 8 16.26 5.15 28.17
C GLU B 8 16.97 5.82 26.96
N THR B 9 18.27 6.04 27.11
CA THR B 9 19.04 6.70 26.05
C THR B 9 18.93 5.93 24.73
N GLN B 10 19.05 4.61 24.77
CA GLN B 10 19.07 3.85 23.53
C GLN B 10 17.67 3.69 22.97
N ALA B 11 16.70 3.56 23.87
CA ALA B 11 15.30 3.43 23.45
C ALA B 11 14.82 4.72 22.80
N PHE B 12 15.32 5.86 23.27
CA PHE B 12 15.02 7.14 22.62
C PHE B 12 15.51 7.14 21.16
N SER B 13 16.77 6.74 20.94
CA SER B 13 17.28 6.71 19.56
C SER B 13 16.52 5.73 18.69
N PHE B 14 16.18 4.57 19.25
CA PHE B 14 15.49 3.53 18.47
C PHE B 14 14.11 4.05 18.06
N ALA B 15 13.41 4.65 19.03
CA ALA B 15 12.06 5.15 18.74
C ALA B 15 12.10 6.28 17.72
N GLU B 16 13.13 7.13 17.78
CA GLU B 16 13.26 8.20 16.77
C GLU B 16 13.50 7.65 15.39
N GLU B 17 14.34 6.62 15.28
CA GLU B 17 14.66 6.02 13.97
C GLU B 17 13.40 5.36 13.41
N PHE B 18 12.70 4.63 14.26
CA PHE B 18 11.45 3.98 13.88
C PHE B 18 10.43 5.03 13.41
N ALA B 19 10.28 6.12 14.18
CA ALA B 19 9.28 7.13 13.86
C ALA B 19 9.58 7.78 12.52
N TRP B 20 10.86 7.93 12.21
CA TRP B 20 11.26 8.51 10.95
C TRP B 20 10.68 7.68 9.80
N ASP B 21 10.87 6.36 9.88
CA ASP B 21 10.25 5.50 8.88
C ASP B 21 8.73 5.40 8.96
N TYR B 22 8.19 5.46 10.17
CA TYR B 22 6.74 5.34 10.32
C TYR B 22 5.98 6.47 9.63
N PHE B 23 6.58 7.67 9.65
CA PHE B 23 5.98 8.85 9.01
C PHE B 23 6.48 9.18 7.59
N SER B 24 7.28 8.28 7.03
CA SER B 24 7.76 8.40 5.65
C SER B 24 6.95 7.41 4.80
N ARG B 25 6.00 7.92 4.01
CA ARG B 25 5.07 7.06 3.28
C ARG B 25 4.84 7.59 1.88
N TYR B 26 4.86 6.70 0.88
CA TYR B 26 4.74 7.06 -0.55
C TYR B 26 3.70 6.13 -1.13
N PRO B 27 2.50 6.64 -1.45
CA PRO B 27 1.44 5.72 -1.86
C PRO B 27 1.71 5.04 -3.19
N SER B 28 2.61 5.60 -3.99
CA SER B 28 3.06 5.00 -5.27
C SER B 28 4.02 3.82 -5.08
N ASP B 29 4.46 3.63 -3.84
CA ASP B 29 5.39 2.54 -3.49
C ASP B 29 5.14 2.11 -2.04
N THR B 30 3.98 1.47 -1.82
CA THR B 30 3.63 1.07 -0.46
C THR B 30 4.49 -0.07 0.03
N GLN B 31 5.07 -0.83 -0.92
CA GLN B 31 5.96 -1.91 -0.54
C GLN B 31 7.23 -1.37 0.13
N ASP B 32 7.63 -0.15 -0.20
CA ASP B 32 8.89 0.43 0.35
C ASP B 32 8.74 0.63 1.87
N PHE B 33 7.54 1.07 2.27
CA PHE B 33 7.24 1.25 3.71
C PHE B 33 7.40 -0.08 4.44
N VAL B 34 6.81 -1.15 3.87
CA VAL B 34 6.96 -2.45 4.49
C VAL B 34 8.43 -2.88 4.62
N ARG B 35 9.22 -2.70 3.56
CA ARG B 35 10.64 -3.03 3.62
C ARG B 35 11.37 -2.24 4.73
N ARG B 36 11.11 -0.95 4.80
CA ARG B 36 11.80 -0.11 5.80
C ARG B 36 11.35 -0.45 7.21
N ILE B 37 10.05 -0.68 7.38
CA ILE B 37 9.51 -0.90 8.75
C ILE B 37 9.86 -2.27 9.31
N THR B 38 10.02 -3.25 8.42
CA THR B 38 10.41 -4.59 8.89
CA THR B 38 10.41 -4.60 8.84
C THR B 38 11.83 -4.60 9.45
N LYS B 39 12.56 -3.50 9.27
CA LYS B 39 13.85 -3.38 9.97
C LYS B 39 13.64 -3.32 11.49
N TYR B 40 12.43 -2.94 11.93
CA TYR B 40 12.13 -2.71 13.37
C TYR B 40 11.14 -3.68 13.98
N THR B 41 10.38 -4.37 13.12
CA THR B 41 9.24 -5.16 13.58
C THR B 41 8.92 -6.32 12.61
N THR B 42 7.86 -7.07 12.90
CA THR B 42 7.51 -8.22 12.07
C THR B 42 6.85 -7.73 10.79
N GLU B 43 6.86 -8.57 9.75
CA GLU B 43 6.19 -8.20 8.52
C GLU B 43 4.69 -8.01 8.74
N GLN B 44 4.09 -8.83 9.59
CA GLN B 44 2.64 -8.71 9.91
C GLN B 44 2.35 -7.31 10.49
N LEU B 45 3.15 -6.90 11.48
CA LEU B 45 2.96 -5.57 12.07
C LEU B 45 3.26 -4.46 11.07
N ALA B 46 4.31 -4.61 10.26
CA ALA B 46 4.63 -3.58 9.25
C ALA B 46 3.45 -3.38 8.30
N ASN B 47 2.86 -4.47 7.84
CA ASN B 47 1.68 -4.35 6.97
C ASN B 47 0.49 -3.68 7.67
N GLU B 48 0.29 -4.00 8.95
CA GLU B 48 -0.82 -3.45 9.71
C GLU B 48 -0.69 -1.94 9.85
N MSE B 49 0.54 -1.46 9.92
CA MSE B 49 0.81 -0.03 10.11
C MSE B 49 0.71 0.79 8.82
O MSE B 49 0.68 2.01 8.87
CB MSE B 49 2.24 0.14 10.66
CG MSE B 49 2.40 -0.37 12.12
SE MSE B 49 4.29 -0.12 12.54
CE MSE B 49 4.52 -1.44 13.91
N ASN B 50 0.70 0.12 7.67
CA ASN B 50 0.75 0.82 6.39
C ASN B 50 -0.63 1.37 6.00
N ASN B 51 -0.65 2.37 5.12
CA ASN B 51 -1.89 2.90 4.58
C ASN B 51 -1.61 3.71 3.33
N GLY B 52 -2.58 4.52 2.88
CA GLY B 52 -2.42 5.26 1.64
C GLY B 52 -1.89 6.69 1.79
N THR B 53 -1.35 7.02 2.96
CA THR B 53 -0.84 8.39 3.23
C THR B 53 0.39 8.73 2.40
N TYR B 54 0.50 9.99 2.00
CA TYR B 54 1.74 10.52 1.43
C TYR B 54 2.31 11.49 2.47
N SER B 55 3.45 11.14 3.09
CA SER B 55 4.02 12.05 4.09
C SER B 55 5.53 11.93 4.13
N ASP B 56 6.19 12.99 4.59
CA ASP B 56 7.61 12.89 4.86
C ASP B 56 8.00 13.65 6.13
N VAL B 57 9.26 13.56 6.54
CA VAL B 57 9.64 13.90 7.89
C VAL B 57 10.60 15.08 7.96
N ILE B 58 10.34 15.98 8.91
CA ILE B 58 11.23 17.11 9.20
C ILE B 58 12.12 16.80 10.39
N TYR B 59 11.52 16.35 11.50
CA TYR B 59 12.30 15.81 12.61
C TYR B 59 11.55 14.78 13.44
N THR B 60 12.30 13.97 14.17
CA THR B 60 11.71 13.12 15.21
C THR B 60 12.52 13.27 16.48
N SER B 61 11.82 13.30 17.58
CA SER B 61 12.44 13.63 18.86
C SER B 61 11.72 12.89 19.98
N ALA B 62 12.40 11.94 20.62
CA ALA B 62 11.82 11.23 21.74
C ALA B 62 11.74 12.14 22.95
N PHE B 63 10.58 12.19 23.59
CA PHE B 63 10.41 13.14 24.73
C PHE B 63 10.01 12.52 26.06
N TYR B 64 9.50 11.29 26.05
CA TYR B 64 9.01 10.70 27.29
C TYR B 64 9.23 9.18 27.30
N PHE B 65 9.62 8.66 28.46
CA PHE B 65 9.94 7.24 28.68
C PHE B 65 9.08 6.61 29.76
N GLU B 66 8.55 5.41 29.50
CA GLU B 66 7.78 4.63 30.50
C GLU B 66 8.30 3.19 30.52
N LYS B 67 8.71 2.65 31.68
CA LYS B 67 9.05 1.24 31.73
C LYS B 67 7.73 0.48 31.97
N TYR B 68 7.38 -0.41 31.04
CA TYR B 68 6.09 -1.12 31.10
C TYR B 68 6.19 -2.48 31.79
N SER B 69 7.25 -3.22 31.48
CA SER B 69 7.55 -4.49 32.15
C SER B 69 9.06 -4.70 32.14
N GLU B 70 9.49 -5.88 32.59
CA GLU B 70 10.90 -6.25 32.65
C GLU B 70 11.61 -6.12 31.31
N ASN B 71 10.87 -6.37 30.22
CA ASN B 71 11.44 -6.30 28.88
C ASN B 71 10.73 -5.34 27.89
N GLN B 72 9.88 -4.47 28.39
CA GLN B 72 9.07 -3.61 27.51
C GLN B 72 9.07 -2.17 27.99
N VAL B 73 9.19 -1.25 27.04
CA VAL B 73 9.11 0.17 27.33
C VAL B 73 8.18 0.82 26.33
N ASN B 74 7.72 2.01 26.68
CA ASN B 74 6.94 2.83 25.78
C ASN B 74 7.66 4.18 25.68
N VAL B 75 8.02 4.60 24.46
CA VAL B 75 8.71 5.87 24.23
C VAL B 75 7.80 6.74 23.38
N SER B 76 7.51 7.94 23.89
CA SER B 76 6.71 8.92 23.16
C SER B 76 7.63 9.83 22.36
N VAL B 77 7.28 10.00 21.09
CA VAL B 77 8.13 10.70 20.12
C VAL B 77 7.34 11.82 19.51
N LYS B 78 7.96 13.01 19.48
CA LYS B 78 7.39 14.11 18.72
C LYS B 78 7.94 14.08 17.31
N ALA B 79 7.04 14.02 16.31
CA ALA B 79 7.46 14.02 14.92
C ALA B 79 6.86 15.17 14.17
N ARG B 80 7.72 16.02 13.61
CA ARG B 80 7.25 17.09 12.76
C ARG B 80 7.28 16.59 11.33
N VAL B 81 6.12 16.60 10.66
CA VAL B 81 5.87 15.87 9.41
C VAL B 81 5.17 16.75 8.39
N ARG B 82 5.40 16.50 7.11
CA ARG B 82 4.59 17.07 6.06
C ARG B 82 3.63 16.01 5.58
N VAL B 83 2.34 16.32 5.62
CA VAL B 83 1.35 15.37 5.11
C VAL B 83 0.74 16.02 3.89
N TYR B 84 0.79 15.29 2.79
CA TYR B 84 0.35 15.83 1.48
C TYR B 84 -1.05 15.36 1.18
N THR B 85 -1.98 16.29 1.06
CA THR B 85 -3.37 15.92 0.77
C THR B 85 -3.73 16.37 -0.64
N PRO B 86 -4.46 15.53 -1.40
CA PRO B 86 -4.85 15.95 -2.76
C PRO B 86 -5.65 17.25 -2.75
N LYS B 87 -5.34 18.13 -3.68
CA LYS B 87 -6.13 19.33 -3.91
C LYS B 87 -7.57 18.95 -4.29
N ALA B 88 -8.51 19.88 -4.12
CA ALA B 88 -9.89 19.65 -4.47
C ALA B 88 -10.01 19.19 -5.92
N GLY B 89 -11.03 18.40 -6.22
CA GLY B 89 -11.32 18.02 -7.60
C GLY B 89 -10.54 16.83 -8.12
N GLN B 90 -9.76 16.19 -7.25
CA GLN B 90 -8.91 15.07 -7.69
C GLN B 90 -9.27 13.68 -7.22
N GLU B 91 -10.54 13.48 -6.82
CA GLU B 91 -11.01 12.21 -6.26
C GLU B 91 -10.91 11.06 -7.26
N GLN B 92 -10.99 11.37 -8.55
CA GLN B 92 -10.88 10.36 -9.59
C GLN B 92 -9.58 10.45 -10.40
N THR B 93 -8.63 11.26 -9.93
CA THR B 93 -7.36 11.47 -10.63
C THR B 93 -6.37 10.36 -10.31
N PRO B 94 -5.68 9.81 -11.34
CA PRO B 94 -4.66 8.77 -11.13
C PRO B 94 -3.60 9.23 -10.17
N GLN B 95 -3.20 8.32 -9.29
CA GLN B 95 -2.19 8.61 -8.27
C GLN B 95 -0.99 9.40 -8.82
N ASP B 96 -0.43 8.98 -9.96
CA ASP B 96 0.81 9.59 -10.45
C ASP B 96 0.62 10.99 -11.05
N GLN B 97 -0.62 11.47 -11.06
CA GLN B 97 -0.89 12.83 -11.53
C GLN B 97 -1.43 13.76 -10.46
N LEU B 98 -1.59 13.25 -9.24
CA LEU B 98 -2.17 14.05 -8.16
C LEU B 98 -1.37 15.29 -7.82
N GLN B 99 -2.08 16.41 -7.63
CA GLN B 99 -1.49 17.65 -7.14
C GLN B 99 -1.81 17.76 -5.67
N TYR B 100 -0.84 18.19 -4.87
CA TYR B 100 -1.00 18.14 -3.41
C TYR B 100 -0.91 19.49 -2.72
N ASP B 101 -1.66 19.64 -1.64
CA ASP B 101 -1.39 20.69 -0.64
C ASP B 101 -0.50 20.12 0.43
N THR B 102 0.38 20.93 0.98
CA THR B 102 1.24 20.51 2.08
C THR B 102 0.63 20.90 3.42
N ASN B 103 0.46 19.93 4.31
CA ASN B 103 0.06 20.18 5.69
C ASN B 103 1.21 19.95 6.67
N LEU B 104 1.55 20.98 7.45
CA LEU B 104 2.59 20.84 8.44
C LEU B 104 1.96 20.40 9.76
N VAL B 105 2.45 19.28 10.30
CA VAL B 105 1.81 18.64 11.45
C VAL B 105 2.86 18.19 12.47
N ASP B 106 2.57 18.44 13.74
CA ASP B 106 3.31 17.79 14.81
C ASP B 106 2.51 16.60 15.30
N TYR B 107 3.08 15.41 15.19
CA TYR B 107 2.45 14.19 15.72
C TYR B 107 3.13 13.78 17.03
N TYR B 108 2.40 13.05 17.87
CA TYR B 108 2.95 12.53 19.14
C TYR B 108 2.65 11.05 19.16
N LEU B 109 3.70 10.26 19.05
CA LEU B 109 3.58 8.84 18.74
C LEU B 109 4.17 8.04 19.87
N GLU B 110 3.33 7.18 20.47
CA GLU B 110 3.82 6.33 21.56
C GLU B 110 4.30 5.02 20.94
N VAL B 111 5.59 4.73 21.08
CA VAL B 111 6.21 3.55 20.45
C VAL B 111 6.49 2.44 21.45
N PRO B 112 5.80 1.29 21.31
CA PRO B 112 6.04 0.17 22.23
C PRO B 112 7.23 -0.64 21.75
N ILE B 113 8.18 -0.84 22.65
CA ILE B 113 9.46 -1.45 22.33
C ILE B 113 9.71 -2.60 23.28
N VAL B 114 10.08 -3.75 22.70
CA VAL B 114 10.59 -4.88 23.46
C VAL B 114 12.13 -4.86 23.40
N PHE B 115 12.79 -5.23 24.48
CA PHE B 115 14.25 -5.30 24.45
C PHE B 115 14.74 -6.59 25.13
N ASP B 116 15.95 -7.01 24.77
CA ASP B 116 16.48 -8.27 25.32
C ASP B 116 17.71 -8.06 26.19
N LYS B 117 18.29 -9.16 26.67
CA LYS B 117 19.46 -9.07 27.55
C LYS B 117 20.62 -8.29 26.91
N ASP B 118 20.76 -8.39 25.59
CA ASP B 118 21.81 -7.67 24.85
C ASP B 118 21.37 -6.27 24.44
N MSE B 119 20.18 -5.89 24.89
CA MSE B 119 19.57 -4.59 24.60
C MSE B 119 19.28 -4.43 23.10
O MSE B 119 19.17 -3.29 22.60
CB MSE B 119 20.41 -3.44 25.20
CG MSE B 119 20.60 -3.59 26.72
SE MSE B 119 21.56 -2.13 27.57
CE MSE B 119 23.32 -2.48 26.84
N ASN B 120 19.14 -5.53 22.38
CA ASN B 120 18.51 -5.49 21.05
C ASN B 120 17.06 -5.09 21.23
N MSE B 121 16.49 -4.41 20.22
CA MSE B 121 15.15 -3.87 20.33
CA MSE B 121 15.15 -3.87 20.32
C MSE B 121 14.29 -4.20 19.12
O MSE B 121 14.79 -4.38 18.01
CB MSE B 121 15.18 -2.36 20.55
CB MSE B 121 15.20 -2.36 20.49
CG MSE B 121 15.58 -1.95 21.99
CG MSE B 121 15.96 -1.94 21.73
SE MSE B 121 15.84 -0.03 22.23
SE MSE B 121 16.25 -0.05 21.86
CE MSE B 121 17.53 0.14 21.24
CE MSE B 121 16.56 -0.04 23.79
N ALA B 122 12.98 -4.25 19.35
CA ALA B 122 12.00 -4.35 18.26
C ALA B 122 10.77 -3.60 18.72
N VAL B 123 9.99 -3.13 17.76
CA VAL B 123 8.69 -2.56 18.06
C VAL B 123 7.72 -3.74 18.12
N ASP B 124 7.07 -3.94 19.28
CA ASP B 124 6.33 -5.18 19.49
C ASP B 124 4.82 -5.03 19.40
N ALA B 125 4.35 -3.85 19.02
CA ALA B 125 2.89 -3.60 18.89
C ALA B 125 2.67 -2.38 18.01
N LEU B 126 1.43 -2.13 17.62
CA LEU B 126 1.13 -0.91 16.89
C LEU B 126 1.45 0.28 17.78
N PRO B 127 2.20 1.25 17.25
CA PRO B 127 2.33 2.51 17.98
C PRO B 127 1.01 3.31 17.91
N VAL B 128 0.79 4.20 18.87
CA VAL B 128 -0.50 4.88 18.95
C VAL B 128 -0.27 6.38 19.12
N MSE B 129 -1.24 7.15 18.70
CA MSE B 129 -1.19 8.60 18.93
C MSE B 129 -1.47 8.91 20.40
O MSE B 129 -2.41 8.35 21.01
CB MSE B 129 -2.18 9.34 18.01
CG MSE B 129 -1.90 9.15 16.52
SE MSE B 129 -0.07 9.73 16.08
CE MSE B 129 -0.29 9.58 14.13
N THR B 130 -0.65 9.78 20.97
CA THR B 130 -0.61 9.95 22.43
C THR B 130 -0.61 11.43 22.77
N ALA B 131 -0.60 11.75 24.07
CA ALA B 131 -0.64 13.14 24.52
C ALA B 131 0.64 13.90 24.21
N PRO B 132 0.52 15.20 23.86
CA PRO B 132 1.73 16.01 23.70
C PRO B 132 2.38 16.31 25.07
N PRO B 133 3.63 16.81 25.08
CA PRO B 133 4.19 17.29 26.35
C PRO B 133 3.32 18.38 26.97
N GLU B 134 3.39 18.52 28.30
CA GLU B 134 2.60 19.51 29.00
C GLU B 134 3.60 20.47 29.65
N LYS B 135 3.42 21.78 29.46
CA LYS B 135 4.40 22.74 29.97
C LYS B 135 4.39 22.77 31.50
N ALA B 136 5.57 22.88 32.11
CA ALA B 136 5.68 23.15 33.54
C ALA B 136 5.21 24.58 33.78
N TYR B 137 4.55 24.81 34.91
CA TYR B 137 4.05 26.15 35.25
C TYR B 137 5.06 26.80 36.18
N PHE B 138 5.38 28.06 35.92
CA PHE B 138 6.33 28.81 36.74
C PHE B 138 5.87 30.26 36.78
N LYS B 139 6.13 30.95 37.89
CA LYS B 139 5.94 32.39 38.02
C LYS B 139 7.28 32.98 38.46
N ASN B 140 7.68 34.11 37.87
CA ASN B 140 8.99 34.70 38.20
C ASN B 140 9.08 35.12 39.64
N LYS B 141 10.21 34.80 40.28
CA LYS B 141 10.53 35.26 41.63
C LYS B 141 11.72 36.20 41.45
N GLU B 142 11.51 37.46 41.75
CA GLU B 142 12.62 38.42 41.56
C GLU B 142 13.66 38.17 42.60
N PHE B 143 14.91 38.49 42.28
CA PHE B 143 16.00 38.25 43.20
C PHE B 143 15.76 39.06 44.49
N SER B 144 15.92 38.41 45.63
CA SER B 144 15.54 39.04 46.91
C SER B 144 16.69 39.63 47.74
N GLY B 145 17.82 39.89 47.10
CA GLY B 145 18.97 40.45 47.81
C GLY B 145 18.87 41.94 48.01
N THR B 146 19.93 42.53 48.53
CA THR B 146 19.97 43.97 48.82
C THR B 146 20.62 44.76 47.70
N SER B 147 19.91 45.78 47.18
CA SER B 147 20.48 46.64 46.13
C SER B 147 21.70 47.37 46.60
N GLU B 148 22.69 47.49 45.73
CA GLU B 148 23.88 48.29 46.00
C GLU B 148 23.50 49.77 45.97
N ASN B 149 23.90 50.46 47.03
CA ASN B 149 23.50 51.82 47.36
C ASN B 149 24.35 52.91 46.70
N ASP B 150 25.64 52.65 46.61
CA ASP B 150 26.64 53.62 46.20
C ASP B 150 26.60 53.82 44.68
N ALA B 151 26.22 55.03 44.24
CA ALA B 151 26.10 55.33 42.80
C ALA B 151 27.42 55.23 42.05
N ASP B 152 28.53 55.61 42.71
CA ASP B 152 29.84 55.50 42.08
C ASP B 152 30.20 54.05 41.79
N LYS B 153 29.98 53.19 42.77
CA LYS B 153 30.24 51.77 42.63
C LYS B 153 29.32 51.18 41.57
N THR B 154 28.06 51.58 41.59
CA THR B 154 27.10 51.09 40.61
C THR B 154 27.58 51.41 39.20
N LYS B 155 28.02 52.65 38.98
CA LYS B 155 28.50 53.08 37.67
C LYS B 155 29.73 52.28 37.22
N LYS B 156 30.67 52.06 38.13
CA LYS B 156 31.89 51.35 37.79
C LYS B 156 31.61 49.89 37.46
N ILE B 157 30.72 49.29 38.25
CA ILE B 157 30.30 47.89 38.00
C ILE B 157 29.62 47.79 36.64
N THR B 158 28.72 48.73 36.36
CA THR B 158 28.02 48.74 35.07
C THR B 158 28.99 48.84 33.88
N ASP B 159 29.95 49.74 34.00
CA ASP B 159 30.97 49.90 32.97
C ASP B 159 31.81 48.64 32.78
N SER B 160 32.20 47.98 33.87
CA SER B 160 32.95 46.71 33.79
C SER B 160 32.11 45.63 33.12
N VAL B 161 30.83 45.59 33.47
CA VAL B 161 29.95 44.54 32.92
C VAL B 161 29.74 44.79 31.42
N SER B 162 29.54 46.05 31.06
CA SER B 162 29.39 46.44 29.66
C SER B 162 30.64 46.07 28.85
N GLN B 163 31.81 46.40 29.40
CA GLN B 163 33.08 46.05 28.73
C GLN B 163 33.28 44.54 28.60
N PHE B 164 32.89 43.81 29.64
CA PHE B 164 32.93 42.35 29.62
C PHE B 164 32.06 41.81 28.50
N PHE B 165 30.82 42.31 28.41
CA PHE B 165 29.95 41.75 27.36
C PHE B 165 30.39 42.07 25.95
N LYS B 166 30.98 43.23 25.74
CA LYS B 166 31.50 43.53 24.39
C LYS B 166 32.55 42.47 24.01
N ALA B 167 33.41 42.13 24.97
CA ALA B 167 34.45 41.13 24.74
C ALA B 167 33.87 39.72 24.57
N TYR B 168 32.91 39.37 25.43
CA TYR B 168 32.24 38.05 25.40
C TYR B 168 31.66 37.79 24.01
N TYR B 169 31.07 38.83 23.42
CA TYR B 169 30.39 38.68 22.12
C TYR B 169 31.30 38.86 20.93
N GLU B 170 32.32 39.71 21.07
CA GLU B 170 33.11 40.15 19.92
C GLU B 170 34.57 39.73 19.91
N GLN B 171 35.12 39.39 21.07
CA GLN B 171 36.59 39.31 21.17
C GLN B 171 37.09 37.90 21.46
N ASN B 172 38.40 37.69 21.34
CA ASN B 172 38.95 36.35 21.58
C ASN B 172 39.13 36.10 23.06
N GLN B 173 39.48 34.85 23.41
CA GLN B 173 39.52 34.45 24.81
C GLN B 173 40.63 35.18 25.57
N THR B 174 41.71 35.50 24.86
CA THR B 174 42.80 36.23 25.49
C THR B 174 42.30 37.59 25.97
N GLN B 175 41.44 38.24 25.19
CA GLN B 175 40.89 39.55 25.55
C GLN B 175 39.86 39.40 26.64
N ILE B 176 39.03 38.36 26.52
CA ILE B 176 37.99 38.13 27.53
C ILE B 176 38.59 37.87 28.91
N ASP B 177 39.68 37.10 28.95
CA ASP B 177 40.28 36.67 30.24
C ASP B 177 40.69 37.84 31.13
N TYR B 178 41.03 38.98 30.52
CA TYR B 178 41.33 40.22 31.28
C TYR B 178 40.23 40.63 32.25
N PHE B 179 38.97 40.33 31.88
CA PHE B 179 37.82 40.80 32.63
C PHE B 179 37.39 39.76 33.68
N LEU B 180 38.04 38.60 33.70
CA LEU B 180 37.58 37.49 34.55
C LEU B 180 38.41 37.36 35.80
N VAL B 181 37.78 36.92 36.90
CA VAL B 181 38.57 36.38 38.04
C VAL B 181 39.40 35.21 37.55
N ASP B 182 40.69 35.21 37.89
CA ASP B 182 41.58 34.14 37.49
C ASP B 182 40.97 32.75 37.71
N GLY B 183 40.95 31.92 36.68
CA GLY B 183 40.40 30.58 36.77
C GLY B 183 38.88 30.43 36.60
N ALA B 184 38.17 31.56 36.47
CA ALA B 184 36.73 31.51 36.20
C ALA B 184 36.49 30.74 34.90
N ASP B 185 35.58 29.79 34.91
CA ASP B 185 35.47 29.00 33.69
C ASP B 185 34.45 29.65 32.75
N ILE B 186 34.83 30.75 32.09
CA ILE B 186 33.84 31.48 31.25
C ILE B 186 34.37 31.70 29.83
N LYS B 187 33.88 30.94 28.86
CA LYS B 187 34.35 31.06 27.47
C LYS B 187 33.41 31.94 26.66
N GLY B 188 33.96 32.67 25.69
CA GLY B 188 33.17 33.62 24.93
C GLY B 188 32.29 32.99 23.87
N ALA B 189 31.50 33.83 23.22
CA ALA B 189 30.49 33.38 22.27
C ALA B 189 31.06 33.17 20.87
N GLY B 190 32.38 33.21 20.72
CA GLY B 190 33.01 32.87 19.44
C GLY B 190 33.09 34.01 18.43
N GLN B 191 33.00 35.25 18.92
CA GLN B 191 33.19 36.44 18.08
C GLN B 191 32.19 36.56 16.95
N LYS B 192 30.98 36.06 17.14
CA LYS B 192 30.02 35.99 16.06
C LYS B 192 28.91 37.05 16.12
N PHE B 193 28.96 37.94 17.13
CA PHE B 193 27.88 38.89 17.36
C PHE B 193 28.43 40.29 17.56
N SER B 194 27.58 41.28 17.28
CA SER B 194 27.93 42.66 17.60
C SER B 194 27.17 43.03 18.85
N PHE B 195 27.88 43.40 19.90
CA PHE B 195 27.23 43.76 21.14
C PHE B 195 26.61 45.14 20.97
N ASN B 196 25.31 45.26 21.24
CA ASN B 196 24.64 46.56 21.16
C ASN B 196 24.74 47.32 22.46
N LYS B 197 23.95 46.94 23.45
CA LYS B 197 24.04 47.61 24.75
C LYS B 197 23.30 46.85 25.83
N ILE B 198 23.59 47.22 27.07
CA ILE B 198 22.81 46.81 28.22
C ILE B 198 21.52 47.62 28.21
N ASP B 199 20.40 46.90 28.29
CA ASP B 199 19.06 47.51 28.32
C ASP B 199 18.53 47.70 29.75
N ARG B 200 18.94 46.84 30.66
CA ARG B 200 18.52 46.94 32.07
C ARG B 200 19.60 46.29 32.91
N ILE B 201 19.96 46.96 34.01
CA ILE B 201 20.90 46.35 34.96
C ILE B 201 20.52 46.68 36.38
N ASN B 202 20.45 45.66 37.23
CA ASN B 202 20.28 45.88 38.66
C ASN B 202 21.40 45.18 39.40
N ILE B 203 21.99 45.90 40.36
CA ILE B 203 23.16 45.38 41.06
C ILE B 203 22.83 45.20 42.54
N TYR B 204 23.21 44.05 43.08
CA TYR B 204 22.97 43.72 44.48
C TYR B 204 24.29 43.46 45.17
N LYS B 205 24.36 43.83 46.45
CA LYS B 205 25.53 43.51 47.23
C LYS B 205 25.34 42.19 47.96
N LEU B 206 26.15 41.20 47.62
CA LEU B 206 26.06 39.86 48.21
C LEU B 206 26.84 39.80 49.52
N SER B 207 28.02 40.40 49.53
CA SER B 207 28.88 40.48 50.71
C SER B 207 29.89 41.59 50.45
N ASP B 208 30.84 41.78 51.36
CA ASP B 208 31.88 42.78 51.14
C ASP B 208 32.57 42.52 49.78
N LYS B 209 32.59 43.51 48.90
CA LYS B 209 33.30 43.35 47.61
C LYS B 209 32.80 42.22 46.70
N GLU B 210 31.58 41.75 46.93
CA GLU B 210 30.98 40.74 46.07
C GLU B 210 29.57 41.16 45.67
N PHE B 211 29.32 41.19 44.37
CA PHE B 211 28.09 41.75 43.84
C PHE B 211 27.42 40.81 42.86
N LEU B 212 26.10 40.94 42.74
CA LEU B 212 25.38 40.27 41.65
C LEU B 212 24.86 41.34 40.70
N ALA B 213 25.19 41.22 39.40
CA ALA B 213 24.62 42.08 38.36
C ALA B 213 23.59 41.27 37.57
N ILE B 214 22.37 41.77 37.49
CA ILE B 214 21.31 41.11 36.72
C ILE B 214 21.04 41.99 35.52
N VAL B 215 21.19 41.41 34.32
CA VAL B 215 21.34 42.22 33.12
C VAL B 215 20.47 41.72 31.97
N ASP B 216 19.72 42.64 31.37
CA ASP B 216 19.13 42.43 30.05
C ASP B 216 19.95 43.22 29.03
N LEU B 217 20.21 42.62 27.87
CA LEU B 217 20.98 43.30 26.85
C LEU B 217 20.57 42.75 25.49
N ASN B 218 21.07 43.35 24.42
CA ASN B 218 20.79 42.79 23.09
C ASN B 218 22.02 42.88 22.21
N VAL B 219 22.13 41.93 21.28
CA VAL B 219 23.26 41.89 20.32
C VAL B 219 22.71 41.68 18.93
N ASP B 220 23.54 41.96 17.94
CA ASP B 220 23.13 41.76 16.58
C ASP B 220 23.75 40.50 15.99
N SER B 221 22.96 39.79 15.19
CA SER B 221 23.44 38.71 14.34
C SER B 221 22.77 38.90 12.99
N PHE B 222 23.56 38.99 11.93
CA PHE B 222 23.01 39.20 10.58
C PHE B 222 21.98 40.37 10.47
N GLY B 223 22.30 41.49 11.13
CA GLY B 223 21.47 42.66 11.00
C GLY B 223 20.18 42.70 11.80
N ASN B 224 19.97 41.71 12.68
CA ASN B 224 18.84 41.77 13.57
C ASN B 224 19.23 41.61 15.02
N ALA B 225 18.56 42.35 15.89
CA ALA B 225 18.88 42.31 17.32
C ALA B 225 18.16 41.15 18.01
N ILE B 226 18.88 40.49 18.92
CA ILE B 226 18.29 39.43 19.74
C ILE B 226 18.51 39.76 21.20
N LYS B 227 17.46 39.60 22.00
CA LYS B 227 17.54 39.87 23.44
C LYS B 227 18.23 38.71 24.18
N GLN B 228 18.94 39.09 25.23
CA GLN B 228 19.69 38.15 26.07
C GLN B 228 19.47 38.57 27.54
N GLY B 229 19.60 37.63 28.45
CA GLY B 229 19.46 37.97 29.90
C GLY B 229 20.46 37.13 30.67
N PHE B 230 21.19 37.75 31.60
CA PHE B 230 22.16 37.03 32.40
C PHE B 230 22.13 37.49 33.85
N ASN B 231 22.71 36.67 34.73
CA ASN B 231 23.18 37.19 36.03
C ASN B 231 24.66 36.85 36.15
N LEU B 232 25.43 37.76 36.76
CA LEU B 232 26.89 37.59 36.89
C LEU B 232 27.31 37.98 38.28
N THR B 233 28.11 37.14 38.93
CA THR B 233 28.77 37.53 40.19
C THR B 233 30.00 38.33 39.79
N VAL B 234 30.16 39.50 40.40
CA VAL B 234 31.23 40.43 40.08
C VAL B 234 31.94 40.67 41.40
N VAL B 235 33.27 40.62 41.38
CA VAL B 235 34.04 40.81 42.61
C VAL B 235 34.98 42.02 42.48
N GLN B 236 35.11 42.78 43.56
CA GLN B 236 35.98 43.92 43.51
C GLN B 236 37.40 43.49 43.80
N GLU B 237 38.36 43.94 42.97
CA GLU B 237 39.80 43.72 43.22
C GLU B 237 40.50 45.06 43.06
N GLY B 238 40.87 45.67 44.19
CA GLY B 238 41.41 47.04 44.16
C GLY B 238 40.34 47.95 43.58
N ASP B 239 40.66 48.62 42.47
CA ASP B 239 39.72 49.55 41.84
CA ASP B 239 39.74 49.55 41.82
C ASP B 239 38.96 48.91 40.69
N LYS B 240 39.19 47.63 40.45
CA LYS B 240 38.58 46.91 39.33
C LYS B 240 37.43 46.05 39.80
N PHE B 241 36.57 45.66 38.87
CA PHE B 241 35.46 44.73 39.16
C PHE B 241 35.56 43.63 38.11
N LEU B 242 35.74 42.40 38.58
CA LEU B 242 36.03 41.28 37.70
C LEU B 242 34.86 40.34 37.70
N VAL B 243 34.68 39.66 36.59
CA VAL B 243 33.56 38.69 36.45
C VAL B 243 33.94 37.30 36.98
N LYS B 244 33.14 36.78 37.91
CA LYS B 244 33.41 35.49 38.51
C LYS B 244 32.47 34.38 38.01
N THR B 245 31.24 34.72 37.67
CA THR B 245 30.27 33.72 37.17
C THR B 245 29.45 34.35 36.04
N LEU B 246 28.90 33.52 35.16
CA LEU B 246 27.97 34.02 34.15
C LEU B 246 26.92 32.97 33.92
N GLU B 247 25.66 33.32 34.14
CA GLU B 247 24.58 32.33 34.00
C GLU B 247 23.44 33.02 33.30
N PRO B 248 22.61 32.25 32.60
CA PRO B 248 21.34 32.83 32.14
C PRO B 248 20.36 33.00 33.31
N ARG B 249 19.18 33.58 33.04
CA ARG B 249 18.10 33.90 34.01
C ARG B 249 18.32 35.26 34.66
N THR B 250 17.23 36.02 34.77
CA THR B 250 17.28 37.33 35.46
C THR B 250 16.30 37.30 36.64
N SER B 251 15.69 36.15 36.88
CA SER B 251 14.86 35.91 38.05
C SER B 251 14.88 34.39 38.28
N ASN B 252 14.31 33.94 39.39
CA ASN B 252 14.33 32.53 39.78
C ASN B 252 15.80 32.11 39.89
N ILE B 253 16.59 32.99 40.50
CA ILE B 253 18.02 32.79 40.60
C ILE B 253 18.37 31.93 41.82
N ASP B 254 19.38 31.08 41.66
CA ASP B 254 19.90 30.23 42.75
C ASP B 254 21.41 30.33 42.67
N LEU B 255 22.01 30.97 43.66
CA LEU B 255 23.46 31.18 43.63
C LEU B 255 24.21 30.02 44.28
N ASN B 256 23.45 29.07 44.81
CA ASN B 256 23.97 27.80 45.37
C ASN B 256 25.02 28.03 46.43
N SER C 6 -32.35 -12.03 -24.86
CA SER C 6 -32.04 -10.62 -24.43
C SER C 6 -30.92 -9.99 -25.26
N LEU C 7 -31.28 -8.87 -25.88
CA LEU C 7 -30.32 -8.05 -26.62
C LEU C 7 -29.12 -7.63 -25.76
N GLU C 8 -29.36 -7.09 -24.56
CA GLU C 8 -28.26 -6.65 -23.68
C GLU C 8 -27.30 -7.79 -23.32
N THR C 9 -27.88 -8.94 -22.95
CA THR C 9 -27.08 -10.12 -22.54
C THR C 9 -26.16 -10.57 -23.69
N GLN C 10 -26.74 -10.65 -24.88
CA GLN C 10 -26.01 -11.05 -26.10
CA GLN C 10 -25.97 -11.09 -26.01
C GLN C 10 -24.98 -10.00 -26.49
N ALA C 11 -25.37 -8.72 -26.44
CA ALA C 11 -24.45 -7.64 -26.82
C ALA C 11 -23.28 -7.61 -25.84
N PHE C 12 -23.55 -7.90 -24.56
CA PHE C 12 -22.47 -7.95 -23.55
C PHE C 12 -21.42 -8.99 -23.90
N SER C 13 -21.88 -10.21 -24.19
N SER C 13 -21.85 -10.21 -24.17
CA SER C 13 -20.97 -11.28 -24.59
CA SER C 13 -20.86 -11.25 -24.55
C SER C 13 -20.16 -10.92 -25.84
C SER C 13 -20.14 -10.94 -25.86
N PHE C 14 -20.83 -10.36 -26.83
CA PHE C 14 -20.18 -9.98 -28.09
C PHE C 14 -19.09 -8.94 -27.85
N ALA C 15 -19.45 -7.92 -27.06
CA ALA C 15 -18.49 -6.85 -26.75
C ALA C 15 -17.27 -7.39 -26.02
N GLU C 16 -17.51 -8.29 -25.07
CA GLU C 16 -16.39 -8.93 -24.32
C GLU C 16 -15.44 -9.70 -25.24
N GLU C 17 -16.01 -10.50 -26.14
CA GLU C 17 -15.23 -11.30 -27.10
C GLU C 17 -14.41 -10.38 -27.98
N PHE C 18 -15.07 -9.36 -28.54
CA PHE C 18 -14.39 -8.39 -29.38
C PHE C 18 -13.27 -7.69 -28.61
N ALA C 19 -13.54 -7.25 -27.37
CA ALA C 19 -12.52 -6.51 -26.59
C ALA C 19 -11.32 -7.39 -26.32
N TRP C 20 -11.55 -8.69 -26.19
CA TRP C 20 -10.42 -9.62 -25.97
C TRP C 20 -9.45 -9.53 -27.16
N ASP C 21 -10.00 -9.57 -28.36
CA ASP C 21 -9.15 -9.43 -29.54
C ASP C 21 -8.62 -8.03 -29.71
N TYR C 22 -9.44 -7.02 -29.38
CA TYR C 22 -9.00 -5.63 -29.57
C TYR C 22 -7.77 -5.27 -28.74
N PHE C 23 -7.65 -5.89 -27.55
CA PHE C 23 -6.49 -5.63 -26.71
C PHE C 23 -5.40 -6.72 -26.76
N SER C 24 -5.51 -7.61 -27.73
CA SER C 24 -4.45 -8.62 -27.98
C SER C 24 -3.69 -8.21 -29.23
N ARG C 25 -2.47 -7.68 -29.05
CA ARG C 25 -1.73 -7.10 -30.17
C ARG C 25 -0.27 -7.52 -30.14
N TYR C 26 0.27 -7.88 -31.31
CA TYR C 26 1.64 -8.39 -31.43
C TYR C 26 2.30 -7.63 -32.57
N PRO C 27 3.20 -6.68 -32.26
CA PRO C 27 3.77 -5.81 -33.31
C PRO C 27 4.65 -6.57 -34.32
N SER C 28 5.12 -7.76 -33.96
CA SER C 28 5.87 -8.58 -34.93
C SER C 28 4.95 -9.31 -35.89
N ASP C 29 3.63 -9.23 -35.66
CA ASP C 29 2.68 -9.90 -36.53
C ASP C 29 1.39 -9.11 -36.54
N THR C 30 1.44 -7.91 -37.14
CA THR C 30 0.29 -6.99 -37.12
C THR C 30 -0.90 -7.53 -37.92
N GLN C 31 -0.61 -8.33 -38.94
CA GLN C 31 -1.68 -8.96 -39.72
C GLN C 31 -2.53 -9.93 -38.89
N ASP C 32 -1.97 -10.49 -37.81
CA ASP C 32 -2.72 -11.38 -36.93
C ASP C 32 -3.92 -10.65 -36.31
N PHE C 33 -3.69 -9.41 -35.87
CA PHE C 33 -4.75 -8.61 -35.30
C PHE C 33 -5.82 -8.38 -36.37
N VAL C 34 -5.43 -8.08 -37.60
CA VAL C 34 -6.41 -7.83 -38.65
C VAL C 34 -7.25 -9.08 -38.86
N ARG C 35 -6.58 -10.23 -38.91
CA ARG C 35 -7.29 -11.49 -39.13
C ARG C 35 -8.33 -11.72 -38.04
N ARG C 36 -7.90 -11.57 -36.79
CA ARG C 36 -8.82 -11.80 -35.67
C ARG C 36 -9.94 -10.79 -35.62
N ILE C 37 -9.62 -9.53 -35.88
CA ILE C 37 -10.62 -8.48 -35.68
C ILE C 37 -11.63 -8.48 -36.85
N THR C 38 -11.20 -8.96 -38.03
CA THR C 38 -12.12 -9.14 -39.17
C THR C 38 -13.28 -10.14 -38.88
N LYS C 39 -13.13 -10.95 -37.83
CA LYS C 39 -14.23 -11.82 -37.37
C LYS C 39 -15.45 -11.01 -36.86
N TYR C 40 -15.20 -9.75 -36.45
CA TYR C 40 -16.21 -8.85 -35.88
C TYR C 40 -16.59 -7.66 -36.77
N THR C 41 -15.75 -7.29 -37.74
CA THR C 41 -15.92 -6.03 -38.44
C THR C 41 -15.30 -6.14 -39.82
N THR C 42 -15.33 -5.05 -40.59
CA THR C 42 -14.72 -5.05 -41.93
C THR C 42 -13.19 -5.05 -41.81
N GLU C 43 -12.53 -5.62 -42.82
CA GLU C 43 -11.07 -5.56 -42.86
C GLU C 43 -10.57 -4.12 -42.82
N GLN C 44 -11.29 -3.18 -43.46
CA GLN C 44 -10.88 -1.77 -43.41
C GLN C 44 -10.92 -1.23 -42.00
N LEU C 45 -12.01 -1.47 -41.28
CA LEU C 45 -12.07 -0.99 -39.90
C LEU C 45 -11.08 -1.71 -39.00
N ALA C 46 -10.85 -3.00 -39.26
CA ALA C 46 -9.86 -3.77 -38.45
C ALA C 46 -8.47 -3.09 -38.56
N ASN C 47 -8.13 -2.68 -39.79
CA ASN C 47 -6.86 -1.99 -39.99
C ASN C 47 -6.83 -0.65 -39.31
N GLU C 48 -7.96 0.07 -39.35
CA GLU C 48 -8.01 1.38 -38.69
C GLU C 48 -7.81 1.28 -37.20
N MSE C 49 -8.23 0.16 -36.61
CA MSE C 49 -8.11 -0.08 -35.16
C MSE C 49 -6.71 -0.52 -34.76
O MSE C 49 -6.38 -0.53 -33.58
CB MSE C 49 -9.09 -1.16 -34.71
CG MSE C 49 -10.54 -0.74 -34.83
SE MSE C 49 -11.64 -2.26 -34.37
CE MSE C 49 -13.24 -1.65 -35.26
N ASN C 50 -5.90 -0.94 -35.74
CA ASN C 50 -4.57 -1.51 -35.44
C ASN C 50 -3.52 -0.44 -35.15
N ASN C 51 -2.45 -0.83 -34.47
CA ASN C 51 -1.29 0.07 -34.24
C ASN C 51 -0.09 -0.79 -33.83
N GLY C 52 0.97 -0.16 -33.31
CA GLY C 52 2.18 -0.91 -32.95
C GLY C 52 2.29 -1.38 -31.51
N THR C 53 1.18 -1.36 -30.78
CA THR C 53 1.15 -1.82 -29.38
C THR C 53 1.44 -3.33 -29.23
N TYR C 54 2.11 -3.69 -28.14
CA TYR C 54 2.24 -5.08 -27.71
C TYR C 54 1.43 -5.21 -26.43
N SER C 55 0.38 -6.03 -26.46
CA SER C 55 -0.50 -6.14 -25.28
C SER C 55 -1.21 -7.47 -25.28
N ASP C 56 -1.58 -7.95 -24.08
CA ASP C 56 -2.40 -9.15 -24.00
C ASP C 56 -3.39 -8.98 -22.85
N VAL C 57 -4.32 -9.91 -22.74
CA VAL C 57 -5.53 -9.68 -21.94
C VAL C 57 -5.63 -10.63 -20.75
N ILE C 58 -6.06 -10.04 -19.62
CA ILE C 58 -6.38 -10.78 -18.38
C ILE C 58 -7.88 -11.07 -18.27
N TYR C 59 -8.72 -10.05 -18.43
CA TYR C 59 -10.16 -10.26 -18.50
C TYR C 59 -10.87 -9.18 -19.31
N THR C 60 -12.07 -9.48 -19.79
CA THR C 60 -12.91 -8.41 -20.33
C THR C 60 -14.31 -8.61 -19.71
N SER C 61 -14.95 -7.49 -19.41
CA SER C 61 -16.18 -7.50 -18.60
C SER C 61 -17.05 -6.32 -18.99
N ALA C 62 -18.18 -6.64 -19.63
CA ALA C 62 -19.09 -5.56 -20.08
C ALA C 62 -19.84 -4.99 -18.88
N PHE C 63 -19.96 -3.66 -18.78
CA PHE C 63 -20.55 -3.06 -17.59
C PHE C 63 -21.68 -2.06 -17.84
N TYR C 64 -21.84 -1.62 -19.09
CA TYR C 64 -22.86 -0.63 -19.35
C TYR C 64 -23.44 -0.82 -20.76
N PHE C 65 -24.76 -0.64 -20.86
CA PHE C 65 -25.49 -0.83 -22.12
C PHE C 65 -26.26 0.43 -22.48
N GLU C 66 -26.15 0.83 -23.75
CA GLU C 66 -26.94 1.95 -24.28
C GLU C 66 -27.58 1.54 -25.61
N LYS C 67 -28.91 1.61 -25.71
CA LYS C 67 -29.54 1.49 -27.04
C LYS C 67 -29.37 2.79 -27.82
N TYR C 68 -28.81 2.71 -29.02
CA TYR C 68 -28.51 3.92 -29.78
C TYR C 68 -29.55 4.17 -30.88
N SER C 69 -29.96 3.09 -31.54
CA SER C 69 -31.00 3.21 -32.57
C SER C 69 -31.72 1.86 -32.67
N GLU C 70 -32.63 1.75 -33.65
CA GLU C 70 -33.35 0.50 -33.86
C GLU C 70 -32.44 -0.68 -34.29
N ASN C 71 -31.19 -0.40 -34.67
CA ASN C 71 -30.28 -1.48 -35.03
C ASN C 71 -28.89 -1.30 -34.44
N GLN C 72 -28.74 -0.41 -33.45
CA GLN C 72 -27.40 -0.12 -32.92
C GLN C 72 -27.41 0.02 -31.41
N VAL C 73 -26.36 -0.50 -30.79
CA VAL C 73 -26.17 -0.36 -29.33
C VAL C 73 -24.73 0.05 -29.08
N ASN C 74 -24.46 0.56 -27.87
CA ASN C 74 -23.08 0.81 -27.46
C ASN C 74 -22.88 0.06 -26.14
N VAL C 75 -21.83 -0.75 -26.07
CA VAL C 75 -21.57 -1.52 -24.84
C VAL C 75 -20.20 -1.10 -24.32
N SER C 76 -20.16 -0.70 -23.05
CA SER C 76 -18.86 -0.32 -22.44
C SER C 76 -18.27 -1.54 -21.69
N VAL C 77 -16.97 -1.77 -21.91
CA VAL C 77 -16.31 -3.00 -21.46
C VAL C 77 -15.09 -2.57 -20.66
N LYS C 78 -14.92 -3.16 -19.47
CA LYS C 78 -13.70 -2.98 -18.69
C LYS C 78 -12.74 -4.11 -19.09
N ALA C 79 -11.52 -3.77 -19.52
CA ALA C 79 -10.56 -4.79 -19.91
C ALA C 79 -9.32 -4.63 -19.08
N ARG C 80 -8.98 -5.69 -18.35
CA ARG C 80 -7.70 -5.70 -17.64
C ARG C 80 -6.65 -6.34 -18.55
N VAL C 81 -5.56 -5.61 -18.80
CA VAL C 81 -4.65 -5.87 -19.90
C VAL C 81 -3.23 -5.70 -19.39
N ARG C 82 -2.28 -6.35 -20.05
CA ARG C 82 -0.86 -6.04 -19.85
C ARG C 82 -0.38 -5.35 -21.10
N VAL C 83 0.22 -4.17 -20.93
CA VAL C 83 0.82 -3.46 -22.07
C VAL C 83 2.33 -3.50 -21.88
N TYR C 84 3.03 -3.96 -22.90
CA TYR C 84 4.48 -4.16 -22.81
C TYR C 84 5.16 -3.03 -23.52
N THR C 85 5.98 -2.27 -22.80
CA THR C 85 6.65 -1.12 -23.38
C THR C 85 8.14 -1.41 -23.44
N PRO C 86 8.80 -1.01 -24.54
CA PRO C 86 10.25 -1.30 -24.62
C PRO C 86 11.02 -0.62 -23.50
N LYS C 87 11.98 -1.33 -22.93
CA LYS C 87 12.93 -0.75 -21.99
C LYS C 87 13.75 0.31 -22.72
N ALA C 88 14.33 1.25 -21.96
CA ALA C 88 15.21 2.30 -22.50
C ALA C 88 16.35 1.82 -23.40
N GLY C 89 16.72 2.66 -24.38
CA GLY C 89 17.94 2.47 -25.19
C GLY C 89 17.73 1.66 -26.47
N GLN C 90 16.48 1.29 -26.72
CA GLN C 90 16.16 0.37 -27.80
C GLN C 90 15.44 1.01 -28.99
N GLU C 91 15.57 2.33 -29.14
CA GLU C 91 14.85 3.07 -30.20
C GLU C 91 15.14 2.52 -31.58
N GLN C 92 16.39 2.13 -31.79
CA GLN C 92 16.83 1.59 -33.08
C GLN C 92 17.08 0.07 -33.05
N THR C 93 16.64 -0.61 -32.00
CA THR C 93 16.81 -2.06 -31.88
C THR C 93 15.73 -2.80 -32.69
N PRO C 94 16.11 -3.83 -33.45
CA PRO C 94 15.15 -4.63 -34.24
C PRO C 94 14.02 -5.16 -33.36
N GLN C 95 12.80 -5.13 -33.91
CA GLN C 95 11.61 -5.56 -33.17
C GLN C 95 11.83 -6.86 -32.41
N ASP C 96 12.39 -7.86 -33.09
CA ASP C 96 12.48 -9.20 -32.54
C ASP C 96 13.56 -9.36 -31.47
N GLN C 97 14.26 -8.28 -31.17
CA GLN C 97 15.26 -8.31 -30.11
C GLN C 97 14.86 -7.45 -28.91
N LEU C 98 13.69 -6.81 -29.01
CA LEU C 98 13.25 -5.88 -27.97
C LEU C 98 12.99 -6.53 -26.62
N GLN C 99 13.47 -5.87 -25.55
CA GLN C 99 13.17 -6.23 -24.15
C GLN C 99 12.10 -5.28 -23.60
N TYR C 100 11.16 -5.82 -22.83
CA TYR C 100 9.99 -5.06 -22.41
C TYR C 100 9.77 -4.98 -20.92
N ASP C 101 9.14 -3.89 -20.51
CA ASP C 101 8.59 -3.73 -19.18
C ASP C 101 7.09 -4.04 -19.27
N THR C 102 6.53 -4.54 -18.17
CA THR C 102 5.11 -4.90 -18.14
C THR C 102 4.33 -3.84 -17.39
N ASN C 103 3.27 -3.33 -18.03
CA ASN C 103 2.39 -2.33 -17.44
C ASN C 103 1.00 -2.96 -17.26
N LEU C 104 0.50 -2.94 -16.03
CA LEU C 104 -0.82 -3.51 -15.75
C LEU C 104 -1.81 -2.39 -15.84
N VAL C 105 -2.84 -2.54 -16.67
CA VAL C 105 -3.71 -1.41 -17.05
C VAL C 105 -5.15 -1.88 -17.08
N ASP C 106 -6.09 -1.07 -16.55
CA ASP C 106 -7.50 -1.33 -16.81
C ASP C 106 -7.97 -0.30 -17.82
N TYR C 107 -8.53 -0.80 -18.91
CA TYR C 107 -9.10 0.05 -19.96
C TYR C 107 -10.62 0.01 -19.93
N TYR C 108 -11.26 1.11 -20.39
CA TYR C 108 -12.72 1.18 -20.46
C TYR C 108 -13.05 1.57 -21.90
N LEU C 109 -13.63 0.60 -22.61
CA LEU C 109 -13.77 0.64 -24.06
C LEU C 109 -15.25 0.66 -24.40
N GLU C 110 -15.66 1.68 -25.14
CA GLU C 110 -17.07 1.73 -25.58
C GLU C 110 -17.15 1.12 -26.98
N VAL C 111 -17.89 0.03 -27.09
CA VAL C 111 -17.91 -0.77 -28.35
C VAL C 111 -19.24 -0.50 -29.10
N PRO C 112 -19.17 0.07 -30.33
CA PRO C 112 -20.40 0.29 -31.09
C PRO C 112 -20.74 -0.97 -31.85
N ILE C 113 -21.97 -1.46 -31.66
N ILE C 113 -21.98 -1.46 -31.68
CA ILE C 113 -22.41 -2.72 -32.24
CA ILE C 113 -22.39 -2.76 -32.21
C ILE C 113 -23.65 -2.48 -33.08
C ILE C 113 -23.68 -2.61 -33.00
N VAL C 114 -23.68 -3.10 -34.24
CA VAL C 114 -24.89 -3.14 -35.04
CA VAL C 114 -24.86 -3.11 -35.07
C VAL C 114 -25.46 -4.53 -34.95
N PHE C 115 -26.79 -4.64 -34.99
CA PHE C 115 -27.45 -5.94 -34.98
C PHE C 115 -28.51 -6.00 -36.07
N ASP C 116 -28.70 -7.20 -36.64
CA ASP C 116 -29.70 -7.34 -37.72
C ASP C 116 -30.95 -8.03 -37.20
N LYS C 117 -31.90 -8.27 -38.10
CA LYS C 117 -33.18 -8.83 -37.69
C LYS C 117 -33.06 -10.24 -37.14
N ASP C 118 -31.93 -10.89 -37.40
CA ASP C 118 -31.70 -12.26 -36.92
C ASP C 118 -30.76 -12.26 -35.72
N MSE C 119 -30.56 -11.06 -35.17
CA MSE C 119 -29.70 -10.80 -34.01
CA MSE C 119 -29.72 -10.87 -33.99
C MSE C 119 -28.22 -11.15 -34.24
O MSE C 119 -27.46 -11.36 -33.29
CB MSE C 119 -30.26 -11.43 -32.72
CB MSE C 119 -30.24 -11.70 -32.80
CG MSE C 119 -31.53 -10.74 -32.20
CG MSE C 119 -31.59 -11.26 -32.25
SE MSE C 119 -32.37 -11.62 -30.66
SE MSE C 119 -33.11 -11.78 -33.36
CE MSE C 119 -32.30 -13.47 -31.24
CE MSE C 119 -33.06 -13.72 -33.08
N ASN C 120 -27.82 -11.17 -35.51
CA ASN C 120 -26.38 -11.25 -35.83
C ASN C 120 -25.79 -9.90 -35.46
N MSE C 121 -24.50 -9.85 -35.11
CA MSE C 121 -23.90 -8.58 -34.69
CA MSE C 121 -23.89 -8.60 -34.67
C MSE C 121 -22.59 -8.30 -35.39
O MSE C 121 -21.90 -9.22 -35.87
CB MSE C 121 -23.69 -8.56 -33.17
CB MSE C 121 -23.63 -8.65 -33.15
CG MSE C 121 -24.96 -8.31 -32.35
CG MSE C 121 -24.90 -8.85 -32.33
SE MSE C 121 -24.62 -8.59 -30.46
SE MSE C 121 -24.56 -9.09 -30.43
CE MSE C 121 -24.44 -10.55 -30.53
CE MSE C 121 -26.33 -8.61 -29.80
N ALA C 122 -22.24 -7.01 -35.49
CA ALA C 122 -20.91 -6.62 -35.94
C ALA C 122 -20.48 -5.38 -35.17
N VAL C 123 -19.19 -5.10 -35.12
CA VAL C 123 -18.72 -3.78 -34.64
C VAL C 123 -18.75 -2.83 -35.85
N ASP C 124 -19.54 -1.75 -35.78
CA ASP C 124 -19.79 -0.91 -36.95
C ASP C 124 -19.01 0.41 -36.99
N ALA C 125 -18.14 0.61 -36.00
CA ALA C 125 -17.39 1.87 -35.91
C ALA C 125 -16.20 1.67 -35.01
N LEU C 126 -15.28 2.62 -35.02
CA LEU C 126 -14.16 2.53 -34.11
C LEU C 126 -14.66 2.58 -32.67
N PRO C 127 -14.18 1.66 -31.82
CA PRO C 127 -14.51 1.80 -30.41
C PRO C 127 -13.69 2.95 -29.82
N VAL C 128 -14.13 3.47 -28.67
CA VAL C 128 -13.49 4.65 -28.11
C VAL C 128 -13.26 4.44 -26.62
N MSE C 129 -12.25 5.11 -26.10
CA MSE C 129 -12.03 5.07 -24.66
CA MSE C 129 -11.99 5.09 -24.66
C MSE C 129 -13.09 5.90 -23.99
O MSE C 129 -13.38 7.03 -24.41
CB MSE C 129 -10.64 5.56 -24.31
CB MSE C 129 -10.61 5.68 -24.37
CG MSE C 129 -9.60 4.72 -24.96
CG MSE C 129 -9.47 5.00 -25.13
SE MSE C 129 -9.75 2.79 -24.53
SE MSE C 129 -9.03 3.22 -24.39
CE MSE C 129 -8.03 2.37 -25.44
CE MSE C 129 -10.53 2.25 -25.09
N THR C 130 -13.67 5.32 -22.93
CA THR C 130 -14.82 5.95 -22.27
C THR C 130 -14.60 6.09 -20.77
N ALA C 131 -15.62 6.61 -20.09
CA ALA C 131 -15.54 6.82 -18.62
C ALA C 131 -15.58 5.51 -17.87
N PRO C 132 -14.74 5.39 -16.82
CA PRO C 132 -14.84 4.21 -15.95
C PRO C 132 -16.14 4.24 -15.12
N PRO C 133 -16.57 3.08 -14.58
CA PRO C 133 -17.69 3.11 -13.63
C PRO C 133 -17.36 4.02 -12.43
N GLU C 134 -18.41 4.47 -11.74
CA GLU C 134 -18.26 5.26 -10.53
C GLU C 134 -18.98 4.53 -9.39
N LYS C 135 -18.39 4.51 -8.21
CA LYS C 135 -18.99 3.83 -7.07
C LYS C 135 -20.26 4.52 -6.60
N ALA C 136 -21.25 3.74 -6.17
CA ALA C 136 -22.36 4.27 -5.38
C ALA C 136 -21.87 4.66 -3.99
N TYR C 137 -22.40 5.78 -3.48
CA TYR C 137 -22.17 6.16 -2.11
C TYR C 137 -23.35 5.64 -1.31
N PHE C 138 -23.10 5.23 -0.06
CA PHE C 138 -24.19 4.85 0.85
C PHE C 138 -23.87 5.31 2.28
N LYS C 139 -24.89 5.75 3.02
CA LYS C 139 -24.70 6.06 4.44
C LYS C 139 -25.03 4.77 5.21
N ASN C 140 -24.09 4.34 6.04
CA ASN C 140 -24.30 3.14 6.83
C ASN C 140 -25.43 3.35 7.85
N LYS C 141 -26.34 2.37 7.94
CA LYS C 141 -27.46 2.39 8.89
C LYS C 141 -27.36 1.18 9.82
N GLU C 142 -27.07 1.44 11.09
CA GLU C 142 -27.06 0.34 12.06
C GLU C 142 -28.49 -0.19 12.24
N PHE C 143 -28.61 -1.49 12.56
CA PHE C 143 -29.94 -2.08 12.66
C PHE C 143 -30.75 -1.39 13.78
N SER C 144 -32.02 -1.13 13.47
CA SER C 144 -32.89 -0.23 14.23
C SER C 144 -33.71 -0.89 15.36
N GLY C 145 -33.65 -2.20 15.47
CA GLY C 145 -34.49 -2.92 16.44
C GLY C 145 -34.14 -2.83 17.92
N THR C 146 -34.87 -3.59 18.73
CA THR C 146 -34.70 -3.62 20.18
C THR C 146 -33.79 -4.74 20.62
N SER C 147 -32.74 -4.41 21.35
CA SER C 147 -31.82 -5.40 21.91
C SER C 147 -32.50 -6.41 22.81
N GLU C 148 -32.09 -7.67 22.69
CA GLU C 148 -32.43 -8.67 23.68
C GLU C 148 -31.35 -8.64 24.75
N ASN C 149 -31.74 -8.49 26.01
CA ASN C 149 -30.81 -8.33 27.14
C ASN C 149 -30.70 -9.48 28.15
N ASP C 150 -31.71 -10.36 28.17
CA ASP C 150 -31.74 -11.54 29.06
C ASP C 150 -30.47 -12.38 28.90
N ALA C 151 -29.72 -12.54 30.00
CA ALA C 151 -28.42 -13.24 29.97
C ALA C 151 -28.50 -14.68 29.48
N ASP C 152 -29.36 -15.46 30.13
CA ASP C 152 -29.60 -16.85 29.77
C ASP C 152 -29.96 -16.99 28.29
N LYS C 153 -30.87 -16.14 27.82
CA LYS C 153 -31.37 -16.24 26.46
C LYS C 153 -30.29 -15.82 25.46
N THR C 154 -29.61 -14.70 25.70
CA THR C 154 -28.51 -14.31 24.81
C THR C 154 -27.39 -15.36 24.80
N LYS C 155 -27.09 -15.98 25.94
CA LYS C 155 -26.07 -17.04 25.97
C LYS C 155 -26.50 -18.23 25.10
N LYS C 156 -27.73 -18.69 25.32
CA LYS C 156 -28.27 -19.80 24.51
C LYS C 156 -28.29 -19.52 23.01
N ILE C 157 -28.73 -18.32 22.61
CA ILE C 157 -28.76 -17.91 21.19
C ILE C 157 -27.32 -17.91 20.65
N THR C 158 -26.40 -17.33 21.41
CA THR C 158 -24.99 -17.22 21.00
C THR C 158 -24.40 -18.61 20.78
N ASP C 159 -24.65 -19.52 21.71
CA ASP C 159 -24.14 -20.88 21.64
C ASP C 159 -24.73 -21.63 20.43
N SER C 160 -26.03 -21.46 20.20
CA SER C 160 -26.69 -22.06 19.04
C SER C 160 -26.12 -21.53 17.73
N VAL C 161 -25.91 -20.21 17.64
CA VAL C 161 -25.33 -19.60 16.44
C VAL C 161 -23.89 -20.06 16.19
N SER C 162 -23.09 -20.15 17.26
CA SER C 162 -21.72 -20.64 17.15
C SER C 162 -21.68 -22.09 16.63
N GLN C 163 -22.51 -22.96 17.20
CA GLN C 163 -22.60 -24.35 16.74
C GLN C 163 -23.07 -24.43 15.28
N PHE C 164 -24.04 -23.58 14.94
CA PHE C 164 -24.51 -23.52 13.56
C PHE C 164 -23.37 -23.18 12.60
N PHE C 165 -22.58 -22.17 12.94
CA PHE C 165 -21.54 -21.74 12.02
C PHE C 165 -20.41 -22.76 11.92
N LYS C 166 -20.09 -23.44 13.02
CA LYS C 166 -19.12 -24.52 12.93
C LYS C 166 -19.58 -25.59 11.92
N ALA C 167 -20.86 -25.95 11.98
CA ALA C 167 -21.41 -26.90 10.97
C ALA C 167 -21.47 -26.30 9.56
N TYR C 168 -21.87 -25.04 9.46
CA TYR C 168 -22.00 -24.37 8.16
C TYR C 168 -20.67 -24.42 7.41
N TYR C 169 -19.58 -24.22 8.14
CA TYR C 169 -18.27 -24.16 7.48
C TYR C 169 -17.58 -25.51 7.33
N GLU C 170 -17.83 -26.43 8.26
CA GLU C 170 -17.03 -27.67 8.38
C GLU C 170 -17.79 -28.97 8.09
N GLN C 171 -19.12 -28.94 8.21
CA GLN C 171 -19.89 -30.19 8.25
C GLN C 171 -20.80 -30.39 7.06
N ASN C 172 -21.34 -31.61 6.93
CA ASN C 172 -22.21 -31.94 5.79
C ASN C 172 -23.66 -31.46 6.04
N GLN C 173 -24.48 -31.50 4.99
CA GLN C 173 -25.82 -30.95 5.09
C GLN C 173 -26.66 -31.67 6.14
N THR C 174 -26.43 -32.98 6.28
CA THR C 174 -27.20 -33.74 7.27
C THR C 174 -26.97 -33.16 8.65
N GLN C 175 -25.72 -32.83 8.94
CA GLN C 175 -25.38 -32.20 10.23
C GLN C 175 -25.92 -30.79 10.38
N ILE C 176 -25.79 -29.99 9.33
CA ILE C 176 -26.29 -28.60 9.36
C ILE C 176 -27.80 -28.56 9.61
N ASP C 177 -28.53 -29.50 9.00
CA ASP C 177 -29.97 -29.50 9.06
C ASP C 177 -30.51 -29.56 10.48
N TYR C 178 -29.73 -30.13 11.40
CA TYR C 178 -30.15 -30.17 12.82
C TYR C 178 -30.33 -28.79 13.44
N PHE C 179 -29.62 -27.81 12.91
CA PHE C 179 -29.63 -26.46 13.45
C PHE C 179 -30.65 -25.56 12.77
N LEU C 180 -31.29 -26.05 11.70
CA LEU C 180 -32.22 -25.22 10.94
C LEU C 180 -33.67 -25.43 11.30
N VAL C 181 -34.49 -24.39 11.17
CA VAL C 181 -35.93 -24.58 11.09
C VAL C 181 -36.20 -25.50 9.88
N ASP C 182 -37.05 -26.52 10.09
CA ASP C 182 -37.44 -27.42 9.04
C ASP C 182 -37.88 -26.65 7.81
N GLY C 183 -37.25 -26.92 6.67
CA GLY C 183 -37.63 -26.25 5.43
C GLY C 183 -36.77 -25.05 5.06
N ALA C 184 -36.02 -24.48 6.00
CA ALA C 184 -35.15 -23.32 5.72
C ALA C 184 -34.22 -23.65 4.56
N ASP C 185 -34.11 -22.76 3.61
CA ASP C 185 -33.33 -23.17 2.45
C ASP C 185 -31.90 -22.70 2.66
N ILE C 186 -31.16 -23.35 3.57
CA ILE C 186 -29.81 -22.88 3.90
C ILE C 186 -28.75 -23.95 3.70
N LYS C 187 -27.93 -23.81 2.65
CA LYS C 187 -26.93 -24.83 2.34
C LYS C 187 -25.56 -24.44 2.86
N GLY C 188 -24.78 -25.43 3.27
CA GLY C 188 -23.48 -25.19 3.87
C GLY C 188 -22.41 -24.74 2.86
N ALA C 189 -21.29 -24.29 3.40
CA ALA C 189 -20.20 -23.74 2.57
C ALA C 189 -19.27 -24.79 1.95
N GLY C 190 -19.67 -26.06 1.97
CA GLY C 190 -18.90 -27.13 1.33
C GLY C 190 -17.74 -27.75 2.10
N GLN C 191 -17.72 -27.54 3.42
CA GLN C 191 -16.73 -28.18 4.30
C GLN C 191 -15.30 -27.80 3.94
N LYS C 192 -15.08 -26.55 3.55
CA LYS C 192 -13.76 -26.21 3.10
C LYS C 192 -13.08 -25.14 3.92
N PHE C 193 -13.65 -24.83 5.09
CA PHE C 193 -13.07 -23.84 5.97
C PHE C 193 -13.04 -24.34 7.38
N SER C 194 -12.16 -23.78 8.17
CA SER C 194 -12.12 -24.08 9.59
CA SER C 194 -12.12 -24.08 9.60
C SER C 194 -12.73 -22.91 10.35
N PHE C 195 -13.80 -23.16 11.09
CA PHE C 195 -14.47 -22.10 11.84
C PHE C 195 -13.64 -21.74 13.06
N ASN C 196 -13.30 -20.45 13.20
CA ASN C 196 -12.52 -19.99 14.32
C ASN C 196 -13.40 -19.59 15.49
N LYS C 197 -14.02 -18.42 15.42
CA LYS C 197 -14.93 -17.98 16.46
C LYS C 197 -15.79 -16.84 15.97
N ILE C 198 -16.87 -16.58 16.70
CA ILE C 198 -17.61 -15.34 16.59
C ILE C 198 -16.79 -14.23 17.25
N ASP C 199 -16.62 -13.12 16.54
CA ASP C 199 -15.87 -11.96 17.05
C ASP C 199 -16.77 -10.89 17.68
N ARG C 200 -18.00 -10.79 17.17
CA ARG C 200 -18.97 -9.81 17.63
C ARG C 200 -20.35 -10.40 17.38
N ILE C 201 -21.21 -10.30 18.38
CA ILE C 201 -22.61 -10.73 18.19
C ILE C 201 -23.54 -9.76 18.92
N ASN C 202 -24.48 -9.18 18.19
CA ASN C 202 -25.55 -8.42 18.79
C ASN C 202 -26.88 -9.05 18.49
N ILE C 203 -27.71 -9.20 19.52
CA ILE C 203 -28.97 -9.91 19.36
C ILE C 203 -30.16 -8.98 19.62
N TYR C 204 -31.15 -9.07 18.74
CA TYR C 204 -32.35 -8.22 18.81
C TYR C 204 -33.61 -9.04 18.85
N LYS C 205 -34.60 -8.58 19.60
CA LYS C 205 -35.88 -9.30 19.65
C LYS C 205 -36.80 -8.75 18.59
N LEU C 206 -37.21 -9.61 17.66
CA LEU C 206 -38.11 -9.22 16.57
C LEU C 206 -39.57 -9.37 16.96
N SER C 207 -39.86 -10.44 17.71
CA SER C 207 -41.19 -10.74 18.21
C SER C 207 -41.02 -11.82 19.29
N ASP C 208 -42.13 -12.32 19.85
CA ASP C 208 -42.05 -13.44 20.79
C ASP C 208 -41.24 -14.59 20.15
N LYS C 209 -40.23 -15.09 20.84
CA LYS C 209 -39.47 -16.25 20.31
C LYS C 209 -38.82 -16.11 18.92
N GLU C 210 -38.71 -14.89 18.40
CA GLU C 210 -38.01 -14.64 17.14
C GLU C 210 -36.99 -13.53 17.30
N PHE C 211 -35.75 -13.78 16.87
CA PHE C 211 -34.65 -12.90 17.14
C PHE C 211 -33.81 -12.72 15.89
N LEU C 212 -33.07 -11.60 15.85
CA LEU C 212 -32.06 -11.39 14.83
C LEU C 212 -30.69 -11.38 15.52
N ALA C 213 -29.80 -12.24 15.04
CA ALA C 213 -28.40 -12.20 15.46
C ALA C 213 -27.56 -11.57 14.35
N ILE C 214 -26.86 -10.51 14.71
CA ILE C 214 -25.93 -9.84 13.81
C ILE C 214 -24.51 -10.19 14.24
N VAL C 215 -23.76 -10.80 13.32
CA VAL C 215 -22.56 -11.57 13.71
C VAL C 215 -21.36 -11.23 12.83
N ASP C 216 -20.24 -10.94 13.49
CA ASP C 216 -18.94 -10.93 12.82
C ASP C 216 -18.15 -12.12 13.30
N LEU C 217 -17.52 -12.83 12.36
CA LEU C 217 -16.80 -14.03 12.71
C LEU C 217 -15.61 -14.19 11.76
N ASN C 218 -14.72 -15.12 12.05
CA ASN C 218 -13.67 -15.42 11.11
C ASN C 218 -13.44 -16.92 10.96
N VAL C 219 -12.97 -17.31 9.78
CA VAL C 219 -12.69 -18.72 9.48
C VAL C 219 -11.33 -18.80 8.81
N ASP C 220 -10.75 -20.00 8.79
CA ASP C 220 -9.48 -20.21 8.13
C ASP C 220 -9.63 -20.92 6.79
N SER C 221 -8.88 -20.47 5.79
CA SER C 221 -8.70 -21.17 4.51
C SER C 221 -7.20 -21.19 4.25
N PHE C 222 -6.64 -22.39 4.07
CA PHE C 222 -5.20 -22.56 3.81
C PHE C 222 -4.29 -21.73 4.72
N GLY C 223 -4.57 -21.75 6.03
CA GLY C 223 -3.65 -21.13 6.99
C GLY C 223 -3.79 -19.64 7.24
N ASN C 224 -4.78 -18.99 6.61
CA ASN C 224 -5.05 -17.56 6.83
C ASN C 224 -6.50 -17.28 7.19
N ALA C 225 -6.71 -16.31 8.07
CA ALA C 225 -8.04 -16.00 8.56
C ALA C 225 -8.72 -15.01 7.63
N ILE C 226 -10.01 -15.22 7.43
CA ILE C 226 -10.81 -14.25 6.65
C ILE C 226 -12.07 -13.90 7.41
N LYS C 227 -12.40 -12.61 7.41
CA LYS C 227 -13.55 -12.14 8.19
C LYS C 227 -14.82 -12.34 7.38
N GLN C 228 -15.91 -12.57 8.10
CA GLN C 228 -17.23 -12.77 7.51
C GLN C 228 -18.22 -12.00 8.36
N GLY C 229 -19.31 -11.57 7.76
CA GLY C 229 -20.37 -10.86 8.49
C GLY C 229 -21.72 -11.42 8.04
N PHE C 230 -22.62 -11.68 8.98
CA PHE C 230 -23.95 -12.18 8.64
C PHE C 230 -25.03 -11.58 9.54
N ASN C 231 -26.28 -11.63 9.10
CA ASN C 231 -27.39 -11.56 10.04
C ASN C 231 -28.25 -12.82 9.86
N LEU C 232 -28.75 -13.35 10.99
CA LEU C 232 -29.55 -14.58 10.98
C LEU C 232 -30.81 -14.38 11.80
N THR C 233 -31.95 -14.77 11.25
CA THR C 233 -33.16 -14.90 12.07
C THR C 233 -33.13 -16.24 12.77
N VAL C 234 -33.34 -16.21 14.09
CA VAL C 234 -33.21 -17.36 14.98
C VAL C 234 -34.53 -17.47 15.71
N VAL C 235 -35.08 -18.69 15.78
CA VAL C 235 -36.39 -18.86 16.42
C VAL C 235 -36.32 -19.82 17.59
N GLN C 236 -37.07 -19.54 18.64
CA GLN C 236 -37.03 -20.39 19.80
C GLN C 236 -37.99 -21.55 19.56
N GLU C 237 -37.51 -22.78 19.74
CA GLU C 237 -38.41 -23.94 19.82
C GLU C 237 -38.08 -24.70 21.08
N GLY C 238 -38.98 -24.64 22.05
CA GLY C 238 -38.71 -25.28 23.35
C GLY C 238 -37.48 -24.61 23.94
N ASP C 239 -36.47 -25.42 24.23
CA ASP C 239 -35.23 -24.90 24.84
C ASP C 239 -34.16 -24.64 23.79
N LYS C 240 -34.48 -24.90 22.53
CA LYS C 240 -33.50 -24.71 21.45
C LYS C 240 -33.72 -23.41 20.71
N PHE C 241 -32.70 -22.95 20.00
CA PHE C 241 -32.86 -21.84 19.08
C PHE C 241 -32.41 -22.32 17.71
N LEU C 242 -33.30 -22.22 16.72
CA LEU C 242 -33.00 -22.73 15.37
C LEU C 242 -32.81 -21.61 14.38
N VAL C 243 -31.98 -21.87 13.36
CA VAL C 243 -31.69 -20.85 12.36
C VAL C 243 -32.75 -20.86 11.25
N LYS C 244 -33.35 -19.70 10.97
CA LYS C 244 -34.41 -19.58 9.95
C LYS C 244 -33.93 -18.92 8.64
N THR C 245 -33.02 -17.96 8.74
CA THR C 245 -32.48 -17.25 7.59
C THR C 245 -31.00 -17.04 7.80
N LEU C 246 -30.27 -16.88 6.71
CA LEU C 246 -28.86 -16.55 6.79
C LEU C 246 -28.53 -15.61 5.64
N GLU C 247 -28.11 -14.38 5.96
CA GLU C 247 -27.87 -13.37 4.92
C GLU C 247 -26.56 -12.67 5.24
N PRO C 248 -25.87 -12.17 4.22
CA PRO C 248 -24.75 -11.27 4.49
C PRO C 248 -25.28 -9.90 4.97
N ARG C 249 -24.37 -9.03 5.38
CA ARG C 249 -24.62 -7.66 5.93
C ARG C 249 -24.81 -7.66 7.42
N THR C 250 -24.18 -6.69 8.07
CA THR C 250 -24.36 -6.50 9.50
C THR C 250 -24.91 -5.13 9.81
N SER C 251 -25.34 -4.44 8.75
CA SER C 251 -26.01 -3.14 8.83
C SER C 251 -26.65 -2.96 7.47
N ASN C 252 -27.41 -1.89 7.30
CA ASN C 252 -28.23 -1.68 6.08
C ASN C 252 -29.10 -2.89 5.80
N ILE C 253 -29.75 -3.36 6.86
CA ILE C 253 -30.47 -4.63 6.83
C ILE C 253 -31.91 -4.35 6.45
N ASP C 254 -32.51 -5.27 5.70
CA ASP C 254 -33.92 -5.20 5.34
C ASP C 254 -34.48 -6.59 5.53
N LEU C 255 -35.36 -6.75 6.50
CA LEU C 255 -35.93 -8.05 6.80
C LEU C 255 -37.19 -8.39 5.99
N ASN C 256 -37.60 -7.48 5.10
CA ASN C 256 -38.79 -7.71 4.27
C ASN C 256 -38.57 -8.57 3.02
N SER D 6 25.10 9.62 30.33
CA SER D 6 25.68 10.97 30.67
C SER D 6 27.03 11.27 30.03
N LEU D 7 28.07 10.51 30.41
CA LEU D 7 29.17 10.30 29.46
C LEU D 7 28.54 9.72 28.17
N GLU D 8 27.68 8.70 28.31
CA GLU D 8 27.03 8.11 27.12
C GLU D 8 26.18 9.18 26.44
N THR D 9 25.43 9.94 27.23
CA THR D 9 24.53 10.97 26.65
C THR D 9 25.32 12.03 25.89
N GLN D 10 26.40 12.52 26.49
CA GLN D 10 27.22 13.54 25.85
C GLN D 10 27.95 12.95 24.63
N ALA D 11 28.44 11.72 24.77
CA ALA D 11 29.20 11.09 23.68
C ALA D 11 28.27 10.82 22.50
N PHE D 12 27.02 10.44 22.79
CA PHE D 12 26.05 10.22 21.73
C PHE D 12 25.84 11.49 20.90
N SER D 13 25.63 12.63 21.56
CA SER D 13 25.41 13.86 20.79
C SER D 13 26.67 14.25 20.01
N PHE D 14 27.84 14.07 20.64
CA PHE D 14 29.11 14.36 19.93
C PHE D 14 29.26 13.52 18.66
N ALA D 15 28.99 12.22 18.80
CA ALA D 15 29.10 11.29 17.67
C ALA D 15 28.10 11.64 16.56
N GLU D 16 26.88 12.03 16.94
CA GLU D 16 25.87 12.46 15.98
C GLU D 16 26.31 13.71 15.20
N GLU D 17 26.84 14.69 15.91
CA GLU D 17 27.30 15.94 15.28
C GLU D 17 28.44 15.64 14.29
N PHE D 18 29.41 14.86 14.77
CA PHE D 18 30.53 14.47 13.94
C PHE D 18 30.03 13.72 12.69
N ALA D 19 29.09 12.78 12.89
CA ALA D 19 28.63 11.95 11.79
C ALA D 19 27.92 12.81 10.76
N TRP D 20 27.23 13.86 11.20
CA TRP D 20 26.57 14.77 10.25
C TRP D 20 27.61 15.35 9.29
N ASP D 21 28.71 15.84 9.84
CA ASP D 21 29.75 16.39 8.98
C ASP D 21 30.53 15.33 8.19
N TYR D 22 30.72 14.16 8.80
CA TYR D 22 31.44 13.05 8.15
C TYR D 22 30.75 12.63 6.85
N PHE D 23 29.41 12.68 6.83
CA PHE D 23 28.67 12.25 5.63
C PHE D 23 28.21 13.39 4.73
N SER D 24 28.70 14.62 5.00
CA SER D 24 28.41 15.76 4.16
C SER D 24 29.67 16.04 3.34
N ARG D 25 29.61 15.74 2.05
CA ARG D 25 30.85 15.72 1.23
C ARG D 25 30.53 16.31 -0.14
N TYR D 26 31.41 17.20 -0.61
CA TYR D 26 31.20 17.97 -1.85
C TYR D 26 32.53 17.89 -2.63
N PRO D 27 32.57 17.08 -3.70
CA PRO D 27 33.85 16.81 -4.35
C PRO D 27 34.42 17.98 -5.17
N SER D 28 33.62 19.00 -5.41
CA SER D 28 34.09 20.22 -6.07
C SER D 28 34.96 21.06 -5.13
N ASP D 29 34.84 20.84 -3.83
CA ASP D 29 35.61 21.63 -2.86
C ASP D 29 35.83 20.77 -1.61
N THR D 30 36.78 19.84 -1.69
CA THR D 30 37.00 18.91 -0.57
C THR D 30 37.58 19.58 0.66
N GLN D 31 38.14 20.79 0.50
CA GLN D 31 38.53 21.55 1.67
C GLN D 31 37.36 21.92 2.58
N ASP D 32 36.13 21.96 2.05
CA ASP D 32 34.99 22.30 2.92
C ASP D 32 34.82 21.22 4.00
N PHE D 33 34.95 19.96 3.59
CA PHE D 33 34.95 18.85 4.54
C PHE D 33 36.07 18.99 5.58
N VAL D 34 37.28 19.30 5.12
CA VAL D 34 38.40 19.43 6.06
C VAL D 34 38.10 20.52 7.11
N ARG D 35 37.60 21.66 6.67
CA ARG D 35 37.25 22.77 7.58
C ARG D 35 36.24 22.36 8.64
N ARG D 36 35.20 21.65 8.21
CA ARG D 36 34.13 21.24 9.13
C ARG D 36 34.57 20.15 10.09
N ILE D 37 35.34 19.20 9.59
CA ILE D 37 35.68 18.01 10.36
C ILE D 37 36.79 18.31 11.36
N THR D 38 37.62 19.30 11.07
CA THR D 38 38.69 19.71 11.98
CA THR D 38 38.69 19.63 12.01
C THR D 38 38.13 20.21 13.31
N LYS D 39 36.85 20.58 13.33
CA LYS D 39 36.18 20.96 14.61
C LYS D 39 36.16 19.79 15.60
N TYR D 40 36.29 18.56 15.09
CA TYR D 40 36.17 17.34 15.92
C TYR D 40 37.44 16.54 16.10
N THR D 41 38.45 16.78 15.27
CA THR D 41 39.60 15.90 15.22
C THR D 41 40.83 16.66 14.69
N THR D 42 41.97 15.98 14.64
CA THR D 42 43.22 16.56 14.11
C THR D 42 43.15 16.84 12.62
N GLU D 43 44.01 17.76 12.13
CA GLU D 43 44.15 17.98 10.70
C GLU D 43 44.55 16.70 9.98
N GLN D 44 45.47 15.93 10.55
CA GLN D 44 45.94 14.69 9.92
C GLN D 44 44.78 13.72 9.74
N LEU D 45 44.00 13.52 10.81
CA LEU D 45 42.82 12.63 10.70
C LEU D 45 41.76 13.16 9.74
N ALA D 46 41.50 14.45 9.77
CA ALA D 46 40.51 15.03 8.84
C ALA D 46 40.86 14.73 7.37
N ASN D 47 42.15 14.87 7.03
CA ASN D 47 42.55 14.62 5.67
C ASN D 47 42.51 13.14 5.35
N GLU D 48 42.84 12.30 6.34
CA GLU D 48 42.78 10.86 6.10
C GLU D 48 41.35 10.40 5.85
N MSE D 49 40.39 11.08 6.47
CA MSE D 49 38.97 10.69 6.32
C MSE D 49 38.35 11.19 5.01
O MSE D 49 37.26 10.75 4.60
CB MSE D 49 38.14 11.26 7.47
CG MSE D 49 38.51 10.72 8.84
SE MSE D 49 37.38 11.67 10.08
CE MSE D 49 38.43 11.30 11.69
N ASN D 50 39.03 12.10 4.34
CA ASN D 50 38.40 12.73 3.19
C ASN D 50 38.44 11.80 2.01
N ASN D 51 37.50 11.99 1.10
CA ASN D 51 37.56 11.24 -0.15
C ASN D 51 36.78 11.98 -1.22
N GLY D 52 36.50 11.32 -2.34
CA GLY D 52 35.82 12.03 -3.43
C GLY D 52 34.32 11.77 -3.51
N THR D 53 33.71 11.32 -2.41
CA THR D 53 32.26 11.11 -2.37
C THR D 53 31.46 12.41 -2.45
N TYR D 54 30.24 12.33 -2.98
CA TYR D 54 29.28 13.43 -3.01
C TYR D 54 28.07 12.93 -2.22
N SER D 55 27.76 13.58 -1.10
CA SER D 55 26.70 13.09 -0.23
C SER D 55 26.21 14.15 0.73
N ASP D 56 24.96 14.01 1.18
CA ASP D 56 24.47 14.89 2.24
C ASP D 56 23.56 14.09 3.16
N VAL D 57 23.15 14.71 4.25
CA VAL D 57 22.61 13.96 5.37
C VAL D 57 21.15 14.25 5.62
N ILE D 58 20.41 13.17 5.93
CA ILE D 58 18.99 13.24 6.35
C ILE D 58 18.87 13.20 7.88
N TYR D 59 19.51 12.23 8.54
CA TYR D 59 19.60 12.22 10.01
C TYR D 59 20.82 11.47 10.50
N THR D 60 21.21 11.75 11.75
CA THR D 60 22.20 10.92 12.43
C THR D 60 21.65 10.55 13.82
N SER D 61 21.89 9.31 14.21
CA SER D 61 21.24 8.77 15.40
C SER D 61 22.16 7.81 16.10
N ALA D 62 22.66 8.18 17.28
CA ALA D 62 23.59 7.28 17.98
C ALA D 62 22.80 6.13 18.62
N PHE D 63 23.26 4.89 18.42
CA PHE D 63 22.48 3.75 18.90
C PHE D 63 23.18 2.77 19.83
N TYR D 64 24.51 2.82 19.91
CA TYR D 64 25.24 1.85 20.71
C TYR D 64 26.47 2.51 21.32
N PHE D 65 26.77 2.12 22.56
CA PHE D 65 27.85 2.70 23.35
C PHE D 65 28.74 1.57 23.92
N GLU D 66 30.05 1.74 23.73
CA GLU D 66 31.08 0.85 24.29
C GLU D 66 32.14 1.69 24.99
N LYS D 67 32.37 1.43 26.27
CA LYS D 67 33.50 2.07 26.95
C LYS D 67 34.74 1.26 26.60
N TYR D 68 35.78 1.93 26.09
CA TYR D 68 36.97 1.26 25.58
C TYR D 68 38.14 1.32 26.57
N SER D 69 38.30 2.48 27.20
CA SER D 69 39.34 2.68 28.23
C SER D 69 38.81 3.73 29.22
N GLU D 70 39.60 4.05 30.25
CA GLU D 70 39.19 5.08 31.20
C GLU D 70 38.87 6.44 30.53
N ASN D 71 39.43 6.70 29.34
CA ASN D 71 39.11 7.96 28.66
C ASN D 71 38.76 7.84 27.17
N GLN D 72 38.31 6.66 26.74
CA GLN D 72 37.96 6.44 25.33
C GLN D 72 36.68 5.63 25.25
N VAL D 73 35.82 6.02 24.33
CA VAL D 73 34.59 5.28 24.08
C VAL D 73 34.43 5.07 22.56
N ASN D 74 33.54 4.17 22.20
CA ASN D 74 33.18 3.99 20.78
C ASN D 74 31.67 4.13 20.71
N VAL D 75 31.20 5.00 19.82
CA VAL D 75 29.75 5.24 19.68
C VAL D 75 29.35 4.87 18.27
N SER D 76 28.40 3.94 18.13
CA SER D 76 27.86 3.61 16.82
C SER D 76 26.68 4.51 16.49
N VAL D 77 26.70 5.03 15.27
CA VAL D 77 25.73 6.01 14.79
C VAL D 77 25.11 5.50 13.50
N LYS D 78 23.78 5.53 13.44
CA LYS D 78 23.07 5.26 12.21
C LYS D 78 22.89 6.58 11.48
N ALA D 79 23.32 6.63 10.21
CA ALA D 79 23.18 7.86 9.44
C ALA D 79 22.44 7.58 8.18
N ARG D 80 21.32 8.27 8.00
CA ARG D 80 20.57 8.20 6.76
C ARG D 80 21.06 9.32 5.85
N VAL D 81 21.52 8.93 4.66
CA VAL D 81 22.34 9.81 3.82
C VAL D 81 21.85 9.66 2.38
N ARG D 82 21.96 10.74 1.61
CA ARG D 82 21.84 10.67 0.17
C ARG D 82 23.23 10.62 -0.41
N VAL D 83 23.51 9.58 -1.22
CA VAL D 83 24.81 9.46 -1.87
C VAL D 83 24.57 9.66 -3.37
N TYR D 84 25.32 10.57 -3.97
CA TYR D 84 25.10 10.91 -5.39
C TYR D 84 26.15 10.25 -6.25
N THR D 85 25.70 9.39 -7.17
CA THR D 85 26.60 8.65 -8.05
C THR D 85 26.42 9.10 -9.49
N PRO D 86 27.54 9.20 -10.26
CA PRO D 86 27.38 9.63 -11.65
C PRO D 86 26.44 8.71 -12.40
N LYS D 87 25.54 9.31 -13.18
CA LYS D 87 24.74 8.55 -14.13
C LYS D 87 25.64 7.70 -15.03
N ALA D 88 25.09 6.58 -15.50
CA ALA D 88 25.83 5.66 -16.36
C ALA D 88 26.34 6.35 -17.62
N GLY D 89 27.44 5.85 -18.15
CA GLY D 89 27.95 6.33 -19.42
C GLY D 89 28.77 7.60 -19.35
N GLN D 90 29.26 7.93 -18.17
CA GLN D 90 30.03 9.17 -17.98
C GLN D 90 31.46 8.88 -17.57
N GLU D 91 31.96 7.70 -17.93
CA GLU D 91 33.34 7.32 -17.61
C GLU D 91 34.36 8.30 -18.13
N GLN D 92 34.08 8.96 -19.26
CA GLN D 92 35.02 9.91 -19.83
C GLN D 92 34.66 11.39 -19.62
N THR D 93 33.62 11.66 -18.84
CA THR D 93 33.12 13.01 -18.62
C THR D 93 33.89 13.69 -17.48
N PRO D 94 34.36 14.94 -17.71
CA PRO D 94 34.99 15.72 -16.64
C PRO D 94 34.08 15.84 -15.41
N GLN D 95 34.69 15.82 -14.23
CA GLN D 95 33.93 15.88 -12.98
C GLN D 95 32.91 17.04 -12.91
N ASP D 96 33.29 18.22 -13.44
CA ASP D 96 32.39 19.39 -13.40
C ASP D 96 31.12 19.32 -14.26
N GLN D 97 31.05 18.35 -15.17
CA GLN D 97 29.86 18.19 -16.02
C GLN D 97 29.01 16.98 -15.61
N LEU D 98 29.38 16.31 -14.53
CA LEU D 98 28.66 15.09 -14.15
C LEU D 98 27.20 15.35 -13.76
N GLN D 99 26.29 14.54 -14.30
CA GLN D 99 24.93 14.39 -13.80
C GLN D 99 24.84 13.16 -12.90
N TYR D 100 24.04 13.27 -11.83
CA TYR D 100 24.02 12.28 -10.75
C TYR D 100 22.67 11.62 -10.52
N ASP D 101 22.69 10.37 -10.06
CA ASP D 101 21.52 9.69 -9.50
C ASP D 101 21.61 9.82 -7.97
N THR D 102 20.48 9.72 -7.30
CA THR D 102 20.46 9.82 -5.84
C THR D 102 20.24 8.44 -5.26
N ASN D 103 21.14 8.01 -4.37
CA ASN D 103 20.97 6.74 -3.65
C ASN D 103 20.62 7.05 -2.20
N LEU D 104 19.54 6.48 -1.70
CA LEU D 104 19.22 6.68 -0.30
C LEU D 104 19.87 5.54 0.47
N VAL D 105 20.71 5.85 1.46
CA VAL D 105 21.56 4.83 2.13
C VAL D 105 21.51 4.99 3.64
N ASP D 106 21.42 3.89 4.39
CA ASP D 106 21.62 3.92 5.84
C ASP D 106 23.00 3.37 6.15
N TYR D 107 23.84 4.23 6.73
CA TYR D 107 25.18 3.81 7.14
C TYR D 107 25.25 3.58 8.65
N TYR D 108 26.21 2.75 9.07
CA TYR D 108 26.40 2.44 10.50
C TYR D 108 27.87 2.69 10.79
N LEU D 109 28.12 3.78 11.50
CA LEU D 109 29.48 4.31 11.69
C LEU D 109 29.87 4.20 13.13
N GLU D 110 30.97 3.50 13.40
CA GLU D 110 31.49 3.44 14.74
C GLU D 110 32.50 4.58 14.93
N VAL D 111 32.20 5.46 15.87
CA VAL D 111 32.99 6.70 16.06
C VAL D 111 33.84 6.59 17.32
N PRO D 112 35.17 6.57 17.15
CA PRO D 112 36.06 6.48 18.31
C PRO D 112 36.31 7.86 18.90
N ILE D 113 36.04 8.00 20.20
CA ILE D 113 36.06 9.29 20.88
C ILE D 113 36.99 9.19 22.09
N VAL D 114 37.83 10.21 22.26
CA VAL D 114 38.61 10.36 23.49
C VAL D 114 38.08 11.57 24.23
N PHE D 115 38.21 11.56 25.55
CA PHE D 115 37.84 12.72 26.33
C PHE D 115 38.91 13.06 27.34
N ASP D 116 39.02 14.34 27.68
CA ASP D 116 39.96 14.75 28.71
C ASP D 116 39.30 14.85 30.10
N LYS D 117 40.09 15.28 31.09
CA LYS D 117 39.59 15.39 32.47
C LYS D 117 38.35 16.28 32.59
N ASP D 118 38.21 17.23 31.67
CA ASP D 118 37.09 18.17 31.69
C ASP D 118 35.93 17.74 30.79
N MSE D 119 35.98 16.50 30.34
CA MSE D 119 34.99 15.94 29.42
C MSE D 119 34.89 16.66 28.06
O MSE D 119 33.87 16.57 27.38
CB MSE D 119 33.61 15.80 30.08
CG MSE D 119 33.49 14.62 31.03
SE MSE D 119 31.94 14.85 32.20
CE MSE D 119 32.57 16.45 33.17
N ASN D 120 35.94 17.38 27.66
CA ASN D 120 36.06 17.81 26.26
C ASN D 120 36.34 16.58 25.43
N MSE D 121 35.86 16.57 24.18
CA MSE D 121 35.97 15.36 23.37
C MSE D 121 36.68 15.60 22.03
O MSE D 121 36.71 16.70 21.55
CB MSE D 121 34.56 14.79 23.07
CG MSE D 121 33.96 14.13 24.30
SE MSE D 121 32.09 13.70 24.03
CE MSE D 121 31.44 15.48 24.03
N ALA D 122 37.23 14.55 21.47
CA ALA D 122 37.71 14.58 20.10
C ALA D 122 37.56 13.18 19.51
N VAL D 123 37.42 13.12 18.19
CA VAL D 123 37.49 11.83 17.50
C VAL D 123 38.98 11.48 17.37
N ASP D 124 39.39 10.33 17.93
CA ASP D 124 40.85 10.04 18.03
C ASP D 124 41.36 8.99 17.04
N ALA D 125 40.54 8.60 16.09
CA ALA D 125 40.91 7.61 15.06
C ALA D 125 39.92 7.65 13.93
N LEU D 126 40.24 6.94 12.84
CA LEU D 126 39.31 6.83 11.74
C LEU D 126 38.07 6.10 12.23
N PRO D 127 36.89 6.65 11.94
CA PRO D 127 35.67 5.87 12.22
C PRO D 127 35.54 4.72 11.23
N VAL D 128 34.77 3.70 11.57
CA VAL D 128 34.70 2.53 10.69
C VAL D 128 33.27 2.10 10.52
N MSE D 129 33.00 1.40 9.41
CA MSE D 129 31.67 0.86 9.20
C MSE D 129 31.45 -0.38 10.08
O MSE D 129 32.33 -1.24 10.19
CB MSE D 129 31.40 0.55 7.74
CG MSE D 129 31.56 1.73 6.85
SE MSE D 129 30.29 3.18 7.33
CE MSE D 129 30.65 4.24 5.75
N THR D 130 30.29 -0.42 10.76
CA THR D 130 30.06 -1.37 11.81
C THR D 130 28.70 -2.07 11.62
N ALA D 131 28.38 -2.96 12.53
CA ALA D 131 27.14 -3.74 12.44
C ALA D 131 25.92 -2.85 12.73
N PRO D 132 24.81 -3.13 12.04
CA PRO D 132 23.54 -2.45 12.30
C PRO D 132 22.89 -3.00 13.57
N PRO D 133 21.86 -2.30 14.07
CA PRO D 133 21.05 -2.86 15.16
C PRO D 133 20.51 -4.21 14.71
N GLU D 134 20.21 -5.07 15.67
CA GLU D 134 19.53 -6.32 15.31
C GLU D 134 18.27 -6.42 16.16
N LYS D 135 17.19 -6.94 15.60
CA LYS D 135 15.91 -6.97 16.32
C LYS D 135 15.89 -7.97 17.46
N ALA D 136 15.23 -7.60 18.56
CA ALA D 136 14.91 -8.52 19.63
C ALA D 136 13.81 -9.45 19.16
N TYR D 137 13.87 -10.68 19.66
CA TYR D 137 12.83 -11.67 19.41
C TYR D 137 11.65 -11.43 20.32
N PHE D 138 10.44 -11.55 19.79
CA PHE D 138 9.25 -11.59 20.64
C PHE D 138 8.21 -12.52 20.03
N LYS D 139 7.45 -13.17 20.90
CA LYS D 139 6.36 -14.01 20.42
C LYS D 139 5.08 -13.56 21.09
N ASN D 140 4.07 -13.29 20.25
CA ASN D 140 2.74 -12.89 20.68
C ASN D 140 2.20 -13.82 21.75
N LYS D 141 1.70 -13.25 22.82
CA LYS D 141 0.99 -14.04 23.82
C LYS D 141 -0.29 -13.33 24.12
N GLU D 142 -1.39 -13.95 23.71
CA GLU D 142 -2.71 -13.38 23.97
C GLU D 142 -2.92 -13.33 25.47
N PHE D 143 -3.71 -12.36 25.91
CA PHE D 143 -3.99 -12.19 27.33
C PHE D 143 -4.61 -13.45 27.93
N SER D 144 -4.01 -13.93 29.00
CA SER D 144 -4.52 -15.07 29.72
C SER D 144 -5.32 -14.55 30.90
N GLY D 145 -6.61 -14.43 30.70
CA GLY D 145 -7.53 -14.03 31.75
C GLY D 145 -8.87 -14.66 31.45
N THR D 146 -9.84 -14.37 32.31
CA THR D 146 -11.16 -14.94 32.17
C THR D 146 -12.01 -14.00 31.33
N SER D 147 -12.42 -14.50 30.19
CA SER D 147 -13.16 -13.71 29.24
C SER D 147 -14.54 -13.39 29.75
N GLU D 148 -14.96 -12.15 29.54
CA GLU D 148 -16.32 -11.73 29.84
C GLU D 148 -17.16 -11.96 28.57
N ASN D 149 -18.10 -12.89 28.65
CA ASN D 149 -18.93 -13.25 27.50
C ASN D 149 -20.41 -12.84 27.62
N ASP D 150 -20.82 -12.32 28.78
CA ASP D 150 -22.18 -11.79 29.01
C ASP D 150 -22.51 -10.67 28.01
N ALA D 151 -23.60 -10.83 27.26
CA ALA D 151 -23.96 -9.85 26.24
C ALA D 151 -24.15 -8.46 26.83
N ASP D 152 -24.85 -8.39 27.96
CA ASP D 152 -25.19 -7.11 28.57
C ASP D 152 -23.96 -6.28 28.93
N LYS D 153 -23.06 -6.86 29.73
CA LYS D 153 -21.85 -6.15 30.12
C LYS D 153 -20.96 -5.85 28.92
N THR D 154 -20.81 -6.80 28.00
CA THR D 154 -20.04 -6.61 26.77
C THR D 154 -20.48 -5.34 26.06
N LYS D 155 -21.80 -5.17 25.90
CA LYS D 155 -22.35 -4.02 25.21
C LYS D 155 -22.13 -2.68 25.92
N LYS D 156 -22.43 -2.64 27.23
CA LYS D 156 -22.22 -1.43 28.04
C LYS D 156 -20.74 -1.03 28.04
N ILE D 157 -19.86 -2.00 28.24
CA ILE D 157 -18.42 -1.75 28.17
C ILE D 157 -17.96 -1.25 26.79
N THR D 158 -18.39 -1.92 25.72
CA THR D 158 -18.01 -1.53 24.37
C THR D 158 -18.44 -0.10 24.06
N ASP D 159 -19.68 0.23 24.40
CA ASP D 159 -20.21 1.57 24.18
C ASP D 159 -19.42 2.60 25.00
N SER D 160 -19.14 2.31 26.27
CA SER D 160 -18.38 3.22 27.11
C SER D 160 -16.97 3.49 26.56
N VAL D 161 -16.32 2.40 26.12
CA VAL D 161 -14.96 2.49 25.57
C VAL D 161 -14.99 3.25 24.23
N SER D 162 -16.02 3.00 23.43
CA SER D 162 -16.15 3.72 22.18
C SER D 162 -16.34 5.23 22.39
N GLN D 163 -17.14 5.60 23.39
CA GLN D 163 -17.37 7.01 23.68
C GLN D 163 -16.09 7.66 24.21
N PHE D 164 -15.36 6.92 25.05
CA PHE D 164 -14.09 7.41 25.58
C PHE D 164 -13.11 7.69 24.43
N PHE D 165 -13.00 6.77 23.47
CA PHE D 165 -12.04 7.01 22.39
C PHE D 165 -12.46 8.17 21.47
N LYS D 166 -13.76 8.37 21.28
CA LYS D 166 -14.18 9.55 20.52
C LYS D 166 -13.68 10.82 21.20
N ALA D 167 -13.81 10.88 22.53
CA ALA D 167 -13.35 12.04 23.30
C ALA D 167 -11.82 12.16 23.30
N TYR D 168 -11.15 11.03 23.48
CA TYR D 168 -9.68 10.97 23.52
C TYR D 168 -9.08 11.55 22.25
N TYR D 169 -9.67 11.20 21.13
CA TYR D 169 -9.17 11.65 19.84
C TYR D 169 -9.64 13.04 19.41
N GLU D 170 -10.84 13.45 19.85
CA GLU D 170 -11.50 14.62 19.23
C GLU D 170 -11.78 15.77 20.20
N GLN D 171 -11.85 15.48 21.50
CA GLN D 171 -12.41 16.45 22.46
C GLN D 171 -11.41 16.98 23.49
N ASN D 172 -11.81 18.01 24.24
CA ASN D 172 -10.92 18.59 25.24
C ASN D 172 -10.85 17.74 26.53
N GLN D 173 -9.93 18.07 27.42
CA GLN D 173 -9.71 17.29 28.62
C GLN D 173 -10.93 17.27 29.53
N THR D 174 -11.68 18.37 29.56
CA THR D 174 -12.92 18.42 30.36
C THR D 174 -13.91 17.33 29.91
N GLN D 175 -14.06 17.20 28.60
CA GLN D 175 -14.94 16.20 27.99
C GLN D 175 -14.40 14.79 28.24
N ILE D 176 -13.09 14.63 28.08
CA ILE D 176 -12.43 13.35 28.34
C ILE D 176 -12.63 12.86 29.77
N ASP D 177 -12.50 13.78 30.72
CA ASP D 177 -12.53 13.44 32.15
C ASP D 177 -13.83 12.79 32.60
N TYR D 178 -14.93 13.10 31.92
CA TYR D 178 -16.22 12.46 32.21
C TYR D 178 -16.15 10.93 32.12
N PHE D 179 -15.20 10.43 31.33
CA PHE D 179 -15.11 9.00 31.05
C PHE D 179 -14.14 8.24 31.96
N LEU D 180 -13.48 8.97 32.85
CA LEU D 180 -12.36 8.44 33.63
C LEU D 180 -12.75 8.25 35.09
N VAL D 181 -12.18 7.23 35.73
CA VAL D 181 -12.24 7.10 37.18
C VAL D 181 -11.57 8.33 37.82
N ASP D 182 -12.01 8.71 39.02
CA ASP D 182 -11.44 9.88 39.71
C ASP D 182 -9.92 9.72 39.81
N GLY D 183 -9.19 10.76 39.41
CA GLY D 183 -7.73 10.75 39.49
C GLY D 183 -6.96 10.00 38.40
N ALA D 184 -7.64 9.28 37.50
CA ALA D 184 -6.97 8.63 36.37
C ALA D 184 -6.22 9.70 35.59
N ASP D 185 -4.94 9.46 35.33
CA ASP D 185 -4.13 10.49 34.72
C ASP D 185 -3.99 10.21 33.23
N ILE D 186 -5.07 10.49 32.48
CA ILE D 186 -5.10 10.15 31.06
C ILE D 186 -5.41 11.37 30.19
N LYS D 187 -4.40 11.85 29.46
CA LYS D 187 -4.56 13.05 28.62
C LYS D 187 -4.86 12.65 27.19
N GLY D 188 -5.67 13.47 26.54
CA GLY D 188 -6.10 13.21 25.20
C GLY D 188 -5.01 13.44 24.19
N ALA D 189 -5.32 13.02 22.98
CA ALA D 189 -4.40 13.10 21.87
C ALA D 189 -4.35 14.49 21.25
N GLY D 190 -4.88 15.51 21.91
CA GLY D 190 -4.88 16.89 21.39
C GLY D 190 -5.94 17.34 20.37
N GLN D 191 -7.06 16.62 20.29
CA GLN D 191 -8.18 16.98 19.42
C GLN D 191 -7.80 17.02 17.96
N LYS D 192 -7.01 16.06 17.54
CA LYS D 192 -6.47 16.15 16.22
C LYS D 192 -6.80 14.98 15.30
N PHE D 193 -7.73 14.11 15.69
CA PHE D 193 -8.07 12.99 14.81
C PHE D 193 -9.57 12.75 14.78
N SER D 194 -10.06 12.16 13.69
CA SER D 194 -11.46 11.73 13.65
C SER D 194 -11.53 10.27 14.01
N PHE D 195 -12.17 9.95 15.14
CA PHE D 195 -12.32 8.56 15.55
C PHE D 195 -13.27 7.84 14.61
N ASN D 196 -12.83 6.71 14.05
CA ASN D 196 -13.71 5.98 13.13
C ASN D 196 -14.54 4.94 13.88
N LYS D 197 -13.91 3.87 14.33
CA LYS D 197 -14.63 2.83 15.05
C LYS D 197 -13.70 1.85 15.73
N ILE D 198 -14.27 1.10 16.67
CA ILE D 198 -13.58 -0.05 17.25
C ILE D 198 -13.73 -1.20 16.25
N ASP D 199 -12.62 -1.83 15.91
CA ASP D 199 -12.62 -2.92 14.95
C ASP D 199 -12.73 -4.28 15.64
N ARG D 200 -12.14 -4.38 16.83
CA ARG D 200 -12.13 -5.63 17.57
C ARG D 200 -12.07 -5.28 19.03
N ILE D 201 -12.87 -5.95 19.84
CA ILE D 201 -12.72 -5.80 21.28
C ILE D 201 -12.89 -7.15 21.99
N ASN D 202 -11.97 -7.44 22.89
CA ASN D 202 -12.12 -8.58 23.78
C ASN D 202 -12.07 -8.09 25.20
N ILE D 203 -12.98 -8.60 26.03
CA ILE D 203 -13.14 -8.11 27.40
C ILE D 203 -12.91 -9.24 28.39
N TYR D 204 -12.19 -8.93 29.46
CA TYR D 204 -11.83 -9.91 30.49
C TYR D 204 -12.26 -9.39 31.84
N LYS D 205 -12.74 -10.28 32.69
CA LYS D 205 -13.12 -9.91 34.04
C LYS D 205 -11.93 -10.04 34.97
N LEU D 206 -11.51 -8.93 35.57
CA LEU D 206 -10.34 -8.93 36.48
C LEU D 206 -10.75 -9.20 37.92
N SER D 207 -11.85 -8.59 38.32
CA SER D 207 -12.44 -8.79 39.64
C SER D 207 -13.91 -8.45 39.51
N ASP D 208 -14.61 -8.44 40.63
CA ASP D 208 -16.05 -8.13 40.68
C ASP D 208 -16.41 -6.93 39.82
N LYS D 209 -15.70 -5.83 40.03
CA LYS D 209 -16.05 -4.54 39.42
C LYS D 209 -15.05 -4.05 38.35
N GLU D 210 -13.99 -4.82 38.10
CA GLU D 210 -12.93 -4.39 37.16
C GLU D 210 -12.74 -5.32 35.97
N PHE D 211 -12.48 -4.72 34.82
CA PHE D 211 -12.42 -5.44 33.55
C PHE D 211 -11.25 -4.91 32.74
N LEU D 212 -10.71 -5.77 31.89
CA LEU D 212 -9.72 -5.35 30.92
C LEU D 212 -10.34 -5.39 29.54
N ALA D 213 -10.29 -4.25 28.84
CA ALA D 213 -10.73 -4.16 27.44
C ALA D 213 -9.54 -4.12 26.52
N ILE D 214 -9.45 -5.06 25.59
CA ILE D 214 -8.35 -5.12 24.63
C ILE D 214 -8.95 -4.74 23.28
N VAL D 215 -8.42 -3.67 22.67
CA VAL D 215 -9.11 -2.96 21.61
C VAL D 215 -8.25 -2.65 20.39
N ASP D 216 -8.75 -3.03 19.21
CA ASP D 216 -8.22 -2.62 17.91
CA ASP D 216 -8.18 -2.53 17.98
C ASP D 216 -9.19 -1.58 17.38
N LEU D 217 -8.69 -0.45 16.91
CA LEU D 217 -9.55 0.60 16.37
C LEU D 217 -8.79 1.33 15.27
N ASN D 218 -9.47 2.23 14.57
CA ASN D 218 -8.78 3.07 13.62
C ASN D 218 -9.33 4.49 13.67
N VAL D 219 -8.49 5.46 13.32
CA VAL D 219 -8.86 6.87 13.30
C VAL D 219 -8.38 7.49 11.98
N ASP D 220 -8.92 8.65 11.63
CA ASP D 220 -8.50 9.31 10.41
C ASP D 220 -7.59 10.47 10.71
N SER D 221 -6.60 10.66 9.86
CA SER D 221 -5.75 11.84 9.93
C SER D 221 -5.59 12.27 8.49
N PHE D 222 -6.02 13.50 8.16
CA PHE D 222 -5.89 14.02 6.81
C PHE D 222 -6.39 13.05 5.74
N GLY D 223 -7.53 12.41 6.01
CA GLY D 223 -8.22 11.64 4.98
C GLY D 223 -7.78 10.20 4.81
N ASN D 224 -6.93 9.71 5.72
CA ASN D 224 -6.47 8.33 5.68
C ASN D 224 -6.55 7.70 7.07
N ALA D 225 -6.93 6.44 7.10
CA ALA D 225 -7.17 5.74 8.36
C ALA D 225 -5.84 5.17 8.89
N ILE D 226 -5.65 5.24 10.19
CA ILE D 226 -4.49 4.61 10.83
C ILE D 226 -4.95 3.68 11.95
N LYS D 227 -4.40 2.47 11.97
CA LYS D 227 -4.76 1.51 13.02
C LYS D 227 -4.10 1.83 14.34
N GLN D 228 -4.78 1.53 15.44
CA GLN D 228 -4.31 1.72 16.80
C GLN D 228 -4.68 0.48 17.59
N GLY D 229 -3.92 0.19 18.64
CA GLY D 229 -4.29 -0.92 19.53
C GLY D 229 -4.03 -0.49 20.95
N PHE D 230 -4.95 -0.80 21.84
CA PHE D 230 -4.82 -0.42 23.26
C PHE D 230 -5.33 -1.53 24.17
N ASN D 231 -4.90 -1.46 25.43
CA ASN D 231 -5.63 -2.14 26.49
C ASN D 231 -5.98 -1.12 27.57
N LEU D 232 -7.16 -1.29 28.17
CA LEU D 232 -7.71 -0.33 29.14
C LEU D 232 -8.31 -1.09 30.29
N THR D 233 -7.99 -0.68 31.51
CA THR D 233 -8.71 -1.17 32.69
C THR D 233 -9.93 -0.30 32.87
N VAL D 234 -11.09 -0.94 33.01
CA VAL D 234 -12.37 -0.27 33.12
C VAL D 234 -13.00 -0.69 34.44
N VAL D 235 -13.51 0.29 35.19
CA VAL D 235 -14.19 0.04 36.45
C VAL D 235 -15.69 0.26 36.30
N GLN D 236 -16.47 -0.73 36.71
CA GLN D 236 -17.91 -0.57 36.77
C GLN D 236 -18.23 0.29 37.99
N GLU D 237 -18.99 1.35 37.77
CA GLU D 237 -19.36 2.25 38.85
C GLU D 237 -20.82 2.62 38.65
N GLY D 238 -21.70 2.00 39.43
CA GLY D 238 -23.14 2.13 39.21
C GLY D 238 -23.48 1.58 37.84
N ASP D 239 -24.15 2.40 37.03
CA ASP D 239 -24.49 2.02 35.66
C ASP D 239 -23.41 2.46 34.67
N LYS D 240 -22.30 2.97 35.19
CA LYS D 240 -21.23 3.45 34.32
C LYS D 240 -20.03 2.52 34.28
N PHE D 241 -19.28 2.59 33.18
CA PHE D 241 -18.01 1.92 33.08
C PHE D 241 -16.94 2.95 32.75
N LEU D 242 -16.09 3.22 33.72
CA LEU D 242 -15.11 4.30 33.63
C LEU D 242 -13.69 3.76 33.35
N VAL D 243 -12.89 4.59 32.69
CA VAL D 243 -11.56 4.19 32.27
C VAL D 243 -10.54 4.52 33.36
N LYS D 244 -9.80 3.50 33.79
CA LYS D 244 -8.78 3.64 34.83
C LYS D 244 -7.37 3.74 34.26
N THR D 245 -7.09 2.96 33.20
CA THR D 245 -5.76 2.96 32.55
C THR D 245 -5.90 2.96 31.04
N LEU D 246 -4.85 3.43 30.36
CA LEU D 246 -4.79 3.36 28.91
C LEU D 246 -3.34 3.10 28.51
N GLU D 247 -3.11 1.99 27.83
CA GLU D 247 -1.76 1.58 27.45
C GLU D 247 -1.81 1.03 26.03
N PRO D 248 -0.73 1.17 25.27
CA PRO D 248 -0.65 0.42 24.02
C PRO D 248 -0.47 -1.08 24.31
N ARG D 249 -0.44 -1.87 23.24
CA ARG D 249 -0.33 -3.34 23.24
C ARG D 249 -1.68 -4.03 23.41
N THR D 250 -1.92 -5.04 22.58
CA THR D 250 -3.15 -5.86 22.70
C THR D 250 -2.76 -7.32 22.94
N SER D 251 -1.49 -7.57 23.18
CA SER D 251 -1.00 -8.90 23.60
C SER D 251 0.31 -8.63 24.36
N ASN D 252 0.89 -9.67 24.99
CA ASN D 252 2.08 -9.49 25.85
C ASN D 252 1.87 -8.38 26.88
N ILE D 253 0.71 -8.47 27.52
CA ILE D 253 0.26 -7.46 28.47
C ILE D 253 0.77 -7.79 29.86
N ASP D 254 1.11 -6.75 30.62
CA ASP D 254 1.51 -6.89 32.02
C ASP D 254 0.81 -5.81 32.83
N LEU D 255 -0.07 -6.23 33.74
CA LEU D 255 -0.89 -5.26 34.48
C LEU D 255 -0.23 -4.78 35.77
N ASN D 256 0.92 -5.35 36.09
CA ASN D 256 1.61 -5.06 37.35
C ASN D 256 2.07 -3.61 37.53
N ASN D 257 2.48 -2.97 36.43
CA ASN D 257 3.02 -1.61 36.51
C ASN D 257 4.05 -1.49 37.66
N LYS D 258 4.99 -2.45 37.69
CA LYS D 258 5.92 -2.60 38.81
C LYS D 258 6.97 -1.49 38.85
N SER E 5 -35.24 -13.47 -18.57
CA SER E 5 -33.89 -12.86 -18.52
C SER E 5 -33.02 -13.58 -17.50
N SER E 6 -33.55 -13.83 -16.30
CA SER E 6 -32.77 -14.43 -15.22
C SER E 6 -32.30 -15.84 -15.57
N LEU E 7 -33.17 -16.62 -16.20
CA LEU E 7 -32.81 -17.96 -16.71
C LEU E 7 -31.66 -17.86 -17.68
N GLU E 8 -31.75 -16.96 -18.65
CA GLU E 8 -30.71 -16.83 -19.67
C GLU E 8 -29.38 -16.41 -19.05
N THR E 9 -29.44 -15.45 -18.14
CA THR E 9 -28.22 -14.94 -17.50
C THR E 9 -27.51 -16.05 -16.70
N GLN E 10 -28.29 -16.79 -15.93
CA GLN E 10 -27.70 -17.83 -15.10
CA GLN E 10 -27.75 -17.88 -15.09
C GLN E 10 -27.25 -19.03 -15.96
N ALA E 11 -28.02 -19.33 -17.03
CA ALA E 11 -27.67 -20.42 -17.93
C ALA E 11 -26.35 -20.10 -18.64
N PHE E 12 -26.16 -18.84 -19.00
CA PHE E 12 -24.93 -18.41 -19.64
C PHE E 12 -23.72 -18.69 -18.76
N SER E 13 -23.78 -18.27 -17.49
CA SER E 13 -22.63 -18.50 -16.60
C SER E 13 -22.40 -19.99 -16.38
N PHE E 14 -23.46 -20.76 -16.23
CA PHE E 14 -23.35 -22.21 -16.04
C PHE E 14 -22.65 -22.87 -17.25
N ALA E 15 -23.09 -22.48 -18.45
CA ALA E 15 -22.53 -23.07 -19.67
C ALA E 15 -21.06 -22.69 -19.80
N GLU E 16 -20.72 -21.46 -19.43
CA GLU E 16 -19.32 -21.03 -19.49
C GLU E 16 -18.43 -21.81 -18.51
N GLU E 17 -18.93 -22.02 -17.29
CA GLU E 17 -18.20 -22.79 -16.28
C GLU E 17 -17.98 -24.22 -16.77
N PHE E 18 -19.06 -24.80 -17.29
CA PHE E 18 -19.00 -26.17 -17.82
C PHE E 18 -17.97 -26.23 -18.94
N ALA E 19 -18.05 -25.27 -19.87
CA ALA E 19 -17.12 -25.24 -21.02
C ALA E 19 -15.66 -25.12 -20.61
N TRP E 20 -15.37 -24.34 -19.57
CA TRP E 20 -14.01 -24.24 -19.06
C TRP E 20 -13.48 -25.64 -18.70
N ASP E 21 -14.27 -26.43 -18.00
CA ASP E 21 -13.81 -27.78 -17.65
C ASP E 21 -13.83 -28.73 -18.83
N TYR E 22 -14.79 -28.53 -19.75
CA TYR E 22 -14.92 -29.39 -20.92
C TYR E 22 -13.69 -29.32 -21.81
N PHE E 23 -13.10 -28.12 -21.88
CA PHE E 23 -11.93 -27.93 -22.73
C PHE E 23 -10.58 -27.95 -21.98
N SER E 24 -10.60 -28.36 -20.71
CA SER E 24 -9.38 -28.59 -19.95
C SER E 24 -9.18 -30.12 -19.85
N ARG E 25 -8.17 -30.64 -20.55
CA ARG E 25 -7.98 -32.08 -20.73
C ARG E 25 -6.49 -32.41 -20.62
N TYR E 26 -6.19 -33.48 -19.87
CA TYR E 26 -4.82 -33.87 -19.58
C TYR E 26 -4.76 -35.39 -19.81
N PRO E 27 -4.16 -35.82 -20.93
CA PRO E 27 -4.24 -37.24 -21.27
C PRO E 27 -3.43 -38.15 -20.33
N SER E 28 -2.57 -37.56 -19.49
CA SER E 28 -1.79 -38.37 -18.49
C SER E 28 -2.66 -38.80 -17.30
N ASP E 29 -3.83 -38.17 -17.15
CA ASP E 29 -4.72 -38.48 -16.03
C ASP E 29 -6.13 -38.09 -16.45
N THR E 30 -6.75 -38.94 -17.26
CA THR E 30 -8.09 -38.60 -17.80
C THR E 30 -9.17 -38.60 -16.71
N GLN E 31 -8.90 -39.23 -15.57
CA GLN E 31 -9.84 -39.17 -14.44
C GLN E 31 -10.01 -37.78 -13.90
N ASP E 32 -9.01 -36.92 -14.13
CA ASP E 32 -9.09 -35.55 -13.67
C ASP E 32 -10.27 -34.82 -14.34
N PHE E 33 -10.40 -35.03 -15.64
CA PHE E 33 -11.53 -34.52 -16.38
C PHE E 33 -12.83 -35.07 -15.83
N VAL E 34 -12.90 -36.37 -15.58
CA VAL E 34 -14.14 -36.99 -15.06
C VAL E 34 -14.51 -36.34 -13.71
N ARG E 35 -13.54 -36.22 -12.80
CA ARG E 35 -13.79 -35.55 -11.50
C ARG E 35 -14.43 -34.17 -11.67
N ARG E 36 -13.79 -33.34 -12.50
CA ARG E 36 -14.24 -31.95 -12.70
C ARG E 36 -15.61 -31.89 -13.39
N ILE E 37 -15.80 -32.72 -14.42
CA ILE E 37 -17.02 -32.64 -15.24
C ILE E 37 -18.24 -33.20 -14.53
N THR E 38 -18.01 -34.14 -13.60
CA THR E 38 -19.07 -34.73 -12.79
C THR E 38 -19.77 -33.68 -11.88
N LYS E 39 -19.12 -32.54 -11.68
CA LYS E 39 -19.76 -31.40 -11.00
C LYS E 39 -20.98 -30.88 -11.75
N TYR E 40 -21.04 -31.16 -13.07
CA TYR E 40 -22.06 -30.58 -13.95
C TYR E 40 -23.03 -31.56 -14.52
N THR E 41 -22.67 -32.85 -14.48
CA THR E 41 -23.40 -33.86 -15.24
C THR E 41 -23.22 -35.24 -14.62
N THR E 42 -23.83 -36.27 -15.21
CA THR E 42 -23.71 -37.61 -14.69
C THR E 42 -22.32 -38.17 -14.93
N GLU E 43 -21.90 -39.10 -14.06
CA GLU E 43 -20.61 -39.74 -14.29
C GLU E 43 -20.63 -40.50 -15.65
N GLN E 44 -21.78 -41.03 -16.06
CA GLN E 44 -21.87 -41.66 -17.38
C GLN E 44 -21.64 -40.71 -18.57
N LEU E 45 -22.31 -39.56 -18.53
CA LEU E 45 -22.07 -38.58 -19.56
C LEU E 45 -20.63 -38.05 -19.48
N ALA E 46 -20.10 -37.87 -18.26
CA ALA E 46 -18.72 -37.40 -18.09
C ALA E 46 -17.73 -38.34 -18.81
N ASN E 47 -17.94 -39.63 -18.65
CA ASN E 47 -17.09 -40.60 -19.34
C ASN E 47 -17.29 -40.58 -20.85
N GLU E 48 -18.54 -40.41 -21.31
CA GLU E 48 -18.80 -40.32 -22.75
C GLU E 48 -18.15 -39.13 -23.42
N MSE E 49 -17.98 -38.03 -22.66
CA MSE E 49 -17.38 -36.81 -23.18
C MSE E 49 -15.87 -36.82 -23.20
O MSE E 49 -15.25 -35.94 -23.80
CB MSE E 49 -17.79 -35.60 -22.32
CG MSE E 49 -19.26 -35.24 -22.44
SE MSE E 49 -19.54 -33.82 -21.14
CE MSE E 49 -21.42 -34.10 -20.89
N ASN E 50 -15.26 -37.78 -22.52
CA ASN E 50 -13.82 -37.75 -22.34
C ASN E 50 -13.11 -38.27 -23.59
N ASN E 51 -11.86 -37.85 -23.75
CA ASN E 51 -11.05 -38.37 -24.85
C ASN E 51 -9.58 -38.18 -24.54
N GLY E 52 -8.72 -38.33 -25.57
CA GLY E 52 -7.28 -38.25 -25.36
C GLY E 52 -6.66 -36.91 -25.67
N THR E 53 -7.51 -35.89 -25.82
CA THR E 53 -7.04 -34.53 -26.13
C THR E 53 -6.24 -33.92 -25.00
N TYR E 54 -5.26 -33.09 -25.35
CA TYR E 54 -4.52 -32.30 -24.38
C TYR E 54 -4.79 -30.83 -24.69
N SER E 55 -5.48 -30.14 -23.77
CA SER E 55 -5.90 -28.76 -24.03
C SER E 55 -6.12 -27.99 -22.76
N ASP E 56 -5.98 -26.66 -22.86
CA ASP E 56 -6.33 -25.81 -21.74
C ASP E 56 -6.98 -24.53 -22.27
N VAL E 57 -7.49 -23.73 -21.34
CA VAL E 57 -8.49 -22.71 -21.72
C VAL E 57 -8.00 -21.28 -21.49
N ILE E 58 -8.31 -20.42 -22.47
CA ILE E 58 -8.01 -18.98 -22.41
C ILE E 58 -9.25 -18.21 -21.94
N TYR E 59 -10.37 -18.44 -22.60
CA TYR E 59 -11.66 -17.87 -22.17
C TYR E 59 -12.86 -18.68 -22.58
N THR E 60 -13.97 -18.49 -21.90
CA THR E 60 -15.23 -19.05 -22.38
C THR E 60 -16.27 -17.97 -22.31
N SER E 61 -17.11 -17.87 -23.34
CA SER E 61 -18.04 -16.77 -23.47
C SER E 61 -19.34 -17.27 -24.10
N ALA E 62 -20.42 -17.25 -23.32
CA ALA E 62 -21.69 -17.70 -23.85
C ALA E 62 -22.26 -16.63 -24.79
N PHE E 63 -22.69 -17.04 -25.99
CA PHE E 63 -23.12 -16.06 -27.00
C PHE E 63 -24.54 -16.25 -27.55
N TYR E 64 -25.15 -17.41 -27.31
CA TYR E 64 -26.49 -17.62 -27.86
C TYR E 64 -27.33 -18.48 -26.93
N PHE E 65 -28.61 -18.14 -26.82
CA PHE E 65 -29.54 -18.80 -25.91
C PHE E 65 -30.75 -19.33 -26.68
N GLU E 66 -31.10 -20.60 -26.44
CA GLU E 66 -32.34 -21.17 -27.03
C GLU E 66 -33.12 -21.86 -25.93
N LYS E 67 -34.42 -21.54 -25.80
CA LYS E 67 -35.28 -22.25 -24.88
C LYS E 67 -35.76 -23.51 -25.61
N TYR E 68 -35.49 -24.67 -25.03
CA TYR E 68 -35.83 -25.93 -25.67
C TYR E 68 -37.16 -26.50 -25.20
N SER E 69 -37.39 -26.48 -23.88
CA SER E 69 -38.63 -26.97 -23.31
C SER E 69 -38.90 -26.22 -22.02
N GLU E 70 -39.97 -26.59 -21.31
CA GLU E 70 -40.30 -25.95 -20.05
C GLU E 70 -39.11 -25.99 -19.06
N ASN E 71 -38.26 -27.01 -19.17
CA ASN E 71 -37.14 -27.13 -18.23
C ASN E 71 -35.76 -27.41 -18.87
N GLN E 72 -35.63 -27.12 -20.16
CA GLN E 72 -34.37 -27.35 -20.88
C GLN E 72 -34.02 -26.15 -21.75
N VAL E 73 -32.73 -25.82 -21.80
CA VAL E 73 -32.25 -24.77 -22.67
C VAL E 73 -31.00 -25.28 -23.39
N ASN E 74 -30.63 -24.60 -24.48
CA ASN E 74 -29.34 -24.83 -25.12
C ASN E 74 -28.55 -23.52 -25.16
N VAL E 75 -27.30 -23.56 -24.69
CA VAL E 75 -26.50 -22.33 -24.66
C VAL E 75 -25.25 -22.58 -25.48
N SER E 76 -25.03 -21.73 -26.47
CA SER E 76 -23.81 -21.83 -27.29
C SER E 76 -22.71 -20.97 -26.68
N VAL E 77 -21.51 -21.55 -26.59
CA VAL E 77 -20.39 -20.96 -25.89
C VAL E 77 -19.19 -20.92 -26.83
N LYS E 78 -18.56 -19.75 -26.94
CA LYS E 78 -17.30 -19.64 -27.63
C LYS E 78 -16.18 -19.85 -26.62
N ALA E 79 -15.31 -20.82 -26.91
CA ALA E 79 -14.19 -21.09 -26.03
C ALA E 79 -12.90 -20.91 -26.80
N ARG E 80 -12.07 -19.99 -26.31
CA ARG E 80 -10.75 -19.83 -26.87
C ARG E 80 -9.81 -20.79 -26.11
N VAL E 81 -9.16 -21.70 -26.84
CA VAL E 81 -8.47 -22.86 -26.19
C VAL E 81 -7.07 -23.05 -26.83
N ARG E 82 -6.15 -23.60 -26.07
CA ARG E 82 -4.89 -24.07 -26.63
C ARG E 82 -5.03 -25.58 -26.73
N VAL E 83 -4.83 -26.12 -27.94
CA VAL E 83 -4.82 -27.57 -28.17
C VAL E 83 -3.40 -27.98 -28.49
N TYR E 84 -2.89 -28.93 -27.73
CA TYR E 84 -1.50 -29.39 -27.86
C TYR E 84 -1.47 -30.63 -28.72
N THR E 85 -0.74 -30.58 -29.83
CA THR E 85 -0.67 -31.75 -30.73
C THR E 85 0.76 -32.25 -30.76
N PRO E 86 0.96 -33.57 -30.81
CA PRO E 86 2.33 -34.08 -30.81
C PRO E 86 3.06 -33.53 -32.03
N LYS E 87 4.31 -33.13 -31.82
CA LYS E 87 5.15 -32.72 -32.94
C LYS E 87 5.31 -33.89 -33.91
N ALA E 88 5.50 -33.57 -35.18
CA ALA E 88 5.68 -34.59 -36.23
C ALA E 88 6.81 -35.55 -35.91
N GLY E 89 6.67 -36.80 -36.34
CA GLY E 89 7.77 -37.78 -36.27
C GLY E 89 7.82 -38.59 -34.99
N GLN E 90 6.72 -38.57 -34.24
CA GLN E 90 6.68 -39.27 -32.95
C GLN E 90 5.66 -40.42 -32.95
N GLU E 91 5.34 -40.93 -34.14
CA GLU E 91 4.38 -42.04 -34.26
C GLU E 91 4.75 -43.24 -33.37
N GLN E 92 6.05 -43.44 -33.15
CA GLN E 92 6.52 -44.58 -32.37
C GLN E 92 6.99 -44.23 -30.95
N THR E 93 6.75 -43.00 -30.54
CA THR E 93 7.20 -42.46 -29.26
C THR E 93 6.16 -42.74 -28.18
N PRO E 94 6.59 -43.22 -26.98
CA PRO E 94 5.64 -43.45 -25.88
C PRO E 94 4.95 -42.14 -25.49
N GLN E 95 3.65 -42.20 -25.14
CA GLN E 95 2.88 -40.98 -24.82
C GLN E 95 3.54 -40.07 -23.79
N ASP E 96 4.17 -40.65 -22.75
CA ASP E 96 4.78 -39.84 -21.69
C ASP E 96 6.05 -39.08 -22.13
N GLN E 97 6.56 -39.39 -23.32
CA GLN E 97 7.76 -38.73 -23.85
C GLN E 97 7.46 -37.71 -24.95
N LEU E 98 6.19 -37.55 -25.30
CA LEU E 98 5.83 -36.69 -26.43
C LEU E 98 6.18 -35.23 -26.22
N GLN E 99 6.68 -34.60 -27.28
CA GLN E 99 6.80 -33.15 -27.39
C GLN E 99 5.61 -32.61 -28.19
N TYR E 100 5.17 -31.40 -27.86
CA TYR E 100 3.94 -30.84 -28.41
C TYR E 100 4.11 -29.48 -29.08
N ASP E 101 3.34 -29.26 -30.14
CA ASP E 101 3.08 -27.93 -30.69
C ASP E 101 1.83 -27.35 -30.04
N THR E 102 1.70 -26.02 -30.05
CA THR E 102 0.50 -25.37 -29.49
C THR E 102 -0.36 -24.83 -30.62
N ASN E 103 -1.64 -25.19 -30.62
CA ASN E 103 -2.58 -24.70 -31.63
C ASN E 103 -3.56 -23.78 -30.90
N LEU E 104 -3.71 -22.55 -31.39
CA LEU E 104 -4.68 -21.62 -30.81
C LEU E 104 -5.99 -21.80 -31.53
N VAL E 105 -7.04 -22.19 -30.80
CA VAL E 105 -8.29 -22.56 -31.45
C VAL E 105 -9.49 -21.90 -30.80
N ASP E 106 -10.42 -21.40 -31.61
CA ASP E 106 -11.73 -20.99 -31.09
C ASP E 106 -12.72 -22.12 -31.40
N TYR E 107 -13.36 -22.62 -30.37
CA TYR E 107 -14.41 -23.61 -30.50
C TYR E 107 -15.77 -22.99 -30.19
N TYR E 108 -16.83 -23.61 -30.73
CA TYR E 108 -18.18 -23.11 -30.53
C TYR E 108 -18.99 -24.31 -30.08
N LEU E 109 -19.38 -24.29 -28.82
CA LEU E 109 -19.90 -25.48 -28.15
C LEU E 109 -21.33 -25.26 -27.74
N GLU E 110 -22.25 -26.12 -28.22
CA GLU E 110 -23.65 -25.95 -27.82
C GLU E 110 -23.89 -26.89 -26.63
N VAL E 111 -24.25 -26.28 -25.49
CA VAL E 111 -24.37 -26.98 -24.18
C VAL E 111 -25.85 -27.18 -23.80
N PRO E 112 -26.31 -28.44 -23.78
CA PRO E 112 -27.70 -28.69 -23.42
C PRO E 112 -27.83 -28.74 -21.91
N ILE E 113 -28.75 -27.94 -21.38
CA ILE E 113 -28.91 -27.78 -19.94
C ILE E 113 -30.35 -28.08 -19.53
N VAL E 114 -30.49 -28.83 -18.43
CA VAL E 114 -31.78 -29.07 -17.80
C VAL E 114 -31.78 -28.35 -16.45
N PHE E 115 -32.94 -27.88 -16.01
CA PHE E 115 -33.05 -27.26 -14.68
C PHE E 115 -34.26 -27.78 -13.90
N ASP E 116 -34.14 -27.83 -12.58
CA ASP E 116 -35.27 -28.29 -11.75
C ASP E 116 -36.09 -27.12 -11.20
N LYS E 117 -37.04 -27.38 -10.29
CA LYS E 117 -37.93 -26.32 -9.78
C LYS E 117 -37.20 -25.21 -9.02
N ASP E 118 -36.03 -25.56 -8.48
CA ASP E 118 -35.21 -24.61 -7.70
C ASP E 118 -34.16 -23.89 -8.56
N MSE E 119 -34.26 -24.08 -9.87
CA MSE E 119 -33.30 -23.57 -10.86
C MSE E 119 -31.88 -24.15 -10.69
O MSE E 119 -30.91 -23.56 -11.18
CB MSE E 119 -33.30 -22.02 -10.92
CG MSE E 119 -34.67 -21.43 -11.26
SE MSE E 119 -34.70 -19.47 -11.39
CE MSE E 119 -36.65 -19.18 -11.27
N ASN E 120 -31.77 -25.29 -10.02
CA ASN E 120 -30.54 -26.09 -10.10
C ASN E 120 -30.38 -26.59 -11.53
N MSE E 121 -29.13 -26.71 -11.98
CA MSE E 121 -28.86 -27.06 -13.38
C MSE E 121 -27.97 -28.27 -13.55
O MSE E 121 -27.18 -28.59 -12.66
CB MSE E 121 -28.22 -25.85 -14.09
CG MSE E 121 -29.23 -24.75 -14.51
SE MSE E 121 -28.31 -23.14 -15.14
CE MSE E 121 -27.58 -22.61 -13.51
N ALA E 122 -28.06 -28.91 -14.70
CA ALA E 122 -27.13 -29.99 -15.06
C ALA E 122 -27.03 -30.00 -16.58
N VAL E 123 -25.90 -30.47 -17.10
CA VAL E 123 -25.78 -30.72 -18.53
C VAL E 123 -26.41 -32.09 -18.75
N ASP E 124 -27.45 -32.14 -19.60
CA ASP E 124 -28.26 -33.36 -19.73
C ASP E 124 -28.01 -34.22 -20.98
N ALA E 125 -26.99 -33.85 -21.76
CA ALA E 125 -26.67 -34.59 -22.99
C ALA E 125 -25.28 -34.20 -23.40
N LEU E 126 -24.71 -34.91 -24.38
CA LEU E 126 -23.42 -34.51 -24.96
C LEU E 126 -23.53 -33.11 -25.58
N PRO E 127 -22.57 -32.24 -25.30
CA PRO E 127 -22.55 -30.95 -25.98
C PRO E 127 -22.03 -31.20 -27.39
N VAL E 128 -22.37 -30.34 -28.31
CA VAL E 128 -22.00 -30.57 -29.72
C VAL E 128 -21.33 -29.34 -30.30
N MSE E 129 -20.51 -29.53 -31.34
CA MSE E 129 -19.89 -28.39 -32.00
C MSE E 129 -20.95 -27.72 -32.90
O MSE E 129 -21.69 -28.40 -33.64
CB MSE E 129 -18.67 -28.80 -32.82
CG MSE E 129 -17.58 -29.46 -31.98
SE MSE E 129 -17.00 -28.19 -30.58
CE MSE E 129 -15.47 -29.20 -29.97
N THR E 130 -21.02 -26.40 -32.79
CA THR E 130 -22.11 -25.65 -33.42
C THR E 130 -21.56 -24.49 -34.27
N ALA E 131 -22.45 -23.73 -34.90
CA ALA E 131 -22.05 -22.59 -35.74
C ALA E 131 -21.45 -21.43 -34.93
N PRO E 132 -20.42 -20.76 -35.47
CA PRO E 132 -19.94 -19.55 -34.82
C PRO E 132 -20.93 -18.39 -35.01
N PRO E 133 -20.73 -17.28 -34.28
CA PRO E 133 -21.43 -16.04 -34.58
C PRO E 133 -21.24 -15.70 -36.07
N GLU E 134 -22.28 -15.12 -36.67
CA GLU E 134 -22.24 -14.66 -38.05
C GLU E 134 -22.28 -13.14 -38.03
N LYS E 135 -21.34 -12.47 -38.72
CA LYS E 135 -21.31 -11.00 -38.67
C LYS E 135 -22.53 -10.41 -39.32
N ALA E 136 -23.11 -9.40 -38.68
CA ALA E 136 -24.18 -8.62 -39.30
C ALA E 136 -23.60 -7.77 -40.42
N TYR E 137 -24.43 -7.53 -41.43
CA TYR E 137 -24.08 -6.66 -42.53
C TYR E 137 -24.18 -5.20 -42.07
N PHE E 138 -23.25 -4.36 -42.52
CA PHE E 138 -23.41 -2.91 -42.41
C PHE E 138 -22.63 -2.20 -43.50
N LYS E 139 -23.09 -1.00 -43.85
CA LYS E 139 -22.45 -0.20 -44.87
C LYS E 139 -22.62 1.25 -44.45
N ASN E 140 -21.55 2.02 -44.51
CA ASN E 140 -21.56 3.38 -44.00
C ASN E 140 -22.51 4.24 -44.76
N LYS E 141 -23.29 5.03 -44.03
CA LYS E 141 -24.15 6.02 -44.63
C LYS E 141 -23.70 7.33 -44.03
N GLU E 142 -23.19 8.20 -44.88
CA GLU E 142 -22.63 9.46 -44.39
C GLU E 142 -23.78 10.34 -43.88
N PHE E 143 -23.49 11.19 -42.90
CA PHE E 143 -24.53 12.02 -42.32
C PHE E 143 -25.09 12.91 -43.41
N SER E 144 -26.40 13.00 -43.45
CA SER E 144 -27.08 13.85 -44.41
C SER E 144 -27.55 15.11 -43.70
N GLY E 145 -26.96 16.24 -44.06
CA GLY E 145 -27.37 17.48 -43.43
C GLY E 145 -26.78 18.66 -44.14
N THR E 146 -26.90 19.81 -43.52
CA THR E 146 -26.36 21.02 -44.10
C THR E 146 -24.98 21.28 -43.57
N SER E 147 -23.97 21.24 -44.44
CA SER E 147 -22.58 21.49 -44.04
C SER E 147 -22.42 22.94 -43.58
N GLU E 148 -21.57 23.11 -42.58
CA GLU E 148 -21.12 24.42 -42.14
C GLU E 148 -19.75 24.59 -42.74
N ASN E 149 -19.57 25.64 -43.54
CA ASN E 149 -18.27 25.83 -44.24
C ASN E 149 -17.61 27.19 -44.04
N ASP E 150 -18.18 28.04 -43.17
CA ASP E 150 -17.56 29.34 -42.90
C ASP E 150 -16.19 29.15 -42.25
N ALA E 151 -15.16 29.82 -42.77
CA ALA E 151 -13.78 29.54 -42.32
C ALA E 151 -13.61 29.79 -40.82
N ASP E 152 -14.03 30.98 -40.39
CA ASP E 152 -13.76 31.38 -39.01
C ASP E 152 -14.59 30.57 -38.01
N LYS E 153 -15.86 30.32 -38.35
CA LYS E 153 -16.72 29.53 -37.48
C LYS E 153 -16.25 28.06 -37.38
N THR E 154 -15.85 27.50 -38.51
CA THR E 154 -15.24 26.18 -38.54
C THR E 154 -13.99 26.17 -37.66
N LYS E 155 -13.16 27.20 -37.78
CA LYS E 155 -11.98 27.32 -36.93
C LYS E 155 -12.37 27.32 -35.44
N LYS E 156 -13.42 28.09 -35.11
CA LYS E 156 -13.88 28.26 -33.71
C LYS E 156 -14.47 26.97 -33.13
N ILE E 157 -15.32 26.30 -33.90
CA ILE E 157 -15.85 24.98 -33.49
C ILE E 157 -14.72 23.96 -33.34
N THR E 158 -13.80 23.92 -34.31
CA THR E 158 -12.65 23.01 -34.24
C THR E 158 -11.82 23.29 -33.00
N ASP E 159 -11.59 24.57 -32.70
CA ASP E 159 -10.82 24.89 -31.49
C ASP E 159 -11.57 24.49 -30.23
N SER E 160 -12.88 24.75 -30.17
CA SER E 160 -13.66 24.35 -28.98
C SER E 160 -13.66 22.82 -28.79
N VAL E 161 -13.86 22.10 -29.89
CA VAL E 161 -13.88 20.64 -29.86
C VAL E 161 -12.48 20.08 -29.50
N SER E 162 -11.42 20.67 -30.08
CA SER E 162 -10.06 20.26 -29.73
C SER E 162 -9.78 20.44 -28.22
N GLN E 163 -10.14 21.61 -27.69
CA GLN E 163 -9.99 21.89 -26.24
C GLN E 163 -10.79 20.95 -25.37
N PHE E 164 -12.01 20.65 -25.79
CA PHE E 164 -12.83 19.68 -25.08
C PHE E 164 -12.16 18.30 -25.05
N PHE E 165 -11.65 17.84 -26.19
CA PHE E 165 -11.05 16.51 -26.20
C PHE E 165 -9.78 16.45 -25.41
N LYS E 166 -8.99 17.53 -25.42
CA LYS E 166 -7.79 17.52 -24.57
C LYS E 166 -8.22 17.31 -23.10
N ALA E 167 -9.27 18.03 -22.67
CA ALA E 167 -9.83 17.83 -21.32
C ALA E 167 -10.39 16.41 -21.11
N TYR E 168 -11.22 15.96 -22.07
CA TYR E 168 -11.85 14.64 -21.97
C TYR E 168 -10.81 13.55 -21.72
N TYR E 169 -9.67 13.62 -22.41
CA TYR E 169 -8.65 12.55 -22.28
C TYR E 169 -7.68 12.79 -21.14
N GLU E 170 -7.43 14.06 -20.79
CA GLU E 170 -6.29 14.38 -19.89
C GLU E 170 -6.65 14.93 -18.53
N GLN E 171 -7.84 15.54 -18.42
CA GLN E 171 -8.15 16.40 -17.26
C GLN E 171 -9.28 15.87 -16.39
N ASN E 172 -9.46 16.49 -15.21
CA ASN E 172 -10.48 16.04 -14.27
C ASN E 172 -11.84 16.56 -14.66
N GLN E 173 -12.89 16.05 -14.01
CA GLN E 173 -14.26 16.42 -14.38
C GLN E 173 -14.52 17.91 -14.19
N THR E 174 -13.92 18.50 -13.15
CA THR E 174 -14.08 19.94 -12.93
C THR E 174 -13.66 20.75 -14.15
N GLN E 175 -12.54 20.34 -14.74
CA GLN E 175 -11.98 20.98 -15.92
C GLN E 175 -12.87 20.69 -17.14
N ILE E 176 -13.27 19.42 -17.30
CA ILE E 176 -14.17 19.04 -18.42
C ILE E 176 -15.48 19.82 -18.40
N ASP E 177 -16.02 20.03 -17.20
CA ASP E 177 -17.32 20.69 -17.04
C ASP E 177 -17.40 22.09 -17.67
N TYR E 178 -16.27 22.79 -17.70
CA TYR E 178 -16.20 24.11 -18.33
C TYR E 178 -16.56 24.09 -19.83
N PHE E 179 -16.41 22.92 -20.46
CA PHE E 179 -16.65 22.78 -21.88
C PHE E 179 -18.04 22.25 -22.22
N LEU E 180 -18.83 21.95 -21.19
CA LEU E 180 -20.14 21.31 -21.38
C LEU E 180 -21.31 22.24 -21.25
N VAL E 181 -22.38 21.93 -21.97
CA VAL E 181 -23.69 22.56 -21.74
C VAL E 181 -24.13 22.20 -20.30
N ASP E 182 -24.74 23.14 -19.59
CA ASP E 182 -25.26 22.88 -18.23
C ASP E 182 -25.98 21.55 -18.15
N GLY E 183 -25.55 20.71 -17.20
CA GLY E 183 -26.19 19.41 -16.95
C GLY E 183 -26.00 18.32 -17.99
N ALA E 184 -25.13 18.54 -18.97
CA ALA E 184 -24.82 17.49 -19.94
C ALA E 184 -24.09 16.42 -19.13
N ASP E 185 -24.46 15.17 -19.27
CA ASP E 185 -23.80 14.20 -18.39
C ASP E 185 -22.76 13.48 -19.22
N ILE E 186 -21.58 14.07 -19.29
CA ILE E 186 -20.50 13.56 -20.14
C ILE E 186 -19.25 13.43 -19.26
N LYS E 187 -18.90 12.20 -18.89
CA LYS E 187 -17.74 12.02 -18.01
C LYS E 187 -16.48 11.72 -18.80
N GLY E 188 -15.33 12.18 -18.29
CA GLY E 188 -14.08 11.98 -19.02
C GLY E 188 -13.52 10.56 -18.98
N ALA E 189 -12.42 10.40 -19.70
CA ALA E 189 -11.81 9.09 -19.93
C ALA E 189 -10.84 8.70 -18.82
N GLY E 190 -10.77 9.48 -17.74
CA GLY E 190 -9.98 9.06 -16.55
C GLY E 190 -8.54 9.54 -16.54
N GLN E 191 -8.23 10.53 -17.40
CA GLN E 191 -6.90 11.17 -17.41
C GLN E 191 -5.79 10.18 -17.79
N LYS E 192 -6.12 9.19 -18.61
CA LYS E 192 -5.18 8.11 -18.87
C LYS E 192 -4.52 8.17 -20.26
N PHE E 193 -4.84 9.21 -21.02
CA PHE E 193 -4.35 9.34 -22.42
C PHE E 193 -3.78 10.71 -22.69
N SER E 194 -2.90 10.79 -23.69
CA SER E 194 -2.40 12.07 -24.19
C SER E 194 -3.13 12.35 -25.47
N PHE E 195 -3.89 13.44 -25.50
CA PHE E 195 -4.60 13.81 -26.71
C PHE E 195 -3.58 14.31 -27.73
N ASN E 196 -3.64 13.77 -28.93
CA ASN E 196 -2.71 14.18 -29.99
C ASN E 196 -3.34 15.29 -30.82
N LYS E 197 -4.29 14.94 -31.69
CA LYS E 197 -4.99 15.99 -32.46
C LYS E 197 -6.22 15.48 -33.12
N ILE E 198 -7.06 16.41 -33.55
CA ILE E 198 -8.13 16.11 -34.50
C ILE E 198 -7.52 15.87 -35.89
N ASP E 199 -7.86 14.73 -36.47
CA ASP E 199 -7.40 14.37 -37.80
C ASP E 199 -8.36 14.77 -38.90
N ARG E 200 -9.65 14.73 -38.59
CA ARG E 200 -10.70 15.09 -39.55
C ARG E 200 -11.90 15.64 -38.78
N ILE E 201 -12.47 16.74 -39.26
CA ILE E 201 -13.72 17.23 -38.65
C ILE E 201 -14.65 17.73 -39.75
N ASN E 202 -15.89 17.26 -39.72
CA ASN E 202 -16.93 17.76 -40.59
C ASN E 202 -18.08 18.27 -39.76
N ILE E 203 -18.57 19.46 -40.10
CA ILE E 203 -19.54 20.15 -39.23
C ILE E 203 -20.80 20.38 -40.02
N TYR E 204 -21.95 20.16 -39.37
CA TYR E 204 -23.28 20.35 -39.97
C TYR E 204 -24.09 21.28 -39.08
N LYS E 205 -24.89 22.14 -39.67
CA LYS E 205 -25.76 23.01 -38.89
C LYS E 205 -27.10 22.29 -38.63
N LEU E 206 -27.45 22.14 -37.37
CA LEU E 206 -28.70 21.47 -36.99
C LEU E 206 -29.84 22.44 -36.80
N SER E 207 -29.53 23.57 -36.18
CA SER E 207 -30.47 24.67 -35.96
C SER E 207 -29.68 25.92 -35.57
N ASP E 208 -30.37 27.02 -35.27
CA ASP E 208 -29.66 28.20 -34.76
C ASP E 208 -28.80 27.80 -33.57
N LYS E 209 -27.52 28.13 -33.69
CA LYS E 209 -26.55 27.95 -32.60
C LYS E 209 -26.39 26.50 -32.13
N GLU E 210 -26.74 25.53 -32.97
CA GLU E 210 -26.55 24.10 -32.66
C GLU E 210 -25.99 23.37 -33.88
N PHE E 211 -24.88 22.67 -33.66
CA PHE E 211 -24.12 22.04 -34.74
C PHE E 211 -23.76 20.63 -34.36
N LEU E 212 -23.61 19.80 -35.39
CA LEU E 212 -23.05 18.45 -35.17
C LEU E 212 -21.61 18.44 -35.69
N ALA E 213 -20.65 18.05 -34.84
CA ALA E 213 -19.28 17.90 -35.30
C ALA E 213 -18.98 16.39 -35.38
N ILE E 214 -18.47 15.94 -36.52
CA ILE E 214 -18.13 14.52 -36.73
C ILE E 214 -16.64 14.46 -36.84
N VAL E 215 -16.00 13.76 -35.89
CA VAL E 215 -14.57 13.93 -35.61
C VAL E 215 -13.83 12.61 -35.62
N ASP E 216 -12.71 12.55 -36.34
CA ASP E 216 -11.71 11.49 -36.19
C ASP E 216 -10.52 12.11 -35.49
N LEU E 217 -9.94 11.41 -34.54
CA LEU E 217 -8.83 12.00 -33.79
C LEU E 217 -7.96 10.85 -33.31
N ASN E 218 -6.80 11.14 -32.75
CA ASN E 218 -6.03 10.06 -32.14
C ASN E 218 -5.40 10.46 -30.83
N VAL E 219 -5.13 9.48 -29.98
CA VAL E 219 -4.56 9.77 -28.66
C VAL E 219 -3.46 8.77 -28.42
N ASP E 220 -2.54 9.11 -27.52
CA ASP E 220 -1.52 8.15 -27.15
C ASP E 220 -1.83 7.40 -25.87
N SER E 221 -1.49 6.11 -25.84
CA SER E 221 -1.48 5.32 -24.59
C SER E 221 -0.18 4.53 -24.66
N PHE E 222 0.66 4.67 -23.64
CA PHE E 222 1.95 3.95 -23.56
C PHE E 222 2.78 4.04 -24.84
N GLY E 223 2.85 5.25 -25.41
CA GLY E 223 3.75 5.50 -26.54
C GLY E 223 3.25 5.07 -27.91
N ASN E 224 1.98 4.64 -28.01
CA ASN E 224 1.44 4.34 -29.34
C ASN E 224 0.09 5.02 -29.53
N ALA E 225 -0.16 5.49 -30.76
CA ALA E 225 -1.39 6.23 -31.07
C ALA E 225 -2.53 5.28 -31.34
N ILE E 226 -3.72 5.63 -30.85
CA ILE E 226 -4.93 4.84 -31.13
C ILE E 226 -5.97 5.79 -31.74
N LYS E 227 -6.60 5.32 -32.82
CA LYS E 227 -7.62 6.14 -33.48
C LYS E 227 -8.95 6.07 -32.73
N GLN E 228 -9.69 7.20 -32.77
CA GLN E 228 -10.99 7.34 -32.14
C GLN E 228 -11.90 8.09 -33.11
N GLY E 229 -13.20 7.84 -33.01
CA GLY E 229 -14.16 8.58 -33.86
C GLY E 229 -15.36 8.91 -33.00
N PHE E 230 -15.84 10.15 -33.09
CA PHE E 230 -17.04 10.55 -32.35
C PHE E 230 -17.93 11.47 -33.20
N ASN E 231 -19.16 11.64 -32.74
CA ASN E 231 -19.98 12.78 -33.18
C ASN E 231 -20.43 13.50 -31.91
N LEU E 232 -20.46 14.82 -31.96
CA LEU E 232 -20.81 15.63 -30.78
C LEU E 232 -21.77 16.71 -31.23
N THR E 233 -22.82 16.95 -30.46
CA THR E 233 -23.68 18.11 -30.67
C THR E 233 -23.13 19.23 -29.81
N VAL E 234 -22.98 20.40 -30.41
CA VAL E 234 -22.39 21.55 -29.71
C VAL E 234 -23.32 22.72 -29.86
N VAL E 235 -23.29 23.60 -28.86
CA VAL E 235 -24.17 24.75 -28.80
C VAL E 235 -23.31 26.00 -28.74
N GLN E 236 -23.64 26.96 -29.58
CA GLN E 236 -22.83 28.16 -29.68
C GLN E 236 -23.18 29.13 -28.56
N GLU E 237 -22.17 29.47 -27.77
CA GLU E 237 -22.29 30.54 -26.80
C GLU E 237 -21.21 31.58 -27.08
N GLY E 238 -21.55 32.57 -27.91
CA GLY E 238 -20.58 33.57 -28.36
C GLY E 238 -19.52 32.94 -29.25
N ASP E 239 -18.25 33.08 -28.90
CA ASP E 239 -17.18 32.45 -29.66
C ASP E 239 -16.97 31.01 -29.25
N LYS E 240 -17.57 30.62 -28.12
CA LYS E 240 -17.35 29.29 -27.55
C LYS E 240 -18.47 28.33 -28.00
N PHE E 241 -18.11 27.08 -28.17
CA PHE E 241 -19.08 26.03 -28.47
C PHE E 241 -19.06 24.97 -27.38
N LEU E 242 -20.17 24.84 -26.67
CA LEU E 242 -20.28 23.91 -25.54
C LEU E 242 -20.80 22.56 -26.00
N VAL E 243 -20.29 21.48 -25.41
CA VAL E 243 -20.65 20.11 -25.80
C VAL E 243 -21.94 19.68 -25.10
N LYS E 244 -22.93 19.29 -25.90
CA LYS E 244 -24.23 18.80 -25.42
C LYS E 244 -24.29 17.26 -25.37
N THR E 245 -23.76 16.60 -26.40
CA THR E 245 -23.73 15.11 -26.47
C THR E 245 -22.36 14.65 -26.95
N LEU E 246 -22.00 13.41 -26.63
CA LEU E 246 -20.78 12.79 -27.13
C LEU E 246 -21.10 11.33 -27.37
N GLU E 247 -20.96 10.87 -28.61
CA GLU E 247 -21.29 9.50 -28.98
C GLU E 247 -20.23 8.98 -29.91
N PRO E 248 -19.98 7.65 -29.89
CA PRO E 248 -19.15 7.10 -30.95
C PRO E 248 -19.90 7.10 -32.28
N ARG E 249 -19.21 6.68 -33.34
CA ARG E 249 -19.71 6.62 -34.72
C ARG E 249 -19.50 7.93 -35.44
N THR E 250 -19.03 7.82 -36.68
CA THR E 250 -18.87 8.98 -37.56
C THR E 250 -19.73 8.84 -38.81
N SER E 251 -20.48 7.73 -38.87
CA SER E 251 -21.48 7.54 -39.91
C SER E 251 -22.57 6.64 -39.34
N ASN E 252 -23.68 6.47 -40.08
CA ASN E 252 -24.84 5.72 -39.60
C ASN E 252 -25.30 6.35 -38.27
N ILE E 253 -25.31 7.68 -38.25
CA ILE E 253 -25.65 8.45 -37.04
C ILE E 253 -27.17 8.58 -36.91
N ASP E 254 -27.65 8.53 -35.67
CA ASP E 254 -29.04 8.71 -35.36
C ASP E 254 -29.13 9.68 -34.17
N LEU E 255 -29.65 10.86 -34.43
CA LEU E 255 -29.71 11.90 -33.39
C LEU E 255 -30.97 11.82 -32.48
N ASN E 256 -31.88 10.88 -32.76
CA ASN E 256 -33.15 10.77 -32.01
C ASN E 256 -33.05 10.17 -30.60
N SER F 6 18.65 10.85 32.44
CA SER F 6 17.15 10.70 32.46
C SER F 6 16.49 12.06 32.47
N LEU F 7 16.62 12.80 33.58
CA LEU F 7 16.50 14.23 33.53
C LEU F 7 17.33 14.76 32.34
N GLU F 8 18.59 14.35 32.25
CA GLU F 8 19.48 14.87 31.21
C GLU F 8 19.00 14.45 29.82
N THR F 9 18.64 13.18 29.68
CA THR F 9 18.18 12.67 28.38
C THR F 9 16.94 13.42 27.90
N GLN F 10 16.00 13.60 28.82
CA GLN F 10 14.74 14.29 28.48
C GLN F 10 14.94 15.76 28.29
N ALA F 11 15.84 16.36 29.07
CA ALA F 11 16.13 17.80 28.89
C ALA F 11 16.82 18.06 27.55
N PHE F 12 17.69 17.13 27.14
CA PHE F 12 18.34 17.26 25.81
C PHE F 12 17.29 17.31 24.69
N SER F 13 16.36 16.35 24.69
CA SER F 13 15.33 16.37 23.65
C SER F 13 14.48 17.62 23.69
N PHE F 14 14.12 18.04 24.89
CA PHE F 14 13.28 19.22 25.06
C PHE F 14 14.01 20.44 24.51
N ALA F 15 15.27 20.60 24.89
CA ALA F 15 16.06 21.74 24.40
C ALA F 15 16.22 21.74 22.87
N GLU F 16 16.36 20.55 22.29
CA GLU F 16 16.52 20.42 20.84
C GLU F 16 15.23 20.83 20.14
N GLU F 17 14.10 20.38 20.69
CA GLU F 17 12.81 20.73 20.08
C GLU F 17 12.58 22.24 20.15
N PHE F 18 12.80 22.78 21.34
CA PHE F 18 12.71 24.23 21.54
C PHE F 18 13.60 24.97 20.55
N ALA F 19 14.87 24.56 20.46
CA ALA F 19 15.80 25.24 19.57
C ALA F 19 15.35 25.23 18.12
N TRP F 20 14.72 24.14 17.70
CA TRP F 20 14.21 24.04 16.33
C TRP F 20 13.21 25.18 16.07
N ASP F 21 12.31 25.39 17.02
CA ASP F 21 11.35 26.50 16.86
C ASP F 21 11.97 27.88 17.07
N TYR F 22 12.93 27.98 18.00
CA TYR F 22 13.61 29.23 18.24
C TYR F 22 14.34 29.79 17.02
N PHE F 23 14.82 28.90 16.16
CA PHE F 23 15.57 29.34 14.98
C PHE F 23 14.77 29.28 13.69
N SER F 24 13.47 29.04 13.82
CA SER F 24 12.55 29.04 12.68
C SER F 24 11.72 30.33 12.81
N ARG F 25 12.00 31.30 11.94
CA ARG F 25 11.43 32.65 12.05
C ARG F 25 11.06 33.15 10.68
N TYR F 26 9.84 33.68 10.56
CA TYR F 26 9.29 34.15 9.28
C TYR F 26 8.77 35.57 9.52
N PRO F 27 9.50 36.58 9.03
CA PRO F 27 9.10 37.95 9.37
C PRO F 27 7.75 38.40 8.77
N SER F 28 7.26 37.71 7.75
CA SER F 28 5.94 38.03 7.20
C SER F 28 4.82 37.47 8.08
N ASP F 29 5.18 36.65 9.08
CA ASP F 29 4.19 36.06 9.98
C ASP F 29 4.83 35.88 11.36
N THR F 30 5.04 37.00 12.04
CA THR F 30 5.77 36.92 13.32
C THR F 30 4.94 36.25 14.39
N GLN F 31 3.61 36.30 14.25
CA GLN F 31 2.76 35.58 15.19
C GLN F 31 2.95 34.06 15.15
N ASP F 32 3.42 33.52 14.01
CA ASP F 32 3.65 32.07 13.90
C ASP F 32 4.73 31.61 14.90
N PHE F 33 5.80 32.39 15.02
CA PHE F 33 6.85 32.10 16.00
C PHE F 33 6.25 32.11 17.42
N VAL F 34 5.44 33.13 17.73
CA VAL F 34 4.84 33.23 19.07
C VAL F 34 3.97 31.98 19.33
N ARG F 35 3.15 31.60 18.37
CA ARG F 35 2.29 30.38 18.53
C ARG F 35 3.16 29.16 18.84
N ARG F 36 4.20 28.96 18.04
CA ARG F 36 5.05 27.76 18.20
C ARG F 36 5.82 27.78 19.52
N ILE F 37 6.35 28.95 19.88
CA ILE F 37 7.23 29.04 21.04
C ILE F 37 6.44 28.99 22.34
N THR F 38 5.17 29.42 22.29
CA THR F 38 4.30 29.36 23.45
C THR F 38 4.04 27.90 23.90
N LYS F 39 4.27 26.91 23.03
CA LYS F 39 4.22 25.50 23.46
C LYS F 39 5.28 25.19 24.53
N TYR F 40 6.33 26.00 24.61
CA TYR F 40 7.45 25.75 25.55
C TYR F 40 7.56 26.74 26.71
N THR F 41 6.91 27.90 26.59
CA THR F 41 7.16 28.99 27.53
C THR F 41 5.95 29.92 27.54
N THR F 42 5.98 30.97 28.34
CA THR F 42 4.89 31.94 28.41
C THR F 42 4.78 32.74 27.12
N GLU F 43 3.58 33.23 26.83
CA GLU F 43 3.45 34.11 25.67
C GLU F 43 4.33 35.35 25.80
N GLN F 44 4.45 35.91 27.00
CA GLN F 44 5.36 37.03 27.24
C GLN F 44 6.80 36.74 26.83
N LEU F 45 7.37 35.64 27.31
CA LEU F 45 8.72 35.29 26.93
C LEU F 45 8.85 34.98 25.46
N ALA F 46 7.84 34.33 24.87
CA ALA F 46 7.88 34.03 23.43
C ALA F 46 8.02 35.34 22.65
N ASN F 47 7.29 36.36 23.09
CA ASN F 47 7.37 37.64 22.39
C ASN F 47 8.72 38.29 22.61
N GLU F 48 9.25 38.15 23.81
CA GLU F 48 10.58 38.73 24.08
C GLU F 48 11.68 38.10 23.22
N MSE F 49 11.52 36.83 22.89
CA MSE F 49 12.48 36.11 22.10
C MSE F 49 12.38 36.40 20.61
O MSE F 49 13.27 36.07 19.88
CB MSE F 49 12.28 34.60 22.28
CG MSE F 49 12.59 34.16 23.69
SE MSE F 49 12.18 32.23 23.76
CE MSE F 49 12.02 32.07 25.65
N ASN F 50 11.25 36.97 20.18
CA ASN F 50 11.02 37.16 18.75
C ASN F 50 11.76 38.38 18.21
N ASN F 51 11.92 38.42 16.90
CA ASN F 51 12.50 39.60 16.22
C ASN F 51 12.16 39.51 14.73
N GLY F 52 12.90 40.25 13.91
CA GLY F 52 12.59 40.41 12.46
C GLY F 52 13.39 39.47 11.56
N THR F 53 14.12 38.53 12.15
CA THR F 53 14.92 37.55 11.40
C THR F 53 14.10 36.60 10.54
N TYR F 54 14.66 36.27 9.37
CA TYR F 54 14.15 35.19 8.55
C TYR F 54 15.17 34.04 8.63
N SER F 55 14.78 32.90 9.18
CA SER F 55 15.73 31.78 9.32
C SER F 55 14.98 30.46 9.37
N ASP F 56 15.68 29.40 8.99
CA ASP F 56 15.16 28.05 9.18
C ASP F 56 16.27 27.09 9.58
N VAL F 57 15.91 25.84 9.86
CA VAL F 57 16.82 24.95 10.62
C VAL F 57 17.23 23.71 9.83
N ILE F 58 18.51 23.37 9.97
CA ILE F 58 19.06 22.14 9.36
C ILE F 58 19.14 21.05 10.41
N TYR F 59 19.69 21.36 11.58
CA TYR F 59 19.68 20.42 12.70
C TYR F 59 19.80 21.09 14.03
N THR F 60 19.36 20.39 15.08
CA THR F 60 19.64 20.86 16.47
C THR F 60 20.15 19.67 17.26
N SER F 61 21.17 19.93 18.08
CA SER F 61 21.84 18.87 18.82
C SER F 61 22.27 19.39 20.17
N ALA F 62 21.66 18.86 21.24
CA ALA F 62 22.07 19.24 22.59
C ALA F 62 23.42 18.62 22.92
N PHE F 63 24.36 19.45 23.42
CA PHE F 63 25.74 18.96 23.64
C PHE F 63 26.26 19.09 25.06
N TYR F 64 25.60 19.90 25.87
CA TYR F 64 26.10 20.11 27.23
C TYR F 64 24.96 20.32 28.22
N PHE F 65 25.11 19.73 29.40
CA PHE F 65 24.10 19.74 30.45
C PHE F 65 24.68 20.33 31.75
N GLU F 66 23.96 21.29 32.33
CA GLU F 66 24.32 21.87 33.62
C GLU F 66 23.11 21.81 34.55
N LYS F 67 23.25 21.19 35.72
CA LYS F 67 22.18 21.26 36.74
C LYS F 67 22.32 22.62 37.42
N TYR F 68 21.26 23.44 37.42
CA TYR F 68 21.36 24.79 38.00
C TYR F 68 20.77 24.86 39.41
N SER F 69 19.67 24.16 39.62
CA SER F 69 19.01 24.11 40.96
C SER F 69 18.17 22.84 41.07
N GLU F 70 17.48 22.67 42.20
CA GLU F 70 16.63 21.51 42.38
C GLU F 70 15.52 21.39 41.32
N ASN F 71 15.16 22.47 40.64
CA ASN F 71 14.14 22.34 39.57
C ASN F 71 14.54 23.01 38.25
N GLN F 72 15.83 23.31 38.08
CA GLN F 72 16.28 24.01 36.86
C GLN F 72 17.56 23.44 36.31
N VAL F 73 17.63 23.39 34.99
CA VAL F 73 18.85 22.98 34.31
C VAL F 73 19.13 23.97 33.17
N ASN F 74 20.37 23.95 32.67
CA ASN F 74 20.72 24.66 31.46
C ASN F 74 21.24 23.66 30.47
N VAL F 75 20.69 23.67 29.25
CA VAL F 75 21.15 22.74 28.21
C VAL F 75 21.66 23.54 27.03
N SER F 76 22.92 23.28 26.64
CA SER F 76 23.47 23.98 25.48
C SER F 76 23.26 23.16 24.22
N VAL F 77 22.80 23.84 23.16
CA VAL F 77 22.38 23.20 21.90
C VAL F 77 23.14 23.82 20.75
N LYS F 78 23.66 22.96 19.88
CA LYS F 78 24.23 23.38 18.61
C LYS F 78 23.11 23.34 17.57
N ALA F 79 22.91 24.46 16.87
CA ALA F 79 21.90 24.51 15.83
C ALA F 79 22.52 24.98 14.53
N ARG F 80 22.41 24.18 13.48
CA ARG F 80 22.83 24.58 12.16
C ARG F 80 21.64 25.18 11.46
N VAL F 81 21.79 26.43 11.04
CA VAL F 81 20.66 27.30 10.65
C VAL F 81 20.96 27.96 9.32
N ARG F 82 19.92 28.21 8.52
CA ARG F 82 20.07 29.14 7.41
C ARG F 82 19.47 30.48 7.84
N VAL F 83 20.25 31.54 7.76
CA VAL F 83 19.73 32.89 7.99
C VAL F 83 19.67 33.63 6.67
N TYR F 84 18.48 34.13 6.32
CA TYR F 84 18.29 34.80 5.03
C TYR F 84 18.38 36.29 5.24
N THR F 85 19.32 36.94 4.56
CA THR F 85 19.47 38.38 4.70
C THR F 85 19.07 39.04 3.39
N PRO F 86 18.40 40.21 3.46
CA PRO F 86 17.94 40.83 2.23
C PRO F 86 19.11 41.21 1.34
N LYS F 87 18.96 41.04 0.03
CA LYS F 87 19.93 41.60 -0.90
C LYS F 87 19.90 43.15 -0.82
N ALA F 88 20.94 43.79 -1.35
CA ALA F 88 21.06 45.24 -1.31
C ALA F 88 19.98 45.95 -2.12
N GLY F 89 19.68 47.20 -1.77
CA GLY F 89 18.74 48.04 -2.54
C GLY F 89 17.30 47.92 -2.09
N GLN F 90 17.06 47.11 -1.06
CA GLN F 90 15.69 46.76 -0.71
C GLN F 90 15.21 47.36 0.61
N GLU F 91 15.88 48.43 1.06
CA GLU F 91 15.59 49.02 2.37
C GLU F 91 14.13 49.52 2.47
N GLN F 92 13.55 49.88 1.34
CA GLN F 92 12.19 50.41 1.33
C GLN F 92 11.21 49.47 0.62
N THR F 93 11.66 48.25 0.35
CA THR F 93 10.87 47.28 -0.39
C THR F 93 9.94 46.53 0.58
N PRO F 94 8.66 46.39 0.22
CA PRO F 94 7.71 45.62 1.01
C PRO F 94 8.21 44.22 1.30
N GLN F 95 7.97 43.76 2.53
CA GLN F 95 8.45 42.47 3.01
C GLN F 95 8.18 41.32 2.04
N ASP F 96 6.97 41.25 1.48
CA ASP F 96 6.59 40.11 0.63
C ASP F 96 7.26 40.11 -0.75
N GLN F 97 8.02 41.15 -1.03
CA GLN F 97 8.76 41.22 -2.30
C GLN F 97 10.27 41.06 -2.12
N LEU F 98 10.71 40.88 -0.88
CA LEU F 98 12.15 40.85 -0.59
C LEU F 98 12.83 39.62 -1.20
N GLN F 99 13.99 39.85 -1.82
CA GLN F 99 14.91 38.80 -2.28
C GLN F 99 16.02 38.66 -1.25
N TYR F 100 16.47 37.44 -1.02
CA TYR F 100 17.42 37.15 0.07
C TYR F 100 18.67 36.41 -0.38
N ASP F 101 19.74 36.61 0.38
CA ASP F 101 20.92 35.76 0.31
C ASP F 101 20.83 34.72 1.43
N THR F 102 21.37 33.52 1.19
CA THR F 102 21.38 32.50 2.25
C THR F 102 22.72 32.49 2.99
N ASN F 103 22.67 32.55 4.32
CA ASN F 103 23.85 32.41 5.17
C ASN F 103 23.76 31.15 5.99
N LEU F 104 24.81 30.32 5.91
CA LEU F 104 24.88 29.10 6.70
C LEU F 104 25.62 29.40 7.99
N VAL F 105 24.98 29.10 9.11
CA VAL F 105 25.59 29.41 10.41
C VAL F 105 25.36 28.30 11.44
N ASP F 106 26.38 28.04 12.27
CA ASP F 106 26.20 27.20 13.45
C ASP F 106 26.06 28.13 14.64
N TYR F 107 24.95 28.00 15.36
CA TYR F 107 24.73 28.75 16.59
C TYR F 107 24.87 27.81 17.79
N TYR F 108 25.20 28.40 18.96
CA TYR F 108 25.36 27.63 20.20
C TYR F 108 24.48 28.36 21.21
N LEU F 109 23.37 27.71 21.55
CA LEU F 109 22.29 28.30 22.34
C LEU F 109 22.15 27.63 23.70
N GLU F 110 22.30 28.42 24.77
CA GLU F 110 22.09 27.88 26.11
C GLU F 110 20.62 28.07 26.53
N VAL F 111 19.94 26.95 26.77
CA VAL F 111 18.49 26.93 26.99
C VAL F 111 18.20 26.68 28.46
N PRO F 112 17.61 27.68 29.14
CA PRO F 112 17.27 27.49 30.56
C PRO F 112 15.93 26.78 30.70
N ILE F 113 15.90 25.69 31.46
CA ILE F 113 14.71 24.82 31.55
C ILE F 113 14.34 24.64 33.00
N VAL F 114 13.03 24.75 33.28
CA VAL F 114 12.47 24.48 34.61
C VAL F 114 11.68 23.18 34.46
N PHE F 115 11.67 22.37 35.52
CA PHE F 115 10.88 21.14 35.48
C PHE F 115 10.09 21.01 36.76
N ASP F 116 8.93 20.36 36.69
CA ASP F 116 8.11 20.19 37.91
C ASP F 116 8.22 18.80 38.49
N LYS F 117 7.43 18.53 39.52
CA LYS F 117 7.48 17.24 40.24
C LYS F 117 7.20 16.03 39.35
N ASP F 118 6.54 16.28 38.21
CA ASP F 118 6.13 15.25 37.27
C ASP F 118 7.04 15.22 36.05
N MSE F 119 8.11 15.99 36.14
CA MSE F 119 9.08 16.19 35.06
C MSE F 119 8.49 16.81 33.80
O MSE F 119 9.07 16.65 32.73
CB MSE F 119 9.87 14.92 34.76
CG MSE F 119 10.97 14.63 35.79
SE MSE F 119 11.67 12.80 35.67
CE MSE F 119 9.99 11.79 35.86
N ASN F 120 7.39 17.55 33.92
CA ASN F 120 7.00 18.49 32.87
C ASN F 120 8.05 19.57 32.80
N MSE F 121 8.24 20.15 31.61
CA MSE F 121 9.30 21.13 31.41
CA MSE F 121 9.30 21.13 31.41
C MSE F 121 8.79 22.42 30.77
O MSE F 121 7.76 22.43 30.07
CB MSE F 121 10.41 20.52 30.55
CB MSE F 121 10.43 20.53 30.55
CG MSE F 121 11.16 19.40 31.26
CG MSE F 121 11.42 19.64 31.34
SE MSE F 121 12.40 18.49 30.06
SE MSE F 121 12.68 18.75 30.12
CE MSE F 121 13.45 17.63 31.44
CE MSE F 121 11.44 17.50 29.28
N ALA F 122 9.51 23.51 31.03
CA ALA F 122 9.25 24.75 30.34
C ALA F 122 10.57 25.49 30.17
N VAL F 123 10.65 26.36 29.18
CA VAL F 123 11.83 27.28 29.09
C VAL F 123 11.48 28.48 29.98
N ASP F 124 12.28 28.73 31.01
CA ASP F 124 11.87 29.69 32.04
C ASP F 124 12.59 31.04 31.95
N ALA F 125 13.37 31.24 30.89
CA ALA F 125 14.08 32.51 30.74
C ALA F 125 14.51 32.66 29.31
N LEU F 126 15.01 33.84 28.94
CA LEU F 126 15.58 33.98 27.60
C LEU F 126 16.80 33.07 27.43
N PRO F 127 16.86 32.32 26.31
CA PRO F 127 18.09 31.58 26.02
C PRO F 127 19.15 32.57 25.57
N VAL F 128 20.40 32.17 25.71
CA VAL F 128 21.51 33.07 25.40
C VAL F 128 22.52 32.38 24.48
N MSE F 129 23.25 33.19 23.71
CA MSE F 129 24.32 32.62 22.89
C MSE F 129 25.50 32.28 23.81
O MSE F 129 25.91 33.06 24.69
CB MSE F 129 24.75 33.59 21.80
CG MSE F 129 23.61 34.00 20.93
SE MSE F 129 22.93 32.43 19.94
CE MSE F 129 21.90 33.58 18.74
N THR F 130 26.03 31.08 23.62
CA THR F 130 27.03 30.53 24.55
C THR F 130 28.26 30.01 23.75
N ALA F 131 29.21 29.45 24.48
CA ALA F 131 30.47 29.01 23.88
C ALA F 131 30.26 27.69 23.13
N PRO F 132 30.97 27.53 22.01
CA PRO F 132 30.97 26.22 21.34
C PRO F 132 31.76 25.19 22.15
N PRO F 133 31.59 23.89 21.87
CA PRO F 133 32.46 22.89 22.49
C PRO F 133 33.94 23.12 22.15
N GLU F 134 34.81 22.63 23.03
CA GLU F 134 36.26 22.71 22.87
C GLU F 134 36.75 21.30 22.60
N LYS F 135 37.52 21.13 21.54
CA LYS F 135 38.06 19.83 21.17
C LYS F 135 39.12 19.37 22.21
N ALA F 136 39.10 18.10 22.61
CA ALA F 136 40.16 17.52 23.47
C ALA F 136 41.47 17.37 22.71
N TYR F 137 42.59 17.49 23.44
CA TYR F 137 43.90 17.19 22.87
C TYR F 137 44.34 15.81 23.35
N PHE F 138 45.02 15.06 22.50
CA PHE F 138 45.63 13.81 22.93
C PHE F 138 46.99 13.63 22.23
N LYS F 139 47.95 13.04 22.93
CA LYS F 139 49.23 12.68 22.32
C LYS F 139 49.09 11.25 21.77
N ASN F 140 49.34 11.08 20.48
CA ASN F 140 49.27 9.73 19.90
C ASN F 140 50.27 8.76 20.52
N LYS F 141 49.83 7.53 20.80
CA LYS F 141 50.73 6.54 21.36
C LYS F 141 50.71 5.31 20.48
N GLU F 142 51.82 5.07 19.78
CA GLU F 142 51.96 3.84 18.98
C GLU F 142 51.94 2.61 19.87
N PHE F 143 51.46 1.49 19.35
CA PHE F 143 51.41 0.28 20.13
C PHE F 143 52.84 -0.17 20.47
N SER F 144 53.12 -0.30 21.77
CA SER F 144 54.39 -0.81 22.25
C SER F 144 54.21 -2.31 22.35
N GLY F 145 54.85 -3.03 21.45
CA GLY F 145 54.69 -4.47 21.41
C GLY F 145 55.89 -5.11 20.76
N THR F 146 55.97 -6.42 20.91
CA THR F 146 56.99 -7.19 20.25
C THR F 146 56.45 -7.62 18.90
N SER F 147 57.07 -7.12 17.84
CA SER F 147 56.71 -7.50 16.48
C SER F 147 57.01 -8.99 16.18
N GLU F 148 56.22 -9.58 15.28
CA GLU F 148 56.36 -11.00 14.88
C GLU F 148 57.30 -11.21 13.67
N ASN F 149 58.42 -11.89 13.89
CA ASN F 149 59.47 -12.07 12.87
C ASN F 149 59.36 -13.32 11.97
N ASP F 150 58.41 -14.21 12.26
CA ASP F 150 58.21 -15.43 11.47
C ASP F 150 57.37 -15.14 10.22
N ALA F 151 58.02 -15.15 9.05
CA ALA F 151 57.33 -14.83 7.79
C ALA F 151 56.22 -15.83 7.42
N ASP F 152 56.38 -17.09 7.82
CA ASP F 152 55.31 -18.08 7.67
C ASP F 152 54.07 -17.65 8.48
N LYS F 153 54.26 -17.35 9.77
CA LYS F 153 53.16 -16.92 10.60
C LYS F 153 52.56 -15.62 10.07
N THR F 154 53.39 -14.64 9.69
CA THR F 154 52.84 -13.33 9.29
C THR F 154 52.03 -13.41 8.00
N LYS F 155 52.45 -14.30 7.09
CA LYS F 155 51.72 -14.49 5.86
C LYS F 155 50.36 -15.13 6.15
N LYS F 156 50.36 -16.15 7.00
CA LYS F 156 49.10 -16.85 7.36
C LYS F 156 48.13 -15.92 8.10
N ILE F 157 48.63 -15.14 9.05
CA ILE F 157 47.79 -14.16 9.76
C ILE F 157 47.24 -13.11 8.79
N THR F 158 48.08 -12.59 7.92
CA THR F 158 47.66 -11.60 6.95
C THR F 158 46.56 -12.15 6.05
N ASP F 159 46.77 -13.32 5.48
CA ASP F 159 45.76 -13.93 4.61
C ASP F 159 44.45 -14.19 5.36
N SER F 160 44.55 -14.65 6.60
CA SER F 160 43.35 -14.85 7.44
C SER F 160 42.59 -13.55 7.69
N VAL F 161 43.32 -12.52 8.10
CA VAL F 161 42.73 -11.19 8.37
C VAL F 161 42.09 -10.62 7.10
N SER F 162 42.81 -10.76 5.98
CA SER F 162 42.30 -10.34 4.68
C SER F 162 41.02 -11.07 4.30
N GLN F 163 41.01 -12.39 4.48
CA GLN F 163 39.79 -13.17 4.16
C GLN F 163 38.63 -12.82 5.11
N PHE F 164 38.97 -12.65 6.38
CA PHE F 164 38.00 -12.18 7.36
C PHE F 164 37.36 -10.85 6.94
N PHE F 165 38.17 -9.87 6.55
CA PHE F 165 37.59 -8.58 6.17
C PHE F 165 36.74 -8.65 4.92
N LYS F 166 37.11 -9.50 3.95
CA LYS F 166 36.23 -9.66 2.78
C LYS F 166 34.85 -10.13 3.22
N ALA F 167 34.81 -11.10 4.14
CA ALA F 167 33.52 -11.61 4.63
C ALA F 167 32.79 -10.55 5.46
N TYR F 168 33.53 -9.86 6.32
CA TYR F 168 32.98 -8.79 7.17
C TYR F 168 32.24 -7.74 6.34
N TYR F 169 32.84 -7.32 5.23
CA TYR F 169 32.23 -6.27 4.40
C TYR F 169 31.23 -6.78 3.37
N GLU F 170 31.37 -8.03 2.95
CA GLU F 170 30.61 -8.52 1.78
C GLU F 170 29.68 -9.72 2.03
N GLN F 171 29.92 -10.48 3.09
CA GLN F 171 29.25 -11.78 3.21
C GLN F 171 28.30 -11.90 4.40
N ASN F 172 27.54 -13.00 4.45
CA ASN F 172 26.57 -13.17 5.53
C ASN F 172 27.26 -13.64 6.81
N GLN F 173 26.53 -13.66 7.92
CA GLN F 173 27.09 -14.00 9.23
C GLN F 173 27.63 -15.43 9.33
N THR F 174 26.97 -16.38 8.66
CA THR F 174 27.50 -17.75 8.61
C THR F 174 28.93 -17.78 8.08
N GLN F 175 29.14 -17.06 6.98
CA GLN F 175 30.45 -16.98 6.33
CA GLN F 175 30.45 -17.00 6.33
C GLN F 175 31.48 -16.30 7.21
N ILE F 176 31.06 -15.22 7.88
CA ILE F 176 31.95 -14.49 8.80
C ILE F 176 32.40 -15.40 9.96
N ASP F 177 31.45 -16.12 10.54
CA ASP F 177 31.68 -16.94 11.74
C ASP F 177 32.76 -18.00 11.55
N TYR F 178 32.94 -18.46 10.30
CA TYR F 178 34.01 -19.43 9.98
C TYR F 178 35.39 -18.90 10.32
N PHE F 179 35.55 -17.57 10.32
CA PHE F 179 36.83 -16.91 10.57
C PHE F 179 37.04 -16.53 12.05
N LEU F 180 36.04 -16.79 12.89
CA LEU F 180 36.06 -16.34 14.27
C LEU F 180 36.38 -17.44 15.28
N VAL F 181 36.98 -17.04 16.40
CA VAL F 181 37.07 -17.90 17.58
C VAL F 181 35.62 -18.22 18.01
N ASP F 182 35.38 -19.43 18.50
CA ASP F 182 34.03 -19.79 18.92
C ASP F 182 33.52 -18.78 19.95
N GLY F 183 32.31 -18.27 19.70
CA GLY F 183 31.67 -17.27 20.55
C GLY F 183 32.22 -15.84 20.52
N ALA F 184 33.01 -15.47 19.52
CA ALA F 184 33.59 -14.11 19.45
C ALA F 184 32.53 -12.99 19.38
N ASP F 185 31.40 -13.27 18.73
CA ASP F 185 30.34 -12.26 18.58
C ASP F 185 30.81 -10.98 17.89
N ILE F 186 31.16 -11.13 16.62
CA ILE F 186 31.59 -10.02 15.79
C ILE F 186 30.67 -10.04 14.59
N LYS F 187 29.74 -9.09 14.55
CA LYS F 187 28.75 -8.99 13.47
C LYS F 187 29.27 -8.19 12.28
N GLY F 188 28.87 -8.62 11.09
CA GLY F 188 29.35 -8.01 9.85
C GLY F 188 28.73 -6.66 9.57
N ALA F 189 29.24 -5.99 8.55
CA ALA F 189 28.82 -4.64 8.22
C ALA F 189 27.56 -4.67 7.34
N GLY F 190 26.92 -5.82 7.24
CA GLY F 190 25.64 -5.94 6.53
C GLY F 190 25.73 -6.14 5.02
N GLN F 191 26.86 -6.67 4.55
CA GLN F 191 27.12 -6.94 3.12
C GLN F 191 26.95 -5.69 2.28
N LYS F 192 27.61 -4.63 2.72
CA LYS F 192 27.32 -3.32 2.27
C LYS F 192 28.46 -2.69 1.44
N PHE F 193 29.65 -3.29 1.44
CA PHE F 193 30.85 -2.64 0.83
C PHE F 193 31.68 -3.62 0.02
N SER F 194 32.43 -3.11 -0.94
CA SER F 194 33.40 -3.95 -1.67
C SER F 194 34.77 -3.83 -1.01
N PHE F 195 35.26 -4.92 -0.45
CA PHE F 195 36.58 -4.91 0.18
C PHE F 195 37.64 -4.74 -0.91
N ASN F 196 38.52 -3.75 -0.76
CA ASN F 196 39.59 -3.53 -1.73
C ASN F 196 40.83 -4.27 -1.27
N LYS F 197 41.51 -3.73 -0.27
CA LYS F 197 42.67 -4.42 0.23
C LYS F 197 43.14 -3.88 1.56
N ILE F 198 43.97 -4.68 2.21
CA ILE F 198 44.77 -4.20 3.32
C ILE F 198 45.85 -3.28 2.76
N ASP F 199 45.95 -2.08 3.33
CA ASP F 199 46.98 -1.11 2.90
C ASP F 199 48.24 -1.17 3.77
N ARG F 200 48.05 -1.52 5.04
CA ARG F 200 49.16 -1.66 5.98
C ARG F 200 48.73 -2.64 7.06
N ILE F 201 49.59 -3.60 7.36
CA ILE F 201 49.37 -4.50 8.48
C ILE F 201 50.66 -4.69 9.28
N ASN F 202 50.56 -4.47 10.58
CA ASN F 202 51.63 -4.82 11.49
C ASN F 202 51.14 -5.82 12.53
N ILE F 203 51.93 -6.86 12.75
CA ILE F 203 51.52 -7.93 13.64
C ILE F 203 52.48 -7.99 14.83
N TYR F 204 51.90 -8.13 16.02
CA TYR F 204 52.64 -8.21 17.27
C TYR F 204 52.33 -9.51 17.97
N LYS F 205 53.34 -10.08 18.63
CA LYS F 205 53.09 -11.28 19.42
C LYS F 205 52.69 -10.90 20.84
N LEU F 206 51.53 -11.38 21.28
CA LEU F 206 51.04 -11.09 22.64
C LEU F 206 51.38 -12.21 23.63
N SER F 207 51.36 -13.44 23.13
CA SER F 207 51.80 -14.62 23.84
C SER F 207 52.02 -15.72 22.78
N ASP F 208 52.35 -16.93 23.22
CA ASP F 208 52.71 -17.99 22.28
C ASP F 208 51.70 -18.19 21.14
N LYS F 209 50.41 -18.12 21.48
CA LYS F 209 49.35 -18.43 20.53
C LYS F 209 48.49 -17.23 20.12
N GLU F 210 48.82 -16.04 20.64
CA GLU F 210 47.96 -14.87 20.40
C GLU F 210 48.72 -13.68 19.83
N PHE F 211 48.08 -12.98 18.89
CA PHE F 211 48.71 -11.89 18.17
C PHE F 211 47.76 -10.72 18.04
N LEU F 212 48.31 -9.52 17.96
CA LEU F 212 47.54 -8.33 17.61
C LEU F 212 47.88 -7.96 16.18
N ALA F 213 46.86 -7.81 15.34
CA ALA F 213 47.08 -7.31 13.99
C ALA F 213 46.56 -5.89 13.95
N ILE F 214 47.43 -4.94 13.65
CA ILE F 214 47.00 -3.56 13.50
C ILE F 214 46.88 -3.27 12.01
N VAL F 215 45.68 -2.88 11.57
CA VAL F 215 45.34 -2.91 10.13
C VAL F 215 44.79 -1.58 9.60
N ASP F 216 45.36 -1.08 8.51
CA ASP F 216 44.69 -0.07 7.68
C ASP F 216 44.28 -0.70 6.37
N LEU F 217 43.06 -0.40 5.94
CA LEU F 217 42.49 -0.99 4.74
C LEU F 217 41.54 0.02 4.09
N ASN F 218 41.09 -0.27 2.87
CA ASN F 218 40.08 0.58 2.28
C ASN F 218 39.01 -0.27 1.62
N VAL F 219 37.81 0.28 1.50
CA VAL F 219 36.68 -0.40 0.88
C VAL F 219 35.98 0.59 -0.04
N ASP F 220 35.22 0.09 -0.99
CA ASP F 220 34.44 0.96 -1.88
C ASP F 220 32.97 1.04 -1.43
N SER F 221 32.42 2.26 -1.42
CA SER F 221 30.99 2.47 -1.24
C SER F 221 30.57 3.32 -2.42
N PHE F 222 29.66 2.80 -3.23
CA PHE F 222 29.14 3.56 -4.38
C PHE F 222 30.27 4.18 -5.22
N GLY F 223 31.34 3.41 -5.42
CA GLY F 223 32.38 3.78 -6.38
C GLY F 223 33.50 4.65 -5.84
N ASN F 224 33.45 4.96 -4.54
CA ASN F 224 34.54 5.71 -3.93
C ASN F 224 35.15 4.96 -2.76
N ALA F 225 36.46 5.07 -2.62
CA ALA F 225 37.16 4.39 -1.55
C ALA F 225 37.06 5.13 -0.23
N ILE F 226 36.89 4.35 0.84
CA ILE F 226 36.82 4.87 2.20
C ILE F 226 37.89 4.15 3.00
N LYS F 227 38.72 4.91 3.73
CA LYS F 227 39.75 4.32 4.55
C LYS F 227 39.19 3.85 5.90
N GLN F 228 39.70 2.73 6.41
CA GLN F 228 39.26 2.15 7.67
C GLN F 228 40.49 1.73 8.45
N GLY F 229 40.40 1.73 9.78
CA GLY F 229 41.53 1.30 10.62
C GLY F 229 41.02 0.45 11.76
N PHE F 230 41.67 -0.70 11.99
CA PHE F 230 41.24 -1.61 13.05
C PHE F 230 42.44 -2.22 13.79
N ASN F 231 42.18 -2.74 14.98
CA ASN F 231 43.09 -3.71 15.60
C ASN F 231 42.30 -4.97 15.90
N LEU F 232 42.92 -6.12 15.67
CA LEU F 232 42.26 -7.42 15.88
C LEU F 232 43.16 -8.31 16.67
N THR F 233 42.61 -8.97 17.70
CA THR F 233 43.32 -10.07 18.36
C THR F 233 43.05 -11.32 17.55
N VAL F 234 44.11 -12.06 17.28
CA VAL F 234 44.07 -13.25 16.45
C VAL F 234 44.66 -14.38 17.30
N VAL F 235 44.05 -15.55 17.21
CA VAL F 235 44.44 -16.69 18.03
C VAL F 235 44.78 -17.83 17.09
N GLN F 236 45.93 -18.46 17.33
CA GLN F 236 46.32 -19.66 16.63
C GLN F 236 45.65 -20.85 17.30
N GLU F 237 44.80 -21.55 16.54
CA GLU F 237 44.27 -22.86 16.95
C GLU F 237 44.59 -23.85 15.84
N GLY F 238 45.49 -24.78 16.14
CA GLY F 238 46.00 -25.70 15.13
C GLY F 238 46.78 -24.97 14.05
N ASP F 239 46.30 -25.06 12.82
CA ASP F 239 46.94 -24.40 11.67
C ASP F 239 46.10 -23.23 11.18
N LYS F 240 45.02 -22.95 11.92
CA LYS F 240 44.18 -21.79 11.65
C LYS F 240 44.58 -20.61 12.53
N PHE F 241 44.36 -19.41 12.01
CA PHE F 241 44.46 -18.19 12.81
C PHE F 241 43.10 -17.53 12.81
N LEU F 242 42.45 -17.52 13.97
CA LEU F 242 41.06 -17.10 14.08
C LEU F 242 40.91 -15.72 14.74
N VAL F 243 39.94 -14.95 14.29
CA VAL F 243 39.74 -13.61 14.82
C VAL F 243 39.00 -13.65 16.15
N LYS F 244 39.55 -12.99 17.17
CA LYS F 244 38.95 -12.95 18.51
C LYS F 244 38.24 -11.64 18.85
N THR F 245 38.87 -10.53 18.47
CA THR F 245 38.28 -9.19 18.66
C THR F 245 38.39 -8.37 17.37
N LEU F 246 37.50 -7.39 17.24
CA LEU F 246 37.59 -6.35 16.19
C LEU F 246 37.26 -5.00 16.79
N GLU F 247 38.25 -4.11 16.82
CA GLU F 247 38.08 -2.78 17.40
C GLU F 247 38.63 -1.72 16.45
N PRO F 248 38.06 -0.49 16.49
CA PRO F 248 38.71 0.60 15.78
C PRO F 248 39.99 1.02 16.53
N ARG F 249 40.70 1.99 15.96
CA ARG F 249 42.00 2.49 16.45
C ARG F 249 43.18 1.65 16.00
N THR F 250 44.22 2.34 15.57
CA THR F 250 45.48 1.71 15.19
C THR F 250 46.63 2.25 16.06
N SER F 251 46.27 3.07 17.03
CA SER F 251 47.17 3.58 18.07
C SER F 251 46.30 3.97 19.25
N ASN F 252 46.90 4.32 20.38
CA ASN F 252 46.15 4.61 21.61
C ASN F 252 45.27 3.44 22.00
N ILE F 253 45.89 2.25 21.88
CA ILE F 253 45.18 1.00 22.03
C ILE F 253 45.25 0.58 23.51
N ASP F 254 44.19 -0.06 23.97
CA ASP F 254 44.13 -0.58 25.33
C ASP F 254 43.48 -1.95 25.23
N LEU F 255 44.23 -2.97 25.62
CA LEU F 255 43.78 -4.35 25.48
C LEU F 255 43.06 -4.94 26.70
N ASN F 256 42.90 -4.15 27.77
CA ASN F 256 42.24 -4.63 29.01
C ASN F 256 40.74 -4.85 28.90
C1 PEG G . -4.28 23.59 2.29
O1 PEG G . -5.60 23.15 1.98
C2 PEG G . -3.89 23.05 3.65
O2 PEG G . -2.65 23.63 4.03
C1 PEG H . 8.66 16.12 -2.78
C2 PEG H . 7.35 16.64 -2.18
O2 PEG H . 6.24 16.20 -2.97
C3 PEG H . 5.00 16.64 -2.44
C4 PEG H . 4.15 17.30 -3.52
O4 PEG H . 4.13 18.70 -3.27
C1 PEG I . 5.09 -11.18 -23.14
O1 PEG I . 4.90 -12.57 -22.85
C2 PEG I . 6.57 -10.81 -23.03
O2 PEG I . 6.75 -9.96 -21.91
C3 PEG I . 8.10 -9.56 -21.71
C4 PEG I . 8.42 -9.55 -20.22
C1 PEG J . -2.35 15.68 14.75
O1 PEG J . -1.58 15.73 15.97
C2 PEG J . -2.65 17.12 14.32
O2 PEG J . -3.39 17.07 13.11
C1 PEG K . -11.45 17.84 15.64
O1 PEG K . -12.01 17.85 16.95
C2 PEG K . -11.09 16.41 15.22
O2 PEG K . -10.68 16.40 13.85
C3 PEG K . -9.26 16.52 13.72
C4 PEG K . -8.90 17.52 12.64
O4 PEG K . -7.64 18.11 12.96
#